data_7MN8
#
_entry.id   7MN8
#
loop_
_entity.id
_entity.type
_entity.pdbx_description
1 polymer 'Receptor tyrosine-protein kinase erbB-3'
2 polymer 'Isoform 6 of Pro-neuregulin-1, membrane-bound isoform'
3 polymer 'Receptor tyrosine-protein kinase erbB-2,Maltose/maltodextrin-binding periplasmic protein'
4 polymer 'Trastuzumab Fab Light Chain'
5 polymer 'Trastuzumab Fab Heavy Chain'
6 branched 2-acetamido-2-deoxy-beta-D-glucopyranose-(1-4)-2-acetamido-2-deoxy-beta-D-glucopyranose
7 branched alpha-D-mannopyranose-(1-3)-beta-D-mannopyranose-(1-4)-2-acetamido-2-deoxy-beta-D-glucopyranose-(1-4)-2-acetamido-2-deoxy-beta-D-glucopyranose
8 non-polymer 2-acetamido-2-deoxy-beta-D-glucopyranose
#
loop_
_entity_poly.entity_id
_entity_poly.type
_entity_poly.pdbx_seq_one_letter_code
_entity_poly.pdbx_strand_id
1 'polypeptide(L)'
;MRANDALQVLGLLFSLARGSEVGNSQAVCPGTLNGLSVTGDAENQYQTLYKLYERCEVVMGNLEIVLTGHNADLSFLQWI
REVTGYVLVAMNEFSTLPLPNLRVVRGTQVYDGKFAIFVMLNYNTNSSHALRQLRLTQLTEILSGGVYIEKNDKLCHMDT
IDWRDIVRDRDAEIVVKDNGRSCPPCHEVCKGRCWGPGSEDCQTLTKTICAPQCNGHCFGPNPNQCCHDECAGGCSGPQD
TDCFACRHFNDSGACVPRCPQPLVYNKLTFQLEPNPHTKYQYGGVCVASCPHNFVVDQTSCVRACPPDKMEVDKNGLKMC
EPCGGLCPKACEGTGSGSRFQTVDSSNIDGFVNCTKILGNLDFLITGLNGDPWHKIPALDPEKLNVFRTVREITGYLNIQ
SWPPHMHNFSVFSNLTTIGGRSLYNRGFSLLIMKNLNVTSLGFRSLKEISAGRIYISANRQLCYHHSLNWTKVLRGPTEE
RLDIKHNRPRRDCVAEGKVCDPLCSSGGCWGPGPGQCLSCRNYSRGGVCVTHCNFLNGEPREFAHEAECFSCHPECQPME
GTATCNGSGSDTCAQCAHFRDGPHCVSSCPHGVLGAKGPIYKYPDVQNECRPCHENCTQGCKGPELQDCLGQTLVLIGKT
HLTMALTVIAGLVVIFMMLGGTFLYWRGRRIQNKRAMRRYLERGESIEPLDPSEKANKVLARIFKETELRKLKVLGSGVF
GTVHKGVWIPEGESIKIPVCIKVIEDKSGRQSFQAVTDHMLAIGSLDHAHIVRLLGLCPGSSLQLVTQYLPLGSLLDHVR
QHRGALGPRLLLNWGVQIAKGMYYLEEHGMVHRNLAARNVLLKSPSQVQVADFGVADLLPPDDKQLLYSEAKTPIKWMAL
ESIHFGKYTHQSDVWSYGVTVWELMTFGAEPYAGLRLAEVPDLLEKGGRLAQPQICTIDVYMVMVKCWMIDENIRPTFKE
LANEFTRMARDPPRYLVIKRESGPGIAPGPEPHGLTNKKLEEVELEPELDLDLDLEAEEDNGGSLEVLFQGPSSPSAWSH
PQFEKGGGSGGGSGGSSAWSHPQFEK
;
A
2 'polypeptide(L)'
;GPSHLVKCAEKEKTFCVNGGECFMVKDLSNPSRYLCKCPNEFTGDRCQNYVMASFYKHLGIEGSGSGSDYKDDDDKAAAL
EHHHHHH
;
H
3 'polypeptide(L)'
;MELAALCRWGLLLALLPPGAASTQVCTGTDMKLRLPASPETHLDMLRHLYQGCQVVQGNLELTYLPTNASLSFLQDIQEV
QGYVLIAHNQVRQVPLQRLRIVRGTQLFEDNYALAVLDNGDPLNNTTPVTGASPGGLRELQLRSLTEILKGGVLIQRNPQ
LCYQDTILWKDIFHKNNQLALTLIDTNRSRACHPCSPMCKGSRCWGESSEDCQSLTRTVCAGGCARCKGPLPTDCCHEQC
AAGCTGPKHSDCLACLHFNHSGICELHCPALVTYNTDTFESMPNPEGRYTFGASCVTACPYNYLSTDVGFCTLVCPLHNQ
EVTAEDGTQRCEKCSKPCARVCYGLGMEHLREVRAVTSANIQEFAGCKKIFGSLAFLPESFDGDPASNTAPLQPEQLQVF
ETLEEITGYLYISAWPDSLPDLSVFQNLQVIRGRILHNGAYSLTLQGLGISWLGLRSLRELGSGLALIHHNTHLCFVHTV
PWDQLFRNPHQALLHTANRPEDECVGEGLACHQLCARGHCWGPGPTQCVNCSQFLRGQECVEECRVLQGLPREYVNARHC
LPCHPECQPQNGSVTCFGPEADQCVACAHYKDPPFCVARCPSGVKPDLSYMPIWKFPDEEGACQPCPINCTHSCVDLDDK
GCPAEQRASPLTSIISAVVGILLVVVLGVVFGILIKRRQQKIRKYTMRRLLQETELVEPLTPSGAMPNQAQMRILKETEL
RKVKVLGSGAFGTVYKGIWIPDGENVKIPVAIKVLRENTSPKANKEILDEAYVMAGVDSPYVSRLLGICLTSTVQLVTQL
MPYGCLLDHVRENRGRLGSQDLLNWCMQIAKGMSYLEDVRLVHRDLAARNVLVKSPNHVKITDFGLARLLDIDETEYHAD
GGKVPIKWMALESILRRRFTHQSDVWSYGVTVWELMTFGAKPYDGIPAREIPDLLEKGERLPQPPICTIDVYMIMVKCWM
IDSECRPRFRELVSEFSRMARDPQRFVVIQNEDLGPASPLDSTFYRSLLEDDDMGDLVDAEEYLVPQQGGGSLEVLFQGP
SSPSGSSMKIEEGKLVIWINGDKGYNGLAEVGKKFEKDTGIKVTVEHPDKLEEKFPQVAATGDGPDIIFWAHDRFGGYAQ
SGLLAEITPDKAFQDKLYPFTWDAVRYNGKLIAYPIAVEALSLIYNKDLLPNPPKTWEEIPALDKELKAKGKSALMFNLQ
EPYFTWPLIAADGGYAFKYENGKYDIKDVGVDNAGAKAGLTFLVDLIKNKHMNADTDYSIAEAAFNKGETAMTINGPWAW
SNIDTSKVNYGVTVLPTFKGQPSKPFVGVLSAGINAASPNKELAKEFLENYLLTDEGLEAVNKDKPLGAVALKSYEEELA
KDPRIAATMENAQKGEIMPNIPQMSAFWYAVRTAVINAASGRQTVDEALKDAQTNSSSSGPSSPSAWSHPQFEKGGGSGG
GSGGSSAWSHPQFEK
;
B
4 'polypeptide(L)'
;DIQMTQSPSSLSASVGDRVTITCRASQDVNTAVAWYQQKPGKAPKLLIYSASFLYSGVPSRFSGSRSGTDFTLTISSLQP
EDFATYYCQQHYTTPPTFGQGTKVEIKRTVAAPSVFIFPPSDEQLKSGTASVVCLLNNFYPREAKVQWKVDNALQSGNSQ
ESVTEQDSKDSTYSLSSTLTLSKADYEKHKVYACEVTHQGLSSPVTKSFNRGECGGSDYKDDDDK
;
C
5 'polypeptide(L)'
;EVQLVESGGGLVQPGGSLRLSCAASGFNIKDTYIHWVRQAPGKGLEWVARIYPTNGYTRYADSVKGRFTISADTSKNTAY
LQMNSLRAEDTAVYYCSRWGGDGFYAMDYWGQGTLVTVSSASTKGPSVFPLAPSSKSTSGGTAALGCLVKDYFPEPVTVS
WNSGALTSGVHTFPAVLQSSGLYSLSSVVTVPSSSLGTQTYICNVNHKPSNTKVDKKVEPKSCDKTHTGGSHHHHHH
;
D
#
loop_
_chem_comp.id
_chem_comp.type
_chem_comp.name
_chem_comp.formula
BMA D-saccharide, beta linking beta-D-mannopyranose 'C6 H12 O6'
MAN D-saccharide, alpha linking alpha-D-mannopyranose 'C6 H12 O6'
NAG D-saccharide, beta linking 2-acetamido-2-deoxy-beta-D-glucopyranose 'C8 H15 N O6'
#
# COMPACT_ATOMS: atom_id res chain seq x y z
N VAL A 28 31.42 10.51 20.42
CA VAL A 28 30.54 10.24 19.29
C VAL A 28 30.58 11.41 18.32
N CYS A 29 30.68 11.10 17.03
CA CYS A 29 30.76 12.13 16.00
C CYS A 29 30.14 11.64 14.71
N PRO A 30 29.67 12.57 13.87
CA PRO A 30 29.33 12.39 12.48
C PRO A 30 30.53 11.92 11.71
N GLY A 31 30.33 11.04 10.75
CA GLY A 31 31.44 10.59 9.92
C GLY A 31 31.49 11.41 8.65
N THR A 32 32.20 10.91 7.65
CA THR A 32 32.33 11.66 6.41
C THR A 32 31.83 10.85 5.23
N LEU A 33 31.67 11.52 4.10
CA LEU A 33 31.28 10.84 2.87
C LEU A 33 31.85 11.51 1.64
N ASN A 34 33.17 11.62 1.56
CA ASN A 34 33.81 12.28 0.42
C ASN A 34 34.46 11.28 -0.54
N GLY A 35 34.39 10.00 -0.22
CA GLY A 35 35.07 9.01 -1.03
C GLY A 35 36.57 9.22 -0.94
N LEU A 36 37.21 9.36 -2.09
CA LEU A 36 38.65 9.56 -2.09
C LEU A 36 39.04 11.03 -2.21
N SER A 37 38.04 11.89 -2.40
CA SER A 37 38.31 13.31 -2.62
C SER A 37 38.71 14.00 -1.33
N VAL A 38 39.45 15.09 -1.47
CA VAL A 38 39.94 15.82 -0.30
C VAL A 38 39.70 17.33 -0.44
N THR A 39 39.76 18.04 0.68
CA THR A 39 39.60 19.50 0.67
C THR A 39 40.88 20.20 1.08
N GLY A 40 41.34 21.12 0.23
CA GLY A 40 42.52 21.91 0.52
C GLY A 40 43.79 21.08 0.38
N ASP A 41 44.88 21.57 0.96
CA ASP A 41 46.15 20.89 0.90
C ASP A 41 46.29 19.86 2.02
N ALA A 42 47.48 19.26 2.15
CA ALA A 42 47.67 18.19 3.11
C ALA A 42 47.37 18.64 4.53
N GLU A 43 47.73 19.89 4.85
CA GLU A 43 47.54 20.36 6.20
C GLU A 43 46.08 20.61 6.47
N ASN A 44 45.39 21.20 5.49
CA ASN A 44 43.99 21.49 5.65
C ASN A 44 43.22 20.19 5.85
N GLN A 45 43.59 19.18 5.09
CA GLN A 45 42.93 17.90 5.18
C GLN A 45 43.21 17.25 6.52
N TYR A 46 44.45 17.36 7.01
CA TYR A 46 44.79 16.83 8.31
C TYR A 46 44.00 17.51 9.41
N GLN A 47 43.96 18.83 9.38
CA GLN A 47 43.29 19.57 10.44
C GLN A 47 41.82 19.25 10.44
N THR A 48 41.26 19.04 9.25
CA THR A 48 39.87 18.66 9.14
C THR A 48 39.64 17.31 9.80
N LEU A 49 40.52 16.35 9.50
CA LEU A 49 40.42 15.04 10.11
C LEU A 49 40.56 15.15 11.62
N TYR A 50 41.51 15.96 12.05
CA TYR A 50 41.77 16.10 13.47
C TYR A 50 40.56 16.62 14.20
N LYS A 51 40.01 17.72 13.72
CA LYS A 51 38.95 18.39 14.44
C LYS A 51 37.73 17.49 14.56
N LEU A 52 37.43 16.75 13.49
CA LEU A 52 36.24 15.93 13.48
C LEU A 52 36.35 14.77 14.43
N TYR A 53 37.50 14.12 14.46
CA TYR A 53 37.66 12.91 15.27
C TYR A 53 38.48 13.13 16.53
N GLU A 54 38.71 14.38 16.89
CA GLU A 54 39.61 14.69 17.98
C GLU A 54 39.31 13.85 19.23
N ARG A 55 38.04 13.75 19.60
CA ARG A 55 37.68 12.90 20.73
C ARG A 55 36.50 12.02 20.40
N CYS A 56 36.48 11.48 19.18
CA CYS A 56 35.33 10.71 18.72
C CYS A 56 35.49 9.23 19.02
N GLU A 57 34.47 8.66 19.64
CA GLU A 57 34.50 7.23 19.96
C GLU A 57 33.70 6.42 18.94
N VAL A 58 32.59 6.97 18.49
CA VAL A 58 31.73 6.27 17.56
C VAL A 58 31.47 7.10 16.32
N VAL A 59 31.85 6.56 15.17
CA VAL A 59 31.72 7.31 13.93
C VAL A 59 30.38 7.03 13.24
N MET A 60 29.53 8.03 13.21
CA MET A 60 28.23 7.93 12.59
C MET A 60 28.39 8.25 11.12
N GLY A 61 29.09 7.38 10.44
CA GLY A 61 29.41 7.54 9.03
C GLY A 61 30.69 6.78 8.72
N ASN A 62 31.38 7.19 7.68
CA ASN A 62 32.55 6.46 7.25
C ASN A 62 33.80 7.11 7.83
N LEU A 63 34.87 6.34 7.94
CA LEU A 63 36.14 6.90 8.35
C LEU A 63 37.05 6.98 7.14
N GLU A 64 37.30 8.18 6.66
CA GLU A 64 38.02 8.34 5.40
C GLU A 64 39.33 9.10 5.56
N ILE A 65 40.45 8.40 5.33
CA ILE A 65 41.78 8.97 5.47
C ILE A 65 42.50 8.88 4.13
N VAL A 66 42.57 9.99 3.42
CA VAL A 66 43.13 9.96 2.08
C VAL A 66 44.13 11.10 1.86
N LEU A 67 45.26 10.76 1.24
CA LEU A 67 46.33 11.72 0.95
C LEU A 67 46.87 12.41 2.21
N THR A 68 46.97 11.68 3.31
CA THR A 68 47.59 12.17 4.54
C THR A 68 49.11 12.04 4.50
N GLY A 69 49.81 13.08 4.94
CA GLY A 69 51.28 13.07 4.89
C GLY A 69 51.88 12.28 6.05
N HIS A 70 53.19 12.03 5.98
CA HIS A 70 53.89 11.21 6.97
C HIS A 70 54.17 11.98 8.24
N ASN A 71 53.97 13.28 8.19
CA ASN A 71 54.21 14.11 9.35
C ASN A 71 52.93 14.29 10.16
N ALA A 72 51.86 13.61 9.74
CA ALA A 72 50.59 13.72 10.43
C ALA A 72 50.62 12.93 11.73
N ASP A 73 50.15 13.55 12.80
CA ASP A 73 49.94 12.85 14.06
C ASP A 73 48.50 12.36 14.16
N LEU A 74 48.32 11.06 13.96
CA LEU A 74 46.99 10.50 13.88
C LEU A 74 46.59 9.81 15.18
N SER A 75 47.33 10.11 16.25
CA SER A 75 47.09 9.43 17.53
C SER A 75 45.74 9.81 18.11
N PHE A 76 45.13 10.84 17.55
CA PHE A 76 43.85 11.32 18.03
C PHE A 76 42.74 10.33 17.65
N LEU A 77 43.05 9.40 16.76
CA LEU A 77 42.08 8.43 16.31
C LEU A 77 42.03 7.25 17.26
N GLN A 78 42.86 7.29 18.28
CA GLN A 78 43.02 6.21 19.23
C GLN A 78 41.74 5.92 19.99
N TRP A 79 40.82 6.87 20.02
CA TRP A 79 39.62 6.70 20.81
C TRP A 79 38.48 6.08 20.03
N ILE A 80 38.66 5.87 18.74
CA ILE A 80 37.58 5.31 17.95
C ILE A 80 37.38 3.85 18.30
N ARG A 81 36.15 3.50 18.63
CA ARG A 81 35.79 2.16 19.06
C ARG A 81 34.90 1.49 18.03
N GLU A 82 34.08 2.29 17.36
CA GLU A 82 33.11 1.75 16.42
C GLU A 82 32.97 2.63 15.20
N VAL A 83 32.84 1.99 14.05
CA VAL A 83 32.60 2.68 12.79
C VAL A 83 31.30 2.20 12.19
N THR A 84 30.39 3.12 11.92
CA THR A 84 29.08 2.75 11.40
C THR A 84 29.17 2.31 9.95
N GLY A 85 29.92 3.04 9.15
CA GLY A 85 30.06 2.75 7.74
C GLY A 85 31.32 1.95 7.46
N TYR A 86 32.04 2.34 6.43
CA TYR A 86 33.24 1.66 5.99
C TYR A 86 34.47 2.43 6.41
N VAL A 87 35.60 1.74 6.40
CA VAL A 87 36.87 2.37 6.71
C VAL A 87 37.69 2.46 5.44
N LEU A 88 37.97 3.67 5.00
CA LEU A 88 38.65 3.89 3.74
C LEU A 88 39.97 4.60 3.93
N VAL A 89 41.05 3.87 3.75
CA VAL A 89 42.38 4.43 3.89
C VAL A 89 43.12 4.23 2.58
N ALA A 90 43.53 5.33 1.95
CA ALA A 90 44.14 5.19 0.64
C ALA A 90 45.07 6.32 0.31
N MET A 91 46.03 6.01 -0.55
CA MET A 91 46.93 6.96 -1.16
C MET A 91 47.53 7.92 -0.15
N ASN A 92 48.10 7.38 0.90
CA ASN A 92 48.70 8.20 1.92
C ASN A 92 49.96 7.53 2.42
N GLU A 93 50.77 8.27 3.16
CA GLU A 93 51.98 7.68 3.67
C GLU A 93 52.22 8.00 5.12
N PHE A 94 52.09 6.99 5.96
CA PHE A 94 52.42 7.11 7.36
C PHE A 94 52.68 5.72 7.89
N SER A 95 53.53 5.61 8.90
CA SER A 95 53.96 4.28 9.30
C SER A 95 52.85 3.40 9.82
N THR A 96 51.99 3.93 10.66
CA THR A 96 50.95 3.09 11.23
C THR A 96 49.59 3.75 11.21
N LEU A 97 48.56 2.92 11.25
CA LEU A 97 47.20 3.40 11.39
C LEU A 97 46.69 3.12 12.80
N PRO A 98 46.74 4.12 13.66
CA PRO A 98 46.55 4.05 15.09
C PRO A 98 45.09 3.93 15.49
N LEU A 99 44.53 2.75 15.27
CA LEU A 99 43.15 2.48 15.69
C LEU A 99 43.08 1.22 16.55
N PRO A 100 43.84 1.21 17.65
CA PRO A 100 44.05 0.12 18.57
C PRO A 100 42.79 -0.28 19.32
N ASN A 101 41.82 0.61 19.37
CA ASN A 101 40.61 0.35 20.13
C ASN A 101 39.40 0.11 19.25
N LEU A 102 39.62 -0.02 17.95
CA LEU A 102 38.51 -0.27 17.05
C LEU A 102 38.11 -1.72 17.11
N ARG A 103 36.86 -1.97 17.49
CA ARG A 103 36.40 -3.32 17.68
C ARG A 103 35.34 -3.74 16.66
N VAL A 104 34.42 -2.83 16.35
CA VAL A 104 33.34 -3.19 15.46
C VAL A 104 33.17 -2.23 14.30
N VAL A 105 33.08 -2.79 13.11
CA VAL A 105 32.78 -2.05 11.90
C VAL A 105 31.46 -2.56 11.37
N ARG A 106 30.44 -1.71 11.34
CA ARG A 106 29.10 -2.16 11.03
C ARG A 106 28.86 -2.35 9.55
N GLY A 107 29.53 -1.56 8.71
CA GLY A 107 29.41 -1.75 7.27
C GLY A 107 28.02 -1.37 6.76
N THR A 108 27.40 -0.36 7.36
CA THR A 108 26.06 0.04 6.93
C THR A 108 26.17 0.71 5.58
N GLN A 109 27.39 1.14 5.30
CA GLN A 109 27.78 1.69 4.03
C GLN A 109 28.99 0.93 3.56
N VAL A 110 28.98 0.52 2.30
CA VAL A 110 30.07 -0.30 1.80
C VAL A 110 30.70 0.34 0.59
N TYR A 111 32.01 0.54 0.64
CA TYR A 111 32.68 1.21 -0.45
C TYR A 111 32.76 0.25 -1.63
N ASP A 112 32.42 0.75 -2.81
CA ASP A 112 32.38 -0.06 -4.02
C ASP A 112 31.28 -1.10 -3.91
N GLY A 113 30.51 -1.04 -2.84
CA GLY A 113 29.41 -1.97 -2.64
C GLY A 113 29.92 -3.35 -2.30
N LYS A 114 31.21 -3.47 -2.03
CA LYS A 114 31.80 -4.78 -1.78
C LYS A 114 32.52 -4.93 -0.44
N PHE A 115 33.32 -3.95 -0.06
CA PHE A 115 34.16 -4.18 1.10
C PHE A 115 33.99 -3.11 2.17
N ALA A 116 34.06 -3.54 3.42
CA ALA A 116 33.89 -2.66 4.55
C ALA A 116 35.17 -1.93 4.83
N ILE A 117 36.29 -2.61 4.58
CA ILE A 117 37.61 -2.03 4.81
C ILE A 117 38.41 -1.93 3.52
N PHE A 118 38.87 -0.73 3.20
CA PHE A 118 39.77 -0.52 2.06
C PHE A 118 41.13 -0.01 2.48
N VAL A 119 42.17 -0.67 1.99
CA VAL A 119 43.53 -0.19 2.16
C VAL A 119 44.22 -0.18 0.81
N MET A 120 44.36 0.99 0.21
CA MET A 120 44.90 1.03 -1.14
C MET A 120 46.06 1.99 -1.30
N LEU A 121 47.08 1.55 -2.02
CA LEU A 121 48.14 2.43 -2.50
C LEU A 121 48.74 3.26 -1.40
N ASN A 122 48.90 2.70 -0.22
CA ASN A 122 49.40 3.48 0.90
C ASN A 122 50.91 3.50 0.91
N TYR A 123 51.48 4.00 -0.19
CA TYR A 123 52.92 4.16 -0.29
C TYR A 123 53.25 5.20 -1.34
N ASN A 124 54.39 5.84 -1.19
CA ASN A 124 54.89 6.77 -2.19
C ASN A 124 55.62 5.99 -3.27
N THR A 125 55.54 6.46 -4.49
CA THR A 125 56.16 5.76 -5.60
C THR A 125 57.68 5.87 -5.53
N ASN A 126 58.18 6.78 -4.72
CA ASN A 126 59.62 6.91 -4.53
C ASN A 126 60.12 6.05 -3.37
N SER A 127 59.21 5.26 -2.81
CA SER A 127 59.55 4.30 -1.75
C SER A 127 60.12 4.93 -0.49
N SER A 128 60.02 6.26 -0.36
CA SER A 128 60.56 6.92 0.83
C SER A 128 59.70 6.70 2.06
N HIS A 129 58.39 6.59 1.86
CA HIS A 129 57.45 6.42 2.97
C HIS A 129 56.36 5.45 2.59
N ALA A 130 55.89 4.66 3.54
CA ALA A 130 54.80 3.72 3.27
C ALA A 130 54.12 3.28 4.55
N LEU A 131 52.91 2.78 4.42
CA LEU A 131 52.19 2.18 5.53
C LEU A 131 52.81 0.83 5.84
N ARG A 132 53.10 0.59 7.12
CA ARG A 132 53.75 -0.66 7.49
C ARG A 132 52.83 -1.55 8.32
N GLN A 133 52.05 -0.94 9.23
CA GLN A 133 51.20 -1.72 10.10
C GLN A 133 49.81 -1.11 10.27
N LEU A 134 48.81 -1.97 10.46
CA LEU A 134 47.47 -1.50 10.81
C LEU A 134 47.23 -1.56 12.32
N ARG A 135 47.82 -2.54 12.99
CA ARG A 135 47.67 -2.65 14.44
C ARG A 135 46.22 -2.58 14.93
N LEU A 136 45.30 -3.21 14.21
CA LEU A 136 43.93 -3.23 14.68
C LEU A 136 43.76 -4.40 15.61
N THR A 137 44.45 -4.34 16.73
CA THR A 137 44.61 -5.49 17.61
C THR A 137 43.34 -5.83 18.36
N GLN A 138 42.38 -4.93 18.36
CA GLN A 138 41.13 -5.20 19.04
C GLN A 138 40.00 -5.43 18.07
N LEU A 139 40.30 -5.42 16.77
CA LEU A 139 39.24 -5.61 15.81
C LEU A 139 38.69 -7.01 15.95
N THR A 140 37.40 -7.10 16.18
CA THR A 140 36.78 -8.37 16.47
C THR A 140 35.78 -8.76 15.40
N GLU A 141 34.96 -7.81 14.99
CA GLU A 141 33.92 -8.17 14.05
C GLU A 141 33.56 -7.08 13.06
N ILE A 142 33.32 -7.52 11.83
CA ILE A 142 32.75 -6.71 10.77
C ILE A 142 31.38 -7.30 10.44
N LEU A 143 30.34 -6.54 10.72
CA LEU A 143 29.00 -7.10 10.63
C LEU A 143 28.53 -7.24 9.20
N SER A 144 29.09 -6.45 8.31
CA SER A 144 28.72 -6.51 6.90
C SER A 144 29.84 -6.02 6.01
N GLY A 145 30.00 -6.68 4.86
CA GLY A 145 31.02 -6.30 3.90
C GLY A 145 32.28 -7.14 4.07
N GLY A 146 33.15 -7.10 3.07
CA GLY A 146 34.41 -7.82 3.13
C GLY A 146 35.57 -6.90 3.42
N VAL A 147 36.76 -7.35 3.06
CA VAL A 147 37.99 -6.62 3.31
C VAL A 147 38.83 -6.54 2.05
N TYR A 148 39.28 -5.35 1.69
CA TYR A 148 40.10 -5.19 0.48
C TYR A 148 41.42 -4.49 0.75
N ILE A 149 42.49 -5.26 0.79
CA ILE A 149 43.82 -4.74 1.05
C ILE A 149 44.74 -5.04 -0.15
N GLU A 150 45.11 -4.01 -0.89
CA GLU A 150 45.79 -4.22 -2.17
C GLU A 150 46.78 -3.10 -2.49
N LYS A 151 47.82 -3.45 -3.25
CA LYS A 151 48.86 -2.50 -3.64
C LYS A 151 49.42 -1.73 -2.45
N ASN A 152 50.07 -2.43 -1.54
CA ASN A 152 50.75 -1.79 -0.42
C ASN A 152 52.13 -2.39 -0.27
N ASP A 153 53.11 -1.74 -0.87
CA ASP A 153 54.41 -2.32 -1.11
C ASP A 153 55.13 -2.74 0.15
N LYS A 154 54.93 -2.00 1.23
CA LYS A 154 55.59 -2.32 2.48
C LYS A 154 54.63 -2.65 3.60
N LEU A 155 53.39 -3.00 3.27
CA LEU A 155 52.43 -3.30 4.33
C LEU A 155 52.53 -4.74 4.76
N CYS A 156 52.91 -4.96 6.01
CA CYS A 156 53.25 -6.28 6.52
C CYS A 156 52.13 -6.87 7.37
N HIS A 157 52.15 -8.19 7.51
CA HIS A 157 51.27 -8.88 8.43
C HIS A 157 49.80 -8.73 8.05
N MET A 158 49.52 -8.77 6.75
CA MET A 158 48.15 -8.70 6.29
C MET A 158 47.62 -10.09 6.04
N ASP A 159 48.53 -11.01 5.72
CA ASP A 159 48.21 -12.39 5.46
C ASP A 159 48.45 -13.23 6.71
N THR A 160 48.65 -12.53 7.82
CA THR A 160 48.83 -13.13 9.12
C THR A 160 47.58 -12.92 9.96
N ILE A 161 46.52 -12.51 9.29
CA ILE A 161 45.24 -12.29 9.94
C ILE A 161 44.20 -13.28 9.47
N ASP A 162 43.55 -13.94 10.42
CA ASP A 162 42.52 -14.88 10.05
C ASP A 162 41.26 -14.08 9.84
N TRP A 163 41.15 -13.51 8.66
CA TRP A 163 40.10 -12.54 8.37
C TRP A 163 38.72 -13.11 8.52
N ARG A 164 38.58 -14.42 8.36
CA ARG A 164 37.26 -15.03 8.48
C ARG A 164 36.83 -15.11 9.94
N ASP A 165 37.75 -14.83 10.86
CA ASP A 165 37.43 -14.77 12.28
C ASP A 165 36.73 -13.45 12.55
N ILE A 166 36.96 -12.47 11.68
CA ILE A 166 36.50 -11.11 11.89
C ILE A 166 35.24 -10.84 11.08
N VAL A 167 35.28 -11.22 9.80
CA VAL A 167 34.16 -10.96 8.92
C VAL A 167 33.00 -11.89 9.26
N ARG A 168 31.83 -11.31 9.50
CA ARG A 168 30.67 -12.09 9.88
C ARG A 168 30.02 -12.76 8.68
N ASP A 169 30.07 -12.08 7.55
CA ASP A 169 29.43 -12.58 6.35
C ASP A 169 30.34 -13.56 5.63
N ARG A 170 29.98 -14.84 5.65
CA ARG A 170 30.85 -15.88 5.11
C ARG A 170 30.92 -15.77 3.61
N ASP A 171 30.00 -15.04 3.02
CA ASP A 171 29.92 -14.92 1.58
C ASP A 171 30.61 -13.65 1.09
N ALA A 172 31.17 -12.89 2.01
CA ALA A 172 31.85 -11.67 1.66
C ALA A 172 33.20 -11.99 1.05
N GLU A 173 33.62 -11.19 0.10
CA GLU A 173 34.92 -11.38 -0.49
C GLU A 173 36.01 -10.78 0.37
N ILE A 174 37.12 -11.50 0.48
CA ILE A 174 38.27 -11.00 1.21
C ILE A 174 39.47 -11.00 0.29
N VAL A 175 40.06 -9.84 0.09
CA VAL A 175 41.19 -9.72 -0.81
C VAL A 175 42.42 -9.25 -0.09
N VAL A 176 43.40 -10.12 0.02
CA VAL A 176 44.69 -9.72 0.55
C VAL A 176 45.76 -10.23 -0.38
N LYS A 177 46.29 -9.35 -1.22
CA LYS A 177 47.23 -9.78 -2.25
C LYS A 177 48.59 -9.09 -2.16
N ASP A 178 48.75 -8.00 -2.91
CA ASP A 178 50.05 -7.37 -3.08
C ASP A 178 50.39 -6.53 -1.87
N ASN A 179 50.82 -7.18 -0.79
CA ASN A 179 51.09 -6.51 0.47
C ASN A 179 52.39 -6.99 1.11
N GLY A 180 53.46 -6.25 0.87
CA GLY A 180 54.78 -6.58 1.43
C GLY A 180 55.53 -7.61 0.59
N ARG A 181 56.84 -7.72 0.84
CA ARG A 181 57.70 -8.71 0.18
C ARG A 181 58.69 -9.32 1.14
N SER A 182 59.36 -8.48 1.92
CA SER A 182 60.44 -8.91 2.79
C SER A 182 60.02 -8.83 4.25
N CYS A 183 58.72 -8.79 4.46
CA CYS A 183 58.15 -8.64 5.78
C CYS A 183 58.55 -9.79 6.70
N PRO A 184 58.79 -9.48 7.97
CA PRO A 184 59.15 -10.37 9.05
C PRO A 184 57.97 -11.23 9.46
N PRO A 185 58.26 -12.31 10.18
CA PRO A 185 57.33 -13.21 10.82
C PRO A 185 56.74 -12.59 12.07
N CYS A 186 55.61 -13.13 12.51
CA CYS A 186 55.01 -12.71 13.76
C CYS A 186 55.85 -13.17 14.93
N HIS A 187 55.69 -12.50 16.07
CA HIS A 187 56.34 -12.96 17.29
C HIS A 187 55.87 -14.36 17.58
N GLU A 188 56.76 -15.21 18.07
CA GLU A 188 56.42 -16.62 18.23
C GLU A 188 55.22 -16.82 19.14
N VAL A 189 54.97 -15.89 20.04
CA VAL A 189 53.86 -16.07 20.97
C VAL A 189 52.52 -15.84 20.27
N CYS A 190 52.59 -15.28 19.07
CA CYS A 190 51.41 -14.96 18.28
C CYS A 190 50.88 -16.20 17.58
N LYS A 191 51.66 -17.27 17.59
CA LYS A 191 51.23 -18.49 16.95
C LYS A 191 50.86 -18.26 15.48
N GLY A 192 51.61 -17.41 14.80
CA GLY A 192 51.42 -17.19 13.38
C GLY A 192 50.34 -16.15 13.01
N ARG A 193 49.72 -15.53 14.01
CA ARG A 193 48.69 -14.52 13.71
C ARG A 193 48.90 -13.21 14.45
N CYS A 194 49.11 -12.14 13.69
CA CYS A 194 49.44 -10.85 14.27
C CYS A 194 49.09 -9.68 13.33
N TRP A 195 49.01 -8.48 13.92
CA TRP A 195 48.77 -7.23 13.22
C TRP A 195 50.05 -6.45 13.07
N GLY A 196 51.14 -7.07 13.52
CA GLY A 196 52.45 -6.44 13.59
C GLY A 196 53.45 -7.40 14.21
N PRO A 197 54.72 -7.01 14.20
CA PRO A 197 55.88 -7.77 14.64
C PRO A 197 56.01 -7.94 16.16
N GLY A 198 55.29 -7.15 16.94
CA GLY A 198 55.45 -7.22 18.39
C GLY A 198 54.55 -8.27 19.02
N SER A 199 54.80 -8.60 20.28
CA SER A 199 53.94 -9.57 20.98
C SER A 199 52.62 -8.90 21.31
N GLU A 200 52.67 -7.59 21.39
CA GLU A 200 51.49 -6.78 21.66
C GLU A 200 50.59 -6.73 20.44
N ASP A 201 51.09 -7.21 19.31
CA ASP A 201 50.38 -7.14 18.06
C ASP A 201 49.67 -8.45 17.75
N CYS A 202 49.77 -9.43 18.64
CA CYS A 202 49.22 -10.74 18.35
C CYS A 202 47.71 -10.65 18.18
N GLN A 203 47.18 -11.37 17.20
CA GLN A 203 45.75 -11.41 16.96
C GLN A 203 45.04 -12.29 17.96
N THR A 204 43.91 -11.80 18.47
CA THR A 204 43.08 -12.61 19.32
C THR A 204 41.92 -13.17 18.52
N LEU A 205 41.78 -14.48 18.55
CA LEU A 205 40.67 -15.12 17.85
C LEU A 205 39.48 -15.24 18.78
N THR A 206 38.30 -14.99 18.26
CA THR A 206 37.09 -15.03 19.07
C THR A 206 36.00 -15.95 18.53
N LYS A 207 36.12 -16.37 17.28
CA LYS A 207 35.06 -17.17 16.66
C LYS A 207 35.54 -18.54 16.22
N THR A 208 36.70 -18.58 15.58
CA THR A 208 37.20 -19.78 14.94
C THR A 208 37.72 -20.75 15.97
N ILE A 209 37.74 -20.32 17.22
CA ILE A 209 38.20 -21.14 18.32
C ILE A 209 37.07 -21.50 19.30
N CYS A 210 35.83 -21.22 18.90
CA CYS A 210 34.68 -21.45 19.77
C CYS A 210 34.22 -22.90 19.76
N ALA A 211 33.53 -23.28 20.83
CA ALA A 211 32.84 -24.57 20.89
C ALA A 211 31.78 -24.62 19.80
N PRO A 212 31.53 -25.80 19.24
CA PRO A 212 30.54 -26.09 18.22
C PRO A 212 29.16 -25.56 18.58
N GLN A 213 28.89 -25.45 19.86
CA GLN A 213 27.58 -25.04 20.36
C GLN A 213 27.35 -23.54 20.28
N CYS A 214 28.41 -22.78 20.01
CA CYS A 214 28.35 -21.32 20.09
C CYS A 214 27.78 -20.71 18.81
N ASN A 215 28.39 -21.01 17.68
CA ASN A 215 27.99 -20.37 16.43
C ASN A 215 28.03 -18.84 16.58
N GLY A 216 29.13 -18.35 17.12
CA GLY A 216 29.27 -16.93 17.39
C GLY A 216 30.63 -16.66 18.03
N HIS A 217 30.77 -15.49 18.64
CA HIS A 217 32.03 -15.13 19.28
C HIS A 217 32.02 -15.62 20.70
N CYS A 218 33.19 -15.90 21.25
CA CYS A 218 33.32 -16.38 22.60
C CYS A 218 34.24 -15.52 23.43
N PHE A 219 34.22 -15.74 24.74
CA PHE A 219 35.19 -15.14 25.63
C PHE A 219 35.94 -16.26 26.36
N GLY A 220 35.94 -17.43 25.72
CA GLY A 220 36.63 -18.63 26.21
C GLY A 220 36.20 -19.86 25.39
N PRO A 221 36.99 -20.93 25.44
CA PRO A 221 36.87 -22.16 24.65
C PRO A 221 35.68 -23.03 25.06
N ASN A 222 35.16 -22.79 26.26
CA ASN A 222 34.10 -23.61 26.81
C ASN A 222 32.76 -23.32 26.14
N PRO A 223 31.91 -24.32 25.98
CA PRO A 223 30.54 -24.24 25.53
C PRO A 223 29.76 -23.21 26.35
N ASN A 224 30.17 -23.01 27.60
CA ASN A 224 29.49 -22.08 28.48
C ASN A 224 30.11 -20.69 28.45
N GLN A 225 31.02 -20.45 27.51
CA GLN A 225 31.68 -19.15 27.40
C GLN A 225 31.42 -18.47 26.06
N CYS A 226 30.25 -18.71 25.49
CA CYS A 226 29.85 -18.10 24.25
C CYS A 226 29.14 -16.77 24.51
N CYS A 227 29.40 -15.79 23.67
CA CYS A 227 28.76 -14.49 23.77
C CYS A 227 27.30 -14.57 23.32
N HIS A 228 26.50 -13.62 23.80
CA HIS A 228 25.08 -13.55 23.48
C HIS A 228 24.86 -13.31 21.98
N ASP A 229 23.79 -13.89 21.44
CA ASP A 229 23.47 -13.78 20.01
C ASP A 229 23.34 -12.34 19.53
N GLU A 230 22.91 -11.45 20.41
CA GLU A 230 22.66 -10.07 20.02
C GLU A 230 23.91 -9.23 20.17
N CYS A 231 24.99 -9.87 20.55
CA CYS A 231 26.25 -9.19 20.79
C CYS A 231 27.00 -8.90 19.49
N ALA A 232 27.43 -7.65 19.33
CA ALA A 232 28.25 -7.22 18.21
C ALA A 232 29.69 -7.08 18.66
N GLY A 233 30.58 -7.86 18.05
CA GLY A 233 31.96 -7.89 18.51
C GLY A 233 32.06 -8.83 19.70
N GLY A 234 33.06 -8.63 20.54
CA GLY A 234 33.30 -9.55 21.64
C GLY A 234 32.53 -9.14 22.89
N CYS A 235 32.70 -9.91 23.96
CA CYS A 235 32.00 -9.68 25.21
C CYS A 235 32.88 -10.07 26.40
N SER A 236 32.45 -9.69 27.59
CA SER A 236 33.14 -10.04 28.81
C SER A 236 32.36 -11.09 29.61
N GLY A 237 31.30 -11.59 29.00
CA GLY A 237 30.44 -12.57 29.66
C GLY A 237 29.28 -12.98 28.76
N PRO A 238 28.50 -13.95 29.21
CA PRO A 238 27.42 -14.64 28.52
C PRO A 238 26.11 -13.86 28.51
N GLN A 239 26.05 -12.76 29.23
CA GLN A 239 24.79 -12.04 29.39
C GLN A 239 24.62 -10.99 28.29
N ASP A 240 23.39 -10.53 28.11
CA ASP A 240 23.09 -9.57 27.08
C ASP A 240 23.53 -8.18 27.49
N THR A 241 24.06 -8.08 28.70
CA THR A 241 24.56 -6.83 29.24
C THR A 241 26.08 -6.83 29.33
N ASP A 242 26.71 -7.92 28.89
CA ASP A 242 28.16 -8.09 28.99
C ASP A 242 28.87 -7.73 27.69
N CYS A 243 28.09 -7.31 26.70
CA CYS A 243 28.62 -7.14 25.35
C CYS A 243 29.17 -5.74 25.10
N PHE A 244 30.17 -5.66 24.22
CA PHE A 244 30.74 -4.40 23.79
C PHE A 244 29.72 -3.49 23.10
N ALA A 245 29.01 -4.05 22.13
CA ALA A 245 28.07 -3.27 21.34
C ALA A 245 26.91 -4.17 20.92
N CYS A 246 25.77 -3.58 20.63
CA CYS A 246 24.61 -4.38 20.24
C CYS A 246 24.50 -4.50 18.73
N ARG A 247 23.97 -5.62 18.26
CA ARG A 247 23.70 -5.81 16.85
C ARG A 247 22.41 -5.12 16.41
N HIS A 248 21.43 -5.05 17.31
CA HIS A 248 20.13 -4.48 16.97
C HIS A 248 19.78 -3.32 17.88
N PHE A 249 19.12 -3.61 19.00
CA PHE A 249 18.65 -2.55 19.87
C PHE A 249 19.27 -2.62 21.25
N ASN A 250 19.51 -1.44 21.82
CA ASN A 250 20.02 -1.32 23.17
C ASN A 250 18.88 -0.94 24.14
N ASP A 251 18.45 -1.90 24.92
CA ASP A 251 17.36 -1.71 25.87
C ASP A 251 17.92 -1.49 27.27
N SER A 252 18.20 -0.23 27.61
CA SER A 252 18.73 0.10 28.93
C SER A 252 19.86 -0.82 29.39
N GLY A 253 20.84 -1.05 28.53
CA GLY A 253 21.98 -1.87 28.90
C GLY A 253 21.96 -3.26 28.29
N ALA A 254 20.79 -3.74 27.91
CA ALA A 254 20.69 -5.07 27.33
C ALA A 254 20.63 -5.02 25.82
N CYS A 255 21.30 -5.96 25.16
CA CYS A 255 21.18 -6.09 23.71
C CYS A 255 20.02 -7.02 23.39
N VAL A 256 19.08 -6.52 22.62
CA VAL A 256 17.88 -7.28 22.29
C VAL A 256 17.59 -7.24 20.79
N PRO A 257 16.95 -8.28 20.28
CA PRO A 257 16.52 -8.45 18.90
C PRO A 257 15.40 -7.49 18.55
N ARG A 258 14.74 -6.98 19.57
CA ARG A 258 13.65 -6.05 19.38
C ARG A 258 13.25 -5.41 20.71
N CYS A 259 12.60 -4.26 20.70
CA CYS A 259 12.07 -3.69 21.95
C CYS A 259 10.81 -4.45 22.42
N PRO A 260 10.45 -4.42 23.73
CA PRO A 260 9.30 -5.15 24.27
C PRO A 260 7.98 -4.85 23.55
N GLN A 261 7.38 -5.89 22.97
CA GLN A 261 6.22 -5.79 22.07
C GLN A 261 4.92 -5.46 22.82
N PRO A 262 3.93 -4.79 22.17
CA PRO A 262 2.69 -4.34 22.82
C PRO A 262 1.72 -5.44 23.28
N LEU A 263 1.95 -6.68 22.83
CA LEU A 263 1.12 -7.85 23.04
C LEU A 263 1.92 -9.10 23.34
N VAL A 264 1.41 -9.86 24.31
CA VAL A 264 2.02 -11.09 24.75
C VAL A 264 1.26 -12.28 24.19
N TYR A 265 1.96 -13.15 23.48
CA TYR A 265 1.32 -14.26 22.79
C TYR A 265 1.24 -15.50 23.66
N ASN A 266 0.03 -16.03 23.78
CA ASN A 266 -0.21 -17.26 24.51
C ASN A 266 -0.22 -18.43 23.54
N LYS A 267 0.82 -19.25 23.61
CA LYS A 267 1.05 -20.33 22.66
C LYS A 267 0.04 -21.47 22.76
N LEU A 268 -0.74 -21.49 23.84
CA LEU A 268 -1.68 -22.58 24.02
C LEU A 268 -3.07 -22.16 23.60
N THR A 269 -3.45 -20.93 23.97
CA THR A 269 -4.78 -20.43 23.69
C THR A 269 -4.84 -19.50 22.48
N PHE A 270 -3.69 -19.21 21.88
CA PHE A 270 -3.66 -18.38 20.68
C PHE A 270 -4.29 -17.03 20.96
N GLN A 271 -3.90 -16.47 22.08
CA GLN A 271 -4.41 -15.17 22.53
C GLN A 271 -3.31 -14.13 22.51
N LEU A 272 -3.70 -12.85 22.43
CA LEU A 272 -2.76 -11.77 22.61
C LEU A 272 -3.20 -10.85 23.74
N GLU A 273 -2.37 -10.77 24.78
CA GLU A 273 -2.69 -9.96 25.94
C GLU A 273 -1.87 -8.68 25.92
N PRO A 274 -2.42 -7.59 26.44
CA PRO A 274 -1.77 -6.31 26.60
C PRO A 274 -0.47 -6.43 27.36
N ASN A 275 0.56 -5.75 26.87
CA ASN A 275 1.84 -5.68 27.55
C ASN A 275 2.00 -4.33 28.22
N PRO A 276 1.99 -4.32 29.55
CA PRO A 276 2.00 -3.15 30.41
C PRO A 276 3.33 -2.41 30.34
N HIS A 277 4.34 -3.05 29.76
CA HIS A 277 5.64 -2.43 29.65
C HIS A 277 6.19 -2.46 28.23
N THR A 278 5.95 -1.40 27.47
CA THR A 278 6.35 -1.29 26.06
C THR A 278 7.37 -0.20 25.87
N LYS A 279 8.23 -0.36 24.86
CA LYS A 279 9.13 0.69 24.41
C LYS A 279 9.14 0.75 22.89
N TYR A 280 9.18 1.95 22.32
CA TYR A 280 9.24 2.16 20.89
C TYR A 280 10.67 1.95 20.40
N GLN A 281 10.80 1.39 19.20
CA GLN A 281 12.07 1.27 18.52
C GLN A 281 12.42 2.65 17.92
N TYR A 282 13.54 3.23 18.32
CA TYR A 282 13.96 4.54 17.84
C TYR A 282 15.47 4.56 17.61
N GLY A 283 15.94 4.39 16.37
CA GLY A 283 17.34 4.60 16.07
C GLY A 283 18.26 3.61 16.76
N GLY A 284 17.74 2.43 17.08
CA GLY A 284 18.56 1.41 17.73
C GLY A 284 18.48 1.44 19.25
N VAL A 285 17.75 2.39 19.80
CA VAL A 285 17.55 2.40 21.25
C VAL A 285 16.09 2.34 21.60
N CYS A 286 15.76 1.58 22.64
CA CYS A 286 14.37 1.46 23.07
C CYS A 286 13.98 2.65 23.93
N VAL A 287 12.90 3.31 23.57
CA VAL A 287 12.47 4.49 24.30
C VAL A 287 11.05 4.35 24.84
N ALA A 288 10.77 5.03 25.96
CA ALA A 288 9.46 4.96 26.57
C ALA A 288 8.39 5.55 25.66
N SER A 289 8.77 6.57 24.92
CA SER A 289 7.83 7.24 24.04
C SER A 289 8.54 7.73 22.79
N CYS A 290 7.81 7.85 21.68
CA CYS A 290 8.41 8.30 20.44
C CYS A 290 8.59 9.84 20.43
N PRO A 291 9.69 10.40 19.90
CA PRO A 291 9.84 11.85 19.79
C PRO A 291 8.72 12.50 18.97
N HIS A 292 8.40 13.75 19.30
CA HIS A 292 7.24 14.47 18.80
C HIS A 292 7.31 14.72 17.31
N ASN A 293 8.50 14.73 16.76
CA ASN A 293 8.66 15.06 15.36
C ASN A 293 8.75 13.84 14.48
N PHE A 294 8.62 12.63 15.04
CA PHE A 294 8.66 11.35 14.32
C PHE A 294 7.27 10.72 14.22
N VAL A 295 6.89 10.20 13.05
CA VAL A 295 5.67 9.41 12.92
C VAL A 295 5.91 8.01 13.48
N VAL A 296 4.94 7.49 14.23
CA VAL A 296 4.95 6.13 14.78
C VAL A 296 4.34 5.17 13.76
N ASP A 297 5.16 4.29 13.20
CA ASP A 297 4.72 2.99 12.66
C ASP A 297 4.54 2.00 13.83
N GLN A 298 3.98 0.81 13.63
CA GLN A 298 3.26 0.01 14.65
C GLN A 298 3.92 -0.16 16.04
N THR A 299 5.24 -0.16 16.15
CA THR A 299 5.95 0.09 17.43
C THR A 299 7.28 0.82 17.24
N SER A 300 7.43 1.58 16.14
CA SER A 300 8.71 2.11 15.69
C SER A 300 8.61 3.55 15.22
N CYS A 301 9.49 4.42 15.69
CA CYS A 301 9.61 5.78 15.19
C CYS A 301 10.28 5.79 13.81
N VAL A 302 9.61 6.29 12.78
CA VAL A 302 10.15 6.28 11.40
C VAL A 302 10.24 7.67 10.80
N ARG A 303 11.21 7.89 9.90
CA ARG A 303 11.33 9.15 9.14
C ARG A 303 10.17 9.39 8.20
N ALA A 304 9.65 8.34 7.57
CA ALA A 304 8.41 8.33 6.80
C ALA A 304 7.79 6.92 6.81
N CYS A 305 6.47 6.82 6.66
CA CYS A 305 5.77 5.52 6.65
C CYS A 305 6.09 4.68 5.40
N PRO A 306 5.80 3.36 5.41
CA PRO A 306 5.89 2.51 4.21
C PRO A 306 5.00 3.00 3.06
N PRO A 307 5.25 2.58 1.81
CA PRO A 307 4.63 3.19 0.62
C PRO A 307 3.09 3.15 0.57
N ASP A 308 2.47 2.15 1.20
CA ASP A 308 1.02 1.94 1.27
C ASP A 308 0.35 2.57 2.52
N LYS A 309 1.09 3.36 3.32
CA LYS A 309 0.58 4.04 4.53
C LYS A 309 0.73 5.57 4.43
N MET A 310 -0.11 6.28 5.18
CA MET A 310 -0.13 7.74 5.29
C MET A 310 -0.06 8.18 6.76
N GLU A 311 0.48 9.38 7.01
CA GLU A 311 0.55 9.96 8.36
C GLU A 311 -0.79 10.56 8.80
N VAL A 312 -1.22 10.28 10.03
CA VAL A 312 -2.48 10.75 10.62
C VAL A 312 -2.22 11.33 12.00
N ASP A 313 -2.72 12.53 12.28
CA ASP A 313 -2.60 13.17 13.59
C ASP A 313 -3.57 12.59 14.62
N LYS A 314 -3.05 12.17 15.77
CA LYS A 314 -3.80 11.62 16.90
C LYS A 314 -3.64 12.52 18.12
N ASN A 315 -3.29 11.94 19.27
CA ASN A 315 -3.11 12.67 20.53
C ASN A 315 -1.64 13.09 20.69
N GLY A 316 -1.27 14.24 20.15
CA GLY A 316 0.09 14.77 20.15
C GLY A 316 1.01 14.16 19.08
N LEU A 317 1.06 12.82 19.07
CA LEU A 317 1.72 11.97 18.09
C LEU A 317 1.06 11.97 16.72
N LYS A 318 1.86 11.59 15.72
CA LYS A 318 1.46 11.23 14.35
C LYS A 318 1.61 9.73 14.19
N MET A 319 0.67 9.06 13.54
CA MET A 319 0.71 7.60 13.37
C MET A 319 0.54 7.20 11.90
N CYS A 320 1.22 6.15 11.45
CA CYS A 320 1.02 5.59 10.12
C CYS A 320 -0.28 4.79 10.05
N GLU A 321 -1.10 5.01 9.01
CA GLU A 321 -2.32 4.22 8.75
C GLU A 321 -2.48 3.89 7.26
N PRO A 322 -3.08 2.75 6.88
CA PRO A 322 -3.29 2.37 5.48
C PRO A 322 -3.72 3.51 4.55
N CYS A 327 -3.40 6.44 -0.95
CA CYS A 327 -2.65 7.36 -0.10
C CYS A 327 -2.33 8.71 -0.78
N PRO A 328 -2.00 9.77 -0.01
CA PRO A 328 -1.59 11.06 -0.55
C PRO A 328 -0.31 11.00 -1.40
N LYS A 329 -0.01 12.08 -2.13
CA LYS A 329 1.18 12.19 -3.00
C LYS A 329 2.48 12.03 -2.20
N ALA A 330 3.27 11.02 -2.54
CA ALA A 330 4.57 10.74 -1.95
C ALA A 330 5.66 11.69 -2.51
N CYS A 331 5.55 12.99 -2.20
CA CYS A 331 6.45 14.04 -2.67
C CYS A 331 7.80 14.00 -1.94
N GLU A 332 8.76 13.21 -2.43
CA GLU A 332 10.06 13.00 -1.77
C GLU A 332 11.02 14.19 -1.88
N GLY A 333 11.87 14.35 -0.86
CA GLY A 333 12.92 15.38 -0.82
C GLY A 333 14.26 14.98 -1.46
N THR A 334 15.28 15.81 -1.28
CA THR A 334 16.66 15.59 -1.73
C THR A 334 17.54 15.00 -0.60
N GLY A 335 18.86 14.96 -0.82
CA GLY A 335 19.85 14.64 0.21
C GLY A 335 20.03 13.14 0.42
N SER A 336 20.59 12.74 1.55
CA SER A 336 20.72 11.31 1.90
C SER A 336 19.34 10.64 2.00
N GLY A 337 19.23 9.40 1.50
CA GLY A 337 17.95 8.69 1.36
C GLY A 337 17.12 9.10 0.14
N SER A 338 17.73 9.77 -0.84
CA SER A 338 17.10 10.19 -2.10
C SER A 338 18.10 10.18 -3.25
N ARG A 339 17.64 9.94 -4.48
CA ARG A 339 18.52 9.99 -5.67
C ARG A 339 18.95 11.40 -6.08
N PHE A 340 18.33 12.44 -5.50
CA PHE A 340 18.61 13.84 -5.85
C PHE A 340 19.53 14.48 -4.81
N GLN A 341 20.73 14.95 -5.20
CA GLN A 341 21.58 15.72 -4.29
C GLN A 341 21.09 17.16 -4.09
N THR A 342 20.29 17.69 -5.00
CA THR A 342 19.80 19.07 -4.98
C THR A 342 18.49 19.18 -5.72
N VAL A 343 17.68 20.18 -5.39
CA VAL A 343 16.66 20.67 -6.32
C VAL A 343 17.37 21.09 -7.60
N ASP A 344 16.85 20.70 -8.78
CA ASP A 344 17.52 20.98 -10.04
C ASP A 344 16.54 21.09 -11.20
N SER A 345 17.08 21.36 -12.38
CA SER A 345 16.27 21.55 -13.58
C SER A 345 15.57 20.27 -14.01
N SER A 346 16.04 19.14 -13.52
CA SER A 346 15.44 17.86 -13.84
C SER A 346 14.69 17.26 -12.66
N ASN A 347 14.69 17.98 -11.53
CA ASN A 347 14.17 17.43 -10.30
C ASN A 347 12.99 18.25 -9.77
N ILE A 348 13.06 19.56 -9.99
CA ILE A 348 12.15 20.51 -9.39
C ILE A 348 10.68 20.29 -9.75
N ASP A 349 10.42 19.71 -10.91
CA ASP A 349 9.05 19.51 -11.35
C ASP A 349 8.33 18.50 -10.47
N GLY A 350 9.05 17.69 -9.69
CA GLY A 350 8.43 16.71 -8.80
C GLY A 350 7.60 17.38 -7.69
N PHE A 351 7.95 18.61 -7.34
CA PHE A 351 7.30 19.40 -6.30
C PHE A 351 6.04 20.14 -6.78
N VAL A 352 5.59 19.91 -8.03
CA VAL A 352 4.38 20.55 -8.51
C VAL A 352 3.17 20.09 -7.73
N ASN A 353 2.40 21.06 -7.22
CA ASN A 353 1.27 20.79 -6.36
C ASN A 353 1.67 20.00 -5.12
N CYS A 354 2.89 20.20 -4.61
CA CYS A 354 3.35 19.57 -3.38
C CYS A 354 3.06 20.50 -2.19
N THR A 355 2.47 19.99 -1.12
CA THR A 355 2.18 20.76 0.07
C THR A 355 3.07 20.29 1.21
N LYS A 356 3.59 19.06 1.18
CA LYS A 356 4.41 18.45 2.24
C LYS A 356 5.54 17.63 1.63
N ILE A 357 6.78 18.05 1.83
CA ILE A 357 7.96 17.34 1.30
C ILE A 357 8.37 16.26 2.30
N LEU A 358 8.26 15.00 1.90
CA LEU A 358 8.79 13.84 2.62
C LEU A 358 10.30 13.74 2.40
N GLY A 359 11.06 14.60 3.06
CA GLY A 359 12.51 14.55 3.09
C GLY A 359 13.15 15.90 3.31
N ASN A 360 14.43 15.98 3.05
CA ASN A 360 15.20 17.21 3.11
C ASN A 360 15.00 18.08 1.87
N LEU A 361 15.57 19.28 1.86
CA LEU A 361 15.52 20.14 0.70
C LEU A 361 16.81 20.95 0.54
N ASP A 362 17.76 20.41 -0.21
CA ASP A 362 19.02 21.05 -0.56
C ASP A 362 18.90 21.89 -1.82
N PHE A 363 19.37 23.12 -1.73
CA PHE A 363 19.69 23.95 -2.87
C PHE A 363 21.19 24.19 -2.92
N LEU A 364 21.86 23.47 -3.79
CA LEU A 364 23.29 23.59 -3.96
C LEU A 364 23.61 24.46 -5.14
N ILE A 365 24.86 24.86 -5.26
CA ILE A 365 25.22 25.74 -6.35
C ILE A 365 24.88 25.12 -7.69
N THR A 366 25.16 23.84 -7.82
CA THR A 366 24.95 23.14 -9.07
C THR A 366 23.48 22.97 -9.39
N GLY A 367 22.62 23.13 -8.38
CA GLY A 367 21.20 22.95 -8.57
C GLY A 367 20.62 24.17 -9.27
N LEU A 368 21.41 25.24 -9.34
CA LEU A 368 20.96 26.43 -10.01
C LEU A 368 21.74 26.64 -11.29
N ASN A 369 23.07 26.50 -11.20
CA ASN A 369 23.92 26.72 -12.35
C ASN A 369 23.82 25.61 -13.39
N GLY A 370 23.48 24.40 -12.96
CA GLY A 370 23.40 23.27 -13.87
C GLY A 370 24.54 22.30 -13.60
N ASP A 371 24.47 21.11 -14.15
CA ASP A 371 25.47 20.09 -13.89
C ASP A 371 25.79 19.28 -15.12
N PRO A 372 26.70 19.77 -15.94
CA PRO A 372 27.09 19.26 -17.23
C PRO A 372 27.53 17.81 -17.15
N TRP A 373 27.93 17.36 -15.96
CA TRP A 373 28.40 15.99 -15.81
C TRP A 373 27.30 15.01 -16.13
N HIS A 374 26.07 15.43 -15.85
CA HIS A 374 24.91 14.60 -16.10
C HIS A 374 24.07 15.20 -17.20
N LYS A 375 24.65 16.14 -17.94
CA LYS A 375 23.93 16.81 -19.00
C LYS A 375 22.67 17.47 -18.45
N ILE A 376 22.79 18.08 -17.29
CA ILE A 376 21.68 18.79 -16.67
C ILE A 376 21.84 20.29 -16.81
N PRO A 377 20.88 20.94 -17.45
CA PRO A 377 20.83 22.34 -17.79
C PRO A 377 20.59 23.17 -16.55
N ALA A 378 20.83 24.46 -16.64
CA ALA A 378 20.62 25.36 -15.51
C ALA A 378 19.14 25.42 -15.17
N LEU A 379 18.85 25.76 -13.93
CA LEU A 379 17.46 25.85 -13.49
C LEU A 379 16.92 27.25 -13.60
N ASP A 380 15.84 27.39 -14.35
CA ASP A 380 15.17 28.68 -14.46
C ASP A 380 14.66 29.06 -13.08
N PRO A 381 15.20 30.11 -12.51
CA PRO A 381 14.95 30.62 -11.18
C PRO A 381 13.48 30.77 -10.87
N GLU A 382 12.66 30.99 -11.88
CA GLU A 382 11.27 31.26 -11.61
C GLU A 382 10.49 29.98 -11.46
N LYS A 383 11.16 28.87 -11.62
CA LYS A 383 10.54 27.59 -11.43
C LYS A 383 10.54 27.25 -9.96
N LEU A 384 11.21 28.10 -9.18
CA LEU A 384 11.27 27.93 -7.73
C LEU A 384 9.94 28.27 -7.13
N ASN A 385 9.09 28.91 -7.93
CA ASN A 385 7.81 29.38 -7.45
C ASN A 385 6.93 28.18 -7.16
N VAL A 386 7.39 27.02 -7.59
CA VAL A 386 6.68 25.77 -7.36
C VAL A 386 6.61 25.46 -5.88
N PHE A 387 7.50 26.06 -5.10
CA PHE A 387 7.58 25.78 -3.68
C PHE A 387 6.65 26.68 -2.86
N ARG A 388 5.91 27.54 -3.53
CA ARG A 388 5.02 28.45 -2.83
C ARG A 388 3.81 27.74 -2.26
N THR A 389 3.69 26.45 -2.55
CA THR A 389 2.58 25.67 -2.03
C THR A 389 3.01 24.76 -0.90
N VAL A 390 4.30 24.71 -0.60
CA VAL A 390 4.79 23.78 0.41
C VAL A 390 4.70 24.39 1.79
N ARG A 391 4.03 23.68 2.69
CA ARG A 391 3.85 24.15 4.04
C ARG A 391 4.73 23.38 5.01
N GLU A 392 4.97 22.10 4.71
CA GLU A 392 5.74 21.28 5.62
C GLU A 392 6.90 20.58 4.95
N ILE A 393 8.06 20.68 5.60
CA ILE A 393 9.25 19.92 5.22
C ILE A 393 9.62 19.02 6.38
N THR A 394 9.65 17.71 6.16
CA THR A 394 9.89 16.77 7.26
C THR A 394 11.35 16.65 7.63
N GLY A 395 12.23 17.07 6.75
CA GLY A 395 13.67 16.98 6.98
C GLY A 395 14.24 18.35 7.30
N TYR A 396 15.43 18.62 6.80
CA TYR A 396 16.10 19.90 6.93
C TYR A 396 15.93 20.75 5.67
N LEU A 397 16.09 22.06 5.79
CA LEU A 397 16.12 22.99 4.66
C LEU A 397 17.52 23.56 4.53
N ASN A 398 18.16 23.32 3.40
CA ASN A 398 19.56 23.69 3.21
C ASN A 398 19.76 24.55 1.98
N ILE A 399 19.90 25.86 2.17
CA ILE A 399 20.07 26.76 1.03
C ILE A 399 21.47 27.34 0.99
N GLN A 400 22.27 26.86 0.04
CA GLN A 400 23.67 27.28 -0.08
C GLN A 400 23.88 28.13 -1.32
N SER A 401 22.79 28.34 -2.04
CA SER A 401 22.82 29.09 -3.29
C SER A 401 21.42 29.58 -3.60
N TRP A 402 21.30 30.80 -4.09
CA TRP A 402 20.01 31.37 -4.39
C TRP A 402 20.17 32.43 -5.47
N PRO A 403 19.29 32.45 -6.48
CA PRO A 403 19.34 33.30 -7.65
C PRO A 403 19.63 34.74 -7.24
N PRO A 404 20.53 35.39 -7.97
CA PRO A 404 21.13 36.68 -7.71
C PRO A 404 20.15 37.85 -7.73
N HIS A 405 19.01 37.68 -8.37
CA HIS A 405 18.05 38.78 -8.44
C HIS A 405 17.05 38.69 -7.30
N MET A 406 17.10 37.60 -6.56
CA MET A 406 16.19 37.40 -5.45
C MET A 406 16.85 37.84 -4.16
N HIS A 407 16.12 38.59 -3.35
CA HIS A 407 16.70 39.13 -2.14
C HIS A 407 16.10 38.48 -0.89
N ASN A 408 15.35 37.41 -1.10
CA ASN A 408 14.66 36.76 -0.01
C ASN A 408 14.31 35.34 -0.37
N PHE A 409 13.75 34.62 0.59
CA PHE A 409 13.23 33.30 0.39
C PHE A 409 11.73 33.32 0.55
N SER A 410 11.10 34.38 0.03
CA SER A 410 9.65 34.55 0.15
C SER A 410 8.91 33.44 -0.56
N VAL A 411 9.63 32.71 -1.39
CA VAL A 411 9.08 31.58 -2.09
C VAL A 411 8.65 30.50 -1.12
N PHE A 412 9.17 30.58 0.10
CA PHE A 412 8.82 29.65 1.16
C PHE A 412 7.94 30.33 2.20
N SER A 413 7.28 31.39 1.79
CA SER A 413 6.44 32.16 2.70
C SER A 413 5.32 31.28 3.24
N ASN A 414 5.01 30.21 2.52
CA ASN A 414 3.93 29.31 2.87
C ASN A 414 4.41 28.24 3.86
N LEU A 415 5.70 28.24 4.15
CA LEU A 415 6.26 27.25 5.04
C LEU A 415 5.76 27.49 6.45
N THR A 416 5.25 26.44 7.09
CA THR A 416 4.74 26.57 8.43
C THR A 416 5.60 25.83 9.44
N THR A 417 6.27 24.77 9.01
CA THR A 417 7.08 24.01 9.94
C THR A 417 8.21 23.23 9.29
N ILE A 418 9.28 23.04 10.07
CA ILE A 418 10.38 22.16 9.70
C ILE A 418 10.47 20.98 10.69
N GLY A 419 10.28 19.78 10.18
CA GLY A 419 10.22 18.57 10.98
C GLY A 419 11.53 18.27 11.71
N GLY A 420 12.64 18.26 10.97
CA GLY A 420 13.92 17.95 11.57
C GLY A 420 14.06 16.46 11.86
N ARG A 421 13.39 15.58 11.10
CA ARG A 421 13.52 14.11 11.22
C ARG A 421 14.84 13.56 10.67
N SER A 422 15.39 14.28 9.71
CA SER A 422 16.70 14.08 9.10
C SER A 422 17.41 15.43 9.20
N LEU A 423 18.70 15.42 9.50
CA LEU A 423 19.46 16.62 9.87
C LEU A 423 20.78 16.68 9.10
N TYR A 424 21.19 17.88 8.70
CA TYR A 424 22.38 18.05 7.91
C TYR A 424 23.59 17.87 8.78
N ASN A 425 24.49 17.00 8.37
CA ASN A 425 25.62 16.64 9.20
C ASN A 425 25.13 16.19 10.55
N ARG A 426 23.98 15.50 10.59
CA ARG A 426 23.34 14.98 11.80
C ARG A 426 23.19 16.06 12.88
N GLY A 427 23.00 17.33 12.52
CA GLY A 427 22.88 18.38 13.53
C GLY A 427 21.89 19.47 13.16
N PHE A 428 21.93 19.93 11.93
CA PHE A 428 21.21 21.14 11.58
C PHE A 428 19.94 20.89 10.81
N SER A 429 18.88 21.62 11.16
CA SER A 429 17.60 21.43 10.52
C SER A 429 17.28 22.60 9.60
N LEU A 430 17.95 23.73 9.84
CA LEU A 430 17.83 24.90 8.98
C LEU A 430 19.20 25.49 8.68
N LEU A 431 19.56 25.56 7.40
CA LEU A 431 20.87 26.04 6.99
C LEU A 431 20.77 27.07 5.88
N ILE A 432 21.31 28.25 6.15
CA ILE A 432 21.35 29.30 5.15
C ILE A 432 22.76 29.84 5.04
N MET A 433 23.42 29.58 3.91
CA MET A 433 24.83 29.94 3.78
C MET A 433 25.15 30.71 2.51
N LYS A 434 25.96 31.74 2.66
CA LYS A 434 26.56 32.44 1.55
C LYS A 434 25.55 32.84 0.47
N ASN A 435 24.44 33.42 0.91
CA ASN A 435 23.46 33.97 -0.02
C ASN A 435 23.76 35.45 -0.19
N LEU A 436 24.52 35.76 -1.23
CA LEU A 436 25.20 37.03 -1.33
C LEU A 436 24.25 38.23 -1.42
N ASN A 437 23.10 38.04 -2.04
CA ASN A 437 22.21 39.16 -2.28
C ASN A 437 20.90 39.07 -1.48
N VAL A 438 20.88 38.24 -0.44
CA VAL A 438 19.67 38.10 0.35
C VAL A 438 19.68 38.99 1.57
N THR A 439 18.60 39.75 1.77
CA THR A 439 18.53 40.73 2.84
C THR A 439 17.58 40.28 3.95
N SER A 440 16.62 39.44 3.61
CA SER A 440 15.63 38.99 4.56
C SER A 440 15.45 37.50 4.44
N LEU A 441 14.69 36.91 5.35
CA LEU A 441 14.55 35.47 5.35
C LEU A 441 13.22 35.03 4.76
N GLY A 442 12.17 35.74 5.09
CA GLY A 442 10.85 35.30 4.70
C GLY A 442 10.40 34.15 5.59
N PHE A 443 9.75 33.17 5.03
CA PHE A 443 9.17 32.13 5.88
C PHE A 443 8.21 32.78 6.86
N ARG A 444 7.42 33.72 6.39
CA ARG A 444 6.55 34.48 7.25
C ARG A 444 5.51 33.62 7.97
N SER A 445 5.12 32.51 7.35
CA SER A 445 4.12 31.64 7.94
C SER A 445 4.76 30.60 8.85
N LEU A 446 6.09 30.60 8.92
CA LEU A 446 6.81 29.62 9.71
C LEU A 446 6.57 29.84 11.19
N LYS A 447 6.08 28.82 11.86
CA LYS A 447 5.80 28.93 13.26
C LYS A 447 6.79 28.18 14.12
N GLU A 448 7.22 27.00 13.66
CA GLU A 448 8.15 26.26 14.50
C GLU A 448 9.12 25.37 13.76
N ILE A 449 10.25 25.14 14.42
CA ILE A 449 11.24 24.15 14.02
C ILE A 449 11.35 23.12 15.14
N SER A 450 10.94 21.90 14.84
CA SER A 450 10.71 20.91 15.90
C SER A 450 11.99 20.33 16.46
N ALA A 451 13.06 20.39 15.68
CA ALA A 451 14.30 19.78 16.09
C ALA A 451 15.49 20.34 15.34
N GLY A 452 16.68 20.11 15.88
CA GLY A 452 17.92 20.40 15.18
C GLY A 452 18.48 21.77 15.51
N ARG A 453 19.61 22.08 14.91
CA ARG A 453 20.26 23.37 15.08
C ARG A 453 20.02 24.28 13.88
N ILE A 454 20.23 25.57 14.09
CA ILE A 454 20.07 26.55 13.03
C ILE A 454 21.40 27.19 12.69
N TYR A 455 21.77 27.16 11.41
CA TYR A 455 23.04 27.73 10.99
C TYR A 455 22.85 28.73 9.88
N ILE A 456 23.08 29.99 10.21
CA ILE A 456 22.98 31.07 9.25
C ILE A 456 24.27 31.86 9.27
N SER A 457 25.00 31.84 8.17
CA SER A 457 26.31 32.50 8.16
C SER A 457 26.69 32.98 6.78
N ALA A 458 27.62 33.93 6.71
CA ALA A 458 28.22 34.35 5.47
C ALA A 458 27.19 34.97 4.55
N ASN A 459 26.09 35.40 5.11
CA ASN A 459 25.08 36.08 4.33
C ASN A 459 25.31 37.57 4.49
N ARG A 460 26.13 38.10 3.60
CA ARG A 460 26.70 39.43 3.76
C ARG A 460 25.63 40.52 3.73
N GLN A 461 24.51 40.23 3.08
CA GLN A 461 23.44 41.20 3.00
C GLN A 461 22.33 40.96 4.03
N LEU A 462 22.32 39.79 4.66
CA LEU A 462 21.18 39.45 5.50
C LEU A 462 21.15 40.40 6.70
N CYS A 463 20.01 41.08 6.86
CA CYS A 463 19.91 42.19 7.80
C CYS A 463 18.88 41.91 8.89
N TYR A 464 17.69 41.54 8.47
CA TYR A 464 16.52 41.63 9.35
C TYR A 464 16.36 40.45 10.28
N HIS A 465 17.30 39.53 10.27
CA HIS A 465 17.23 38.35 11.11
C HIS A 465 17.69 38.64 12.54
N HIS A 466 18.35 39.77 12.72
CA HIS A 466 19.00 40.11 13.98
C HIS A 466 18.04 40.23 15.16
N SER A 467 16.86 40.75 14.92
CA SER A 467 15.93 41.03 16.00
C SER A 467 15.04 39.85 16.34
N LEU A 468 15.17 38.76 15.59
CA LEU A 468 14.25 37.65 15.75
C LEU A 468 14.54 36.88 17.03
N ASN A 469 13.48 36.56 17.77
CA ASN A 469 13.60 35.77 18.99
C ASN A 469 13.39 34.30 18.66
N TRP A 470 14.50 33.58 18.51
CA TRP A 470 14.46 32.21 18.02
C TRP A 470 13.82 31.27 19.00
N THR A 471 13.70 31.69 20.24
CA THR A 471 13.12 30.85 21.27
C THR A 471 11.62 30.70 21.05
N LYS A 472 11.06 31.54 20.19
CA LYS A 472 9.65 31.48 19.88
C LYS A 472 9.38 30.56 18.69
N VAL A 473 10.45 30.16 17.99
CA VAL A 473 10.32 29.34 16.79
C VAL A 473 10.93 27.97 17.01
N LEU A 474 12.15 27.95 17.51
CA LEU A 474 12.86 26.69 17.71
C LEU A 474 12.40 26.08 19.03
N ARG A 475 11.96 24.84 18.99
CA ARG A 475 11.41 24.22 20.19
C ARG A 475 12.52 23.70 21.09
N GLY A 476 12.32 23.86 22.40
CA GLY A 476 13.29 23.38 23.38
C GLY A 476 14.31 24.47 23.64
N PRO A 477 15.33 24.19 24.45
CA PRO A 477 16.43 25.06 24.76
C PRO A 477 17.11 25.46 23.46
N THR A 478 17.57 26.69 23.37
CA THR A 478 18.14 27.14 22.11
C THR A 478 19.54 27.70 22.26
N GLU A 479 19.97 27.89 23.49
CA GLU A 479 21.19 28.59 23.77
C GLU A 479 22.40 28.01 23.01
N GLU A 480 22.46 26.70 22.91
CA GLU A 480 23.59 26.04 22.24
C GLU A 480 23.29 25.69 20.78
N ARG A 481 22.08 25.99 20.32
CA ARG A 481 21.63 25.54 19.01
C ARG A 481 21.54 26.64 17.98
N LEU A 482 21.91 27.85 18.35
CA LEU A 482 21.77 28.96 17.44
C LEU A 482 23.12 29.51 16.99
N ASP A 483 23.37 29.47 15.69
CA ASP A 483 24.57 30.06 15.12
C ASP A 483 24.21 30.98 13.99
N ILE A 484 24.26 32.27 14.27
CA ILE A 484 23.89 33.29 13.32
C ILE A 484 25.04 34.27 13.13
N LYS A 485 26.25 33.77 13.28
CA LYS A 485 27.46 34.60 13.23
C LYS A 485 27.90 34.90 11.79
N HIS A 486 28.73 35.91 11.65
CA HIS A 486 29.35 36.23 10.37
C HIS A 486 28.33 36.57 9.29
N ASN A 487 27.43 37.47 9.60
CA ASN A 487 26.45 37.98 8.65
C ASN A 487 26.53 39.51 8.68
N ARG A 488 25.73 40.20 7.88
CA ARG A 488 25.73 41.65 7.98
C ARG A 488 25.73 42.06 9.45
N PRO A 489 26.69 42.89 9.87
CA PRO A 489 26.82 43.47 11.19
C PRO A 489 25.55 44.17 11.60
N ARG A 490 25.11 43.92 12.84
CA ARG A 490 23.89 44.53 13.34
C ARG A 490 24.06 46.03 13.45
N ARG A 491 25.26 46.46 13.78
CA ARG A 491 25.54 47.88 13.89
C ARG A 491 25.06 48.62 12.66
N ASP A 492 25.44 48.12 11.50
CA ASP A 492 25.09 48.75 10.25
C ASP A 492 23.65 48.47 9.84
N CYS A 493 23.17 47.27 10.14
CA CYS A 493 21.79 46.96 9.81
C CYS A 493 20.89 48.02 10.42
N VAL A 494 21.08 48.28 11.70
CA VAL A 494 20.25 49.22 12.42
C VAL A 494 20.57 50.66 12.03
N ALA A 495 21.86 50.98 11.93
CA ALA A 495 22.27 52.34 11.63
C ALA A 495 21.72 52.81 10.30
N GLU A 496 21.61 51.89 9.34
CA GLU A 496 21.11 52.22 8.01
C GLU A 496 19.58 52.34 8.01
N GLY A 497 18.96 52.04 9.14
CA GLY A 497 17.51 52.10 9.28
C GLY A 497 16.81 50.84 8.78
N LYS A 498 17.57 49.77 8.55
CA LYS A 498 16.97 48.55 8.03
C LYS A 498 16.42 47.71 9.14
N VAL A 499 15.32 48.18 9.70
CA VAL A 499 14.69 47.52 10.81
C VAL A 499 13.25 47.22 10.46
N CYS A 500 12.61 46.33 11.22
CA CYS A 500 11.24 45.99 10.93
C CYS A 500 10.27 47.03 11.49
N ASP A 501 9.18 47.24 10.78
CA ASP A 501 8.11 48.11 11.23
C ASP A 501 7.93 47.97 12.74
N PRO A 502 8.08 49.08 13.48
CA PRO A 502 8.14 49.19 14.93
C PRO A 502 6.84 48.77 15.59
N LEU A 503 5.80 48.61 14.78
CA LEU A 503 4.50 48.20 15.26
C LEU A 503 4.50 46.72 15.65
N CYS A 504 5.54 46.01 15.25
CA CYS A 504 5.72 44.60 15.57
C CYS A 504 6.24 44.43 17.00
N SER A 505 5.74 43.39 17.68
CA SER A 505 6.07 43.12 19.06
C SER A 505 7.45 42.49 19.21
N SER A 506 7.94 42.44 20.44
CA SER A 506 9.17 41.74 20.71
C SER A 506 9.05 40.32 20.18
N GLY A 507 10.08 39.90 19.47
CA GLY A 507 10.06 38.62 18.79
C GLY A 507 10.61 38.81 17.38
N GLY A 508 10.46 40.04 16.88
CA GLY A 508 11.07 40.42 15.61
C GLY A 508 10.22 40.06 14.41
N CYS A 509 10.86 40.09 13.24
CA CYS A 509 10.20 39.86 11.97
C CYS A 509 11.10 39.03 11.08
N TRP A 510 10.55 38.54 9.98
CA TRP A 510 11.33 37.79 9.02
C TRP A 510 11.82 38.73 7.92
N GLY A 511 11.46 40.00 8.06
CA GLY A 511 11.77 41.03 7.08
C GLY A 511 11.17 42.37 7.53
N PRO A 512 11.37 43.40 6.72
CA PRO A 512 11.03 44.79 6.96
C PRO A 512 9.53 45.08 7.08
N GLY A 513 8.69 44.24 6.49
CA GLY A 513 7.27 44.55 6.45
C GLY A 513 6.52 44.06 7.67
N PRO A 514 5.34 44.64 7.93
CA PRO A 514 4.40 44.28 8.98
C PRO A 514 3.79 42.92 8.67
N GLY A 515 3.86 42.52 7.42
CA GLY A 515 3.29 41.24 7.01
C GLY A 515 4.23 40.12 7.35
N GLN A 516 5.44 40.48 7.77
CA GLN A 516 6.48 39.52 8.11
C GLN A 516 6.73 39.49 9.62
N CYS A 517 5.85 40.16 10.36
CA CYS A 517 5.95 40.23 11.81
C CYS A 517 5.52 38.94 12.49
N LEU A 518 6.30 38.51 13.48
CA LEU A 518 6.01 37.25 14.15
C LEU A 518 4.73 37.41 14.97
N SER A 519 4.60 38.57 15.61
CA SER A 519 3.48 38.88 16.50
C SER A 519 3.30 40.39 16.57
N CYS A 520 2.09 40.87 16.27
CA CYS A 520 1.83 42.30 16.24
C CYS A 520 1.43 42.84 17.62
N ARG A 521 1.81 44.09 17.87
CA ARG A 521 1.49 44.77 19.13
C ARG A 521 0.00 44.92 19.36
N ASN A 522 -0.77 45.17 18.31
CA ASN A 522 -2.21 45.44 18.48
C ASN A 522 -3.05 44.35 17.85
N TYR A 523 -3.28 44.47 16.55
CA TYR A 523 -4.11 43.55 15.81
C TYR A 523 -3.42 43.15 14.53
N SER A 524 -4.02 42.23 13.82
CA SER A 524 -3.53 41.84 12.52
C SER A 524 -4.69 41.73 11.57
N ARG A 525 -4.42 41.95 10.30
CA ARG A 525 -5.42 41.75 9.28
C ARG A 525 -4.82 40.97 8.13
N GLY A 526 -5.31 39.76 7.90
CA GLY A 526 -4.79 38.93 6.83
C GLY A 526 -3.41 38.42 7.23
N GLY A 527 -3.13 38.49 8.53
CA GLY A 527 -1.83 38.10 9.06
C GLY A 527 -0.86 39.28 9.10
N VAL A 528 -1.30 40.43 8.60
CA VAL A 528 -0.46 41.62 8.58
C VAL A 528 -0.63 42.46 9.83
N CYS A 529 0.47 42.86 10.45
CA CYS A 529 0.41 43.69 11.64
C CYS A 529 -0.22 45.06 11.32
N VAL A 530 -1.32 45.39 12.00
CA VAL A 530 -2.01 46.67 11.81
C VAL A 530 -2.24 47.41 13.12
N THR A 531 -2.45 48.72 13.03
CA THR A 531 -2.60 49.56 14.21
C THR A 531 -3.94 49.37 14.89
N HIS A 532 -4.97 49.13 14.10
CA HIS A 532 -6.31 48.99 14.66
C HIS A 532 -7.26 48.29 13.70
N CYS A 533 -8.39 47.87 14.22
CA CYS A 533 -9.47 47.30 13.43
C CYS A 533 -10.62 48.29 13.31
N ASN A 534 -11.45 48.13 12.28
CA ASN A 534 -12.58 49.03 12.06
C ASN A 534 -13.80 48.56 12.83
N PHE A 535 -13.70 48.65 14.15
CA PHE A 535 -14.77 48.21 15.05
C PHE A 535 -15.82 49.29 15.25
N LEU A 536 -15.37 50.50 15.56
CA LEU A 536 -16.26 51.59 15.96
C LEU A 536 -16.47 52.57 14.83
N ASN A 537 -15.67 52.41 13.79
CA ASN A 537 -15.71 53.25 12.63
C ASN A 537 -15.16 52.49 11.44
N GLY A 538 -15.16 53.12 10.27
CA GLY A 538 -14.63 52.49 9.07
C GLY A 538 -15.74 51.84 8.28
N GLU A 539 -15.76 52.09 6.97
CA GLU A 539 -16.82 51.55 6.14
C GLU A 539 -16.91 50.02 6.29
N PRO A 540 -15.79 49.31 6.19
CA PRO A 540 -15.67 47.88 6.27
C PRO A 540 -15.63 47.46 7.73
N ARG A 541 -16.77 47.58 8.40
CA ARG A 541 -16.82 47.33 9.83
C ARG A 541 -16.39 45.90 10.14
N GLU A 542 -15.65 45.76 11.23
CA GLU A 542 -15.07 44.51 11.67
C GLU A 542 -15.37 44.19 13.13
N PHE A 543 -14.89 43.04 13.55
CA PHE A 543 -14.97 42.61 14.94
C PHE A 543 -13.69 41.86 15.30
N ALA A 544 -13.43 41.70 16.59
CA ALA A 544 -12.20 41.05 17.01
C ALA A 544 -12.37 39.55 17.15
N HIS A 545 -11.37 38.82 16.71
CA HIS A 545 -11.24 37.41 17.05
C HIS A 545 -9.77 36.99 17.06
N GLU A 546 -9.27 36.64 18.23
CA GLU A 546 -7.86 36.30 18.35
C GLU A 546 -6.98 37.43 17.79
N ALA A 547 -7.36 38.67 18.09
CA ALA A 547 -6.59 39.85 17.70
C ALA A 547 -6.50 39.99 16.18
N GLU A 548 -7.29 39.21 15.46
CA GLU A 548 -7.39 39.32 14.01
C GLU A 548 -8.68 40.06 13.64
N CYS A 549 -8.56 40.98 12.69
CA CYS A 549 -9.69 41.78 12.25
C CYS A 549 -10.56 40.98 11.30
N PHE A 550 -11.81 40.79 11.66
CA PHE A 550 -12.74 40.08 10.79
C PHE A 550 -13.89 40.97 10.41
N SER A 551 -14.34 40.87 9.17
CA SER A 551 -15.43 41.72 8.74
C SER A 551 -16.76 41.28 9.35
N CYS A 552 -17.67 42.24 9.47
CA CYS A 552 -19.03 41.98 9.92
C CYS A 552 -19.88 41.43 8.78
N HIS A 553 -21.01 40.84 9.13
CA HIS A 553 -21.94 40.34 8.12
C HIS A 553 -22.34 41.47 7.18
N PRO A 554 -22.44 41.19 5.88
CA PRO A 554 -22.84 42.08 4.80
C PRO A 554 -24.15 42.82 5.07
N GLU A 555 -25.05 42.21 5.83
CA GLU A 555 -26.37 42.82 6.09
C GLU A 555 -26.38 43.50 7.44
N CYS A 556 -25.21 43.57 8.06
CA CYS A 556 -25.05 44.16 9.37
C CYS A 556 -25.06 45.68 9.30
N GLN A 557 -25.80 46.30 10.20
CA GLN A 557 -25.84 47.74 10.30
C GLN A 557 -24.61 48.27 11.01
N PRO A 558 -23.85 49.12 10.33
CA PRO A 558 -22.69 49.80 10.85
C PRO A 558 -23.08 50.61 12.07
N MET A 559 -22.32 50.44 13.14
CA MET A 559 -22.54 51.21 14.36
C MET A 559 -21.52 52.32 14.48
N GLU A 560 -21.90 53.39 15.17
CA GLU A 560 -20.98 54.48 15.40
C GLU A 560 -20.77 54.70 16.89
N GLY A 561 -19.53 54.52 17.34
CA GLY A 561 -19.17 54.76 18.74
C GLY A 561 -19.16 53.47 19.53
N THR A 562 -19.74 52.43 18.96
CA THR A 562 -19.77 51.12 19.60
C THR A 562 -19.44 50.06 18.58
N ALA A 563 -19.29 48.83 19.02
CA ALA A 563 -18.95 47.76 18.10
C ALA A 563 -20.09 47.49 17.15
N THR A 564 -19.77 47.35 15.88
CA THR A 564 -20.75 47.02 14.87
C THR A 564 -21.29 45.62 15.06
N CYS A 565 -20.40 44.69 15.37
CA CYS A 565 -20.78 43.30 15.52
C CYS A 565 -19.83 42.53 16.42
N ASN A 566 -20.27 41.34 16.80
CA ASN A 566 -19.52 40.42 17.61
C ASN A 566 -19.30 39.13 16.83
N GLY A 567 -19.42 39.25 15.51
CA GLY A 567 -19.26 38.11 14.62
C GLY A 567 -19.69 38.45 13.19
N SER A 568 -19.42 37.52 12.28
CA SER A 568 -19.72 37.68 10.88
C SER A 568 -21.05 37.05 10.52
N GLY A 569 -21.76 36.57 11.54
CA GLY A 569 -23.03 35.87 11.35
C GLY A 569 -24.18 36.86 11.18
N SER A 570 -25.30 36.36 10.67
CA SER A 570 -26.48 37.18 10.45
C SER A 570 -27.20 37.48 11.77
N ASP A 571 -26.79 36.76 12.81
CA ASP A 571 -27.34 36.91 14.15
C ASP A 571 -26.33 37.43 15.17
N THR A 572 -25.21 37.96 14.68
CA THR A 572 -24.15 38.47 15.55
C THR A 572 -23.99 39.98 15.42
N CYS A 573 -24.92 40.61 14.71
CA CYS A 573 -24.84 42.05 14.49
C CYS A 573 -25.70 42.78 15.50
N ALA A 574 -25.24 43.97 15.91
CA ALA A 574 -25.95 44.77 16.89
C ALA A 574 -27.35 45.13 16.39
N GLN A 575 -27.44 45.52 15.14
CA GLN A 575 -28.70 45.92 14.53
C GLN A 575 -28.78 45.45 13.09
N CYS A 576 -30.00 45.19 12.60
CA CYS A 576 -30.18 44.79 11.22
C CYS A 576 -30.24 46.00 10.31
N ALA A 577 -29.50 45.95 9.22
CA ALA A 577 -29.44 47.07 8.28
C ALA A 577 -30.68 47.10 7.41
N HIS A 578 -31.38 45.97 7.35
CA HIS A 578 -32.51 45.82 6.45
C HIS A 578 -33.72 45.20 7.13
N PHE A 579 -34.00 43.94 6.80
CA PHE A 579 -35.20 43.26 7.26
C PHE A 579 -34.86 42.12 8.18
N ARG A 580 -35.71 41.87 9.15
CA ARG A 580 -35.39 40.82 10.11
C ARG A 580 -36.27 39.59 9.93
N ASP A 581 -35.63 38.46 9.70
CA ASP A 581 -36.32 37.21 9.52
C ASP A 581 -36.00 36.31 10.70
N GLY A 582 -36.85 36.36 11.73
CA GLY A 582 -36.57 35.68 12.97
C GLY A 582 -35.26 36.21 13.57
N PRO A 583 -34.30 35.31 13.78
CA PRO A 583 -32.98 35.55 14.35
C PRO A 583 -31.98 36.13 13.34
N HIS A 584 -32.35 36.15 12.07
CA HIS A 584 -31.41 36.55 11.03
C HIS A 584 -31.73 37.88 10.37
N CYS A 585 -30.69 38.67 10.12
CA CYS A 585 -30.85 39.86 9.30
C CYS A 585 -30.68 39.50 7.83
N VAL A 586 -31.66 39.89 7.03
CA VAL A 586 -31.68 39.57 5.61
C VAL A 586 -31.85 40.84 4.79
N SER A 587 -31.49 40.78 3.51
CA SER A 587 -31.65 41.95 2.65
C SER A 587 -33.13 42.23 2.37
N SER A 588 -33.92 41.16 2.37
CA SER A 588 -35.36 41.27 2.19
C SER A 588 -36.05 40.02 2.70
N CYS A 589 -37.36 40.11 2.90
CA CYS A 589 -38.15 38.95 3.28
C CYS A 589 -38.25 37.98 2.10
N PRO A 590 -37.95 36.71 2.34
CA PRO A 590 -37.79 35.64 1.37
C PRO A 590 -39.08 35.32 0.64
N HIS A 591 -38.95 35.01 -0.64
CA HIS A 591 -40.09 34.54 -1.44
C HIS A 591 -39.65 33.38 -2.32
N GLY A 592 -40.30 32.24 -2.15
CA GLY A 592 -40.09 31.10 -3.02
C GLY A 592 -38.95 30.23 -2.49
N VAL A 593 -38.69 30.32 -1.19
CA VAL A 593 -37.64 29.54 -0.57
C VAL A 593 -38.16 28.15 -0.21
N LEU A 594 -37.39 27.12 -0.49
CA LEU A 594 -37.88 25.79 -0.19
C LEU A 594 -37.34 25.27 1.12
N GLY A 595 -38.24 25.05 2.07
CA GLY A 595 -37.88 24.54 3.39
C GLY A 595 -38.45 23.14 3.58
N ALA A 596 -38.49 22.69 4.83
CA ALA A 596 -38.98 21.36 5.13
C ALA A 596 -40.47 21.28 4.88
N LYS A 597 -41.11 22.45 4.81
CA LYS A 597 -42.55 22.55 4.62
C LYS A 597 -42.89 23.06 3.23
N GLY A 598 -41.94 23.00 2.30
CA GLY A 598 -42.19 23.47 0.95
C GLY A 598 -41.89 24.96 0.85
N PRO A 599 -42.38 25.60 -0.20
CA PRO A 599 -42.17 26.98 -0.56
C PRO A 599 -42.54 27.89 0.59
N ILE A 600 -41.68 28.85 0.86
CA ILE A 600 -41.88 29.81 1.92
C ILE A 600 -41.98 31.21 1.36
N TYR A 601 -43.01 31.90 1.77
CA TYR A 601 -43.18 33.30 1.41
C TYR A 601 -43.46 34.13 2.64
N LYS A 602 -42.70 35.21 2.80
CA LYS A 602 -42.88 36.13 3.91
C LYS A 602 -43.01 37.57 3.43
N TYR A 603 -43.69 38.37 4.21
CA TYR A 603 -43.83 39.77 3.92
C TYR A 603 -43.23 40.57 5.05
N PRO A 604 -42.75 41.76 4.76
CA PRO A 604 -42.28 42.76 5.69
C PRO A 604 -43.41 43.47 6.41
N ASP A 605 -43.19 43.73 7.69
CA ASP A 605 -44.08 44.53 8.50
C ASP A 605 -43.60 45.98 8.51
N VAL A 606 -44.30 46.85 9.21
CA VAL A 606 -43.89 48.26 9.26
C VAL A 606 -42.56 48.40 9.99
N GLN A 607 -42.23 47.39 10.79
CA GLN A 607 -40.98 47.33 11.54
C GLN A 607 -39.87 46.65 10.74
N ASN A 608 -40.16 46.30 9.49
CA ASN A 608 -39.22 45.59 8.62
C ASN A 608 -38.91 44.19 9.14
N GLU A 609 -39.77 43.71 10.01
CA GLU A 609 -39.70 42.32 10.44
C GLU A 609 -40.51 41.47 9.47
N CYS A 610 -40.09 40.24 9.24
CA CYS A 610 -40.78 39.38 8.30
C CYS A 610 -41.83 38.48 8.98
N ARG A 611 -42.93 38.27 8.26
CA ARG A 611 -43.99 37.38 8.69
C ARG A 611 -44.45 36.50 7.53
N PRO A 612 -44.82 35.26 7.82
CA PRO A 612 -45.42 34.29 6.91
C PRO A 612 -46.65 34.83 6.21
N CYS A 613 -46.75 34.53 4.93
CA CYS A 613 -47.91 34.86 4.11
C CYS A 613 -49.04 33.86 4.33
N HIS A 614 -50.25 34.26 3.96
CA HIS A 614 -51.39 33.35 4.01
C HIS A 614 -51.11 32.09 3.19
N GLU A 615 -51.58 30.94 3.68
CA GLU A 615 -51.27 29.65 3.06
C GLU A 615 -51.84 29.51 1.65
N ASN A 616 -52.80 30.35 1.31
CA ASN A 616 -53.44 30.28 0.00
C ASN A 616 -52.88 31.33 -0.96
N CYS A 617 -51.72 31.87 -0.61
CA CYS A 617 -51.05 32.85 -1.45
C CYS A 617 -50.28 32.18 -2.58
N THR A 618 -49.95 32.98 -3.59
CA THR A 618 -49.25 32.52 -4.77
C THR A 618 -47.75 32.67 -4.65
N GLN A 619 -47.23 33.78 -5.15
CA GLN A 619 -45.79 33.99 -5.14
C GLN A 619 -45.38 35.06 -4.14
N GLY A 620 -46.28 35.38 -3.24
CA GLY A 620 -46.01 36.39 -2.22
C GLY A 620 -47.29 37.07 -1.76
N CYS A 621 -47.13 38.05 -0.88
CA CYS A 621 -48.26 38.75 -0.30
C CYS A 621 -47.85 40.13 0.20
N LYS A 622 -48.85 40.93 0.50
CA LYS A 622 -48.66 42.23 1.12
C LYS A 622 -49.20 42.19 2.56
N GLY A 623 -49.52 40.99 3.03
CA GLY A 623 -50.10 40.81 4.35
C GLY A 623 -50.51 39.35 4.62
N PRO A 624 -50.98 39.10 5.83
CA PRO A 624 -51.31 37.81 6.43
C PRO A 624 -52.64 37.26 5.95
N GLU A 625 -53.42 38.10 5.27
CA GLU A 625 -54.78 37.74 4.91
C GLU A 625 -54.85 37.20 3.49
N LEU A 626 -55.92 36.50 3.16
CA LEU A 626 -56.06 35.91 1.83
C LEU A 626 -56.11 36.98 0.75
N GLN A 627 -56.77 38.08 1.07
CA GLN A 627 -56.96 39.17 0.12
C GLN A 627 -55.66 39.93 -0.11
N ASP A 628 -54.64 39.60 0.67
CA ASP A 628 -53.34 40.23 0.56
C ASP A 628 -52.44 39.46 -0.39
N CYS A 629 -52.93 38.33 -0.90
CA CYS A 629 -52.15 37.46 -1.77
C CYS A 629 -52.00 38.02 -3.18
N LEU A 630 -50.81 37.85 -3.75
CA LEU A 630 -50.55 38.28 -5.12
C LEU A 630 -51.28 37.38 -6.12
N SER B 3 53.87 10.25 -8.47
CA SER B 3 52.93 9.63 -7.53
C SER B 3 52.00 8.64 -8.24
N HIS B 4 50.79 8.51 -7.72
CA HIS B 4 49.78 7.60 -8.27
C HIS B 4 48.72 8.35 -9.04
N LEU B 5 48.96 9.63 -9.30
CA LEU B 5 47.92 10.48 -9.84
C LEU B 5 48.25 11.04 -11.21
N VAL B 6 47.21 11.19 -12.02
CA VAL B 6 47.29 11.83 -13.33
C VAL B 6 46.18 12.85 -13.48
N LYS B 7 46.33 13.75 -14.45
CA LYS B 7 45.30 14.76 -14.67
C LYS B 7 44.10 14.16 -15.40
N CYS B 8 42.92 14.72 -15.16
CA CYS B 8 41.72 14.32 -15.88
C CYS B 8 41.76 14.78 -17.33
N ALA B 9 41.04 14.05 -18.19
CA ALA B 9 40.81 14.44 -19.57
C ALA B 9 39.83 15.59 -19.62
N GLU B 10 39.78 16.30 -20.74
CA GLU B 10 38.94 17.48 -20.81
C GLU B 10 37.47 17.16 -20.50
N LYS B 11 37.03 15.97 -20.91
CA LYS B 11 35.68 15.55 -20.62
C LYS B 11 35.54 15.21 -19.13
N GLU B 12 36.57 14.55 -18.61
CA GLU B 12 36.58 14.09 -17.23
C GLU B 12 36.62 15.25 -16.25
N LYS B 13 37.27 16.32 -16.64
CA LYS B 13 37.40 17.50 -15.81
C LYS B 13 36.04 18.06 -15.42
N THR B 14 35.00 17.64 -16.13
CA THR B 14 33.65 18.16 -15.92
C THR B 14 33.12 17.61 -14.60
N PHE B 15 33.77 16.55 -14.16
CA PHE B 15 33.41 15.84 -12.95
C PHE B 15 33.40 16.75 -11.75
N CYS B 16 34.47 17.52 -11.57
CA CYS B 16 34.56 18.42 -10.43
C CYS B 16 33.82 19.72 -10.69
N VAL B 17 33.25 20.29 -9.63
CA VAL B 17 32.55 21.55 -9.75
C VAL B 17 33.07 22.58 -8.76
N ASN B 18 32.66 23.82 -8.94
CA ASN B 18 33.01 24.87 -8.00
C ASN B 18 34.52 25.03 -7.90
N GLY B 19 35.20 24.86 -9.01
CA GLY B 19 36.63 25.12 -9.08
C GLY B 19 37.47 23.93 -8.62
N GLY B 20 36.84 22.82 -8.27
CA GLY B 20 37.58 21.64 -7.81
C GLY B 20 38.49 21.14 -8.92
N GLU B 21 39.70 20.72 -8.56
CA GLU B 21 40.66 20.20 -9.53
C GLU B 21 40.48 18.71 -9.73
N CYS B 22 40.27 18.29 -10.98
CA CYS B 22 40.00 16.89 -11.28
C CYS B 22 41.27 16.15 -11.63
N PHE B 23 41.44 14.99 -11.01
CA PHE B 23 42.55 14.10 -11.29
C PHE B 23 42.14 12.66 -11.06
N MET B 24 42.92 11.74 -11.60
CA MET B 24 42.56 10.33 -11.56
C MET B 24 43.62 9.47 -10.90
N VAL B 25 43.20 8.31 -10.42
CA VAL B 25 44.15 7.35 -9.90
C VAL B 25 44.64 6.45 -11.02
N LYS B 26 45.96 6.35 -11.16
CA LYS B 26 46.59 5.50 -12.14
C LYS B 26 46.03 4.09 -12.04
N SER B 29 43.02 -0.17 -10.29
CA SER B 29 42.64 1.00 -11.09
C SER B 29 41.95 0.58 -12.38
N ASN B 30 41.42 -0.64 -12.39
CA ASN B 30 40.67 -1.14 -13.53
C ASN B 30 39.50 -0.21 -13.89
N PRO B 31 38.65 0.11 -12.91
CA PRO B 31 37.59 1.10 -12.98
C PRO B 31 38.19 2.48 -12.86
N SER B 32 37.54 3.47 -13.44
CA SER B 32 38.00 4.84 -13.25
C SER B 32 37.64 5.33 -11.86
N ARG B 33 38.58 6.00 -11.22
CA ARG B 33 38.34 6.58 -9.92
C ARG B 33 38.63 8.07 -9.94
N TYR B 34 37.58 8.85 -9.74
CA TYR B 34 37.68 10.29 -9.80
C TYR B 34 37.92 10.88 -8.43
N LEU B 35 38.83 11.82 -8.36
CA LEU B 35 39.07 12.59 -7.17
C LEU B 35 39.04 14.07 -7.48
N CYS B 36 38.63 14.86 -6.52
CA CYS B 36 38.79 16.29 -6.64
C CYS B 36 39.64 16.83 -5.50
N LYS B 37 40.36 17.89 -5.80
CA LYS B 37 40.96 18.72 -4.76
C LYS B 37 40.16 20.00 -4.63
N CYS B 38 39.38 20.07 -3.56
CA CYS B 38 38.49 21.20 -3.34
C CYS B 38 39.23 22.37 -2.76
N PRO B 39 38.75 23.56 -3.03
CA PRO B 39 39.09 24.81 -2.40
C PRO B 39 38.81 24.64 -0.93
N ASN B 40 39.45 25.41 -0.08
CA ASN B 40 39.33 25.15 1.35
C ASN B 40 37.87 25.21 1.81
N GLU B 41 37.07 26.04 1.14
CA GLU B 41 35.69 26.23 1.53
C GLU B 41 34.73 25.19 0.97
N PHE B 42 35.22 24.30 0.11
CA PHE B 42 34.36 23.28 -0.50
C PHE B 42 34.69 21.87 -0.09
N THR B 43 33.66 21.05 -0.03
CA THR B 43 33.83 19.64 0.26
C THR B 43 32.82 18.80 -0.50
N GLY B 44 32.81 17.51 -0.22
CA GLY B 44 32.01 16.56 -0.97
C GLY B 44 32.87 15.91 -2.04
N ASP B 45 32.39 14.80 -2.59
CA ASP B 45 33.19 14.04 -3.53
C ASP B 45 33.50 14.83 -4.79
N ARG B 46 32.63 15.77 -5.14
CA ARG B 46 32.84 16.58 -6.33
C ARG B 46 33.07 18.05 -5.96
N CYS B 47 33.27 18.32 -4.68
CA CYS B 47 33.35 19.71 -4.20
C CYS B 47 32.03 20.45 -4.47
N GLN B 48 30.91 19.75 -4.32
CA GLN B 48 29.61 20.35 -4.53
C GLN B 48 29.03 21.07 -3.32
N ASN B 49 29.53 20.77 -2.13
CA ASN B 49 29.00 21.38 -0.91
C ASN B 49 29.96 22.36 -0.27
N TYR B 50 29.42 23.33 0.46
CA TYR B 50 30.27 24.22 1.23
C TYR B 50 30.65 23.60 2.56
N VAL B 51 31.83 23.96 3.03
CA VAL B 51 32.26 23.57 4.36
C VAL B 51 31.65 24.52 5.39
N MET B 52 31.07 23.96 6.44
CA MET B 52 30.45 24.78 7.48
C MET B 52 31.49 25.30 8.43
N ALA B 53 31.28 26.50 8.95
CA ALA B 53 32.19 27.07 9.92
C ALA B 53 33.63 26.82 9.48
N GLN C 24 -0.28 -33.41 11.40
CA GLN C 24 0.83 -33.26 12.34
C GLN C 24 0.40 -32.49 13.57
N VAL C 25 -0.34 -31.42 13.36
CA VAL C 25 -0.70 -30.55 14.46
C VAL C 25 -2.19 -30.51 14.69
N CYS C 26 -2.59 -30.74 15.93
CA CYS C 26 -3.98 -30.75 16.32
C CYS C 26 -4.13 -30.11 17.68
N THR C 27 -5.36 -29.80 18.07
CA THR C 27 -5.59 -29.18 19.37
C THR C 27 -5.91 -30.21 20.43
N GLY C 28 -5.81 -29.81 21.68
CA GLY C 28 -6.08 -30.71 22.78
C GLY C 28 -7.50 -30.53 23.27
N THR C 29 -7.76 -30.97 24.49
CA THR C 29 -9.10 -30.96 25.05
C THR C 29 -9.13 -30.21 26.38
N ASP C 30 -10.33 -30.04 26.95
CA ASP C 30 -10.48 -29.31 28.19
C ASP C 30 -11.53 -29.94 29.12
N MET C 31 -11.29 -31.19 29.51
CA MET C 31 -12.25 -31.92 30.33
C MET C 31 -11.81 -32.08 31.78
N LYS C 32 -10.51 -32.05 32.04
CA LYS C 32 -10.00 -32.37 33.36
C LYS C 32 -10.54 -33.72 33.78
N LEU C 33 -11.25 -33.76 34.89
CA LEU C 33 -11.73 -35.04 35.39
C LEU C 33 -13.23 -35.18 35.20
N ARG C 34 -13.79 -34.35 34.33
CA ARG C 34 -15.21 -34.41 34.06
C ARG C 34 -15.53 -35.63 33.23
N LEU C 35 -16.69 -36.22 33.47
CA LEU C 35 -17.14 -37.36 32.69
C LEU C 35 -17.45 -36.93 31.28
N PRO C 36 -17.26 -37.83 30.31
CA PRO C 36 -17.60 -37.70 28.92
C PRO C 36 -19.10 -37.72 28.74
N ALA C 37 -19.59 -36.90 27.82
CA ALA C 37 -21.02 -36.87 27.52
C ALA C 37 -21.46 -38.21 26.95
N SER C 38 -20.59 -38.82 26.17
CA SER C 38 -20.91 -40.09 25.54
C SER C 38 -19.78 -41.07 25.67
N PRO C 39 -19.79 -41.86 26.73
CA PRO C 39 -18.83 -42.87 27.06
C PRO C 39 -18.61 -43.80 25.89
N GLU C 40 -19.66 -43.98 25.09
CA GLU C 40 -19.63 -44.86 23.93
C GLU C 40 -18.74 -44.34 22.83
N THR C 41 -18.68 -43.01 22.67
CA THR C 41 -17.93 -42.42 21.57
C THR C 41 -16.67 -41.75 22.07
N HIS C 42 -16.48 -41.77 23.38
CA HIS C 42 -15.32 -41.13 24.00
C HIS C 42 -14.01 -41.61 23.38
N LEU C 43 -13.87 -42.91 23.16
CA LEU C 43 -12.63 -43.40 22.58
C LEU C 43 -12.47 -42.93 21.14
N ASP C 44 -13.57 -42.90 20.40
CA ASP C 44 -13.51 -42.44 19.01
C ASP C 44 -13.12 -40.98 18.99
N MET C 45 -13.66 -40.22 19.93
CA MET C 45 -13.35 -38.82 20.05
C MET C 45 -11.86 -38.61 20.15
N LEU C 46 -11.22 -39.35 21.06
CA LEU C 46 -9.80 -39.18 21.28
C LEU C 46 -9.03 -39.54 20.04
N ARG C 47 -9.48 -40.59 19.34
CA ARG C 47 -8.77 -41.02 18.16
C ARG C 47 -8.81 -39.97 17.08
N HIS C 48 -9.98 -39.41 16.85
CA HIS C 48 -10.13 -38.42 15.81
C HIS C 48 -9.28 -37.20 16.13
N LEU C 49 -9.26 -36.83 17.40
CA LEU C 49 -8.54 -35.64 17.84
C LEU C 49 -7.02 -35.82 17.79
N TYR C 50 -6.53 -36.99 18.20
CA TYR C 50 -5.10 -37.15 18.39
C TYR C 50 -4.41 -38.04 17.35
N GLN C 51 -5.15 -38.84 16.62
CA GLN C 51 -4.51 -39.80 15.73
C GLN C 51 -3.62 -39.10 14.72
N GLY C 52 -2.36 -39.48 14.71
CA GLY C 52 -1.43 -38.99 13.71
C GLY C 52 -0.79 -37.66 14.11
N CYS C 53 -1.18 -37.15 15.28
CA CYS C 53 -0.67 -35.89 15.77
C CYS C 53 0.71 -36.07 16.35
N GLN C 54 1.58 -35.10 16.11
CA GLN C 54 2.88 -35.05 16.73
C GLN C 54 2.89 -33.98 17.80
N VAL C 55 2.12 -32.92 17.55
CA VAL C 55 2.06 -31.81 18.47
C VAL C 55 0.64 -31.53 18.92
N VAL C 56 0.44 -31.44 20.22
CA VAL C 56 -0.87 -31.12 20.75
C VAL C 56 -0.94 -29.67 21.18
N GLN C 57 -1.72 -28.89 20.44
CA GLN C 57 -1.95 -27.49 20.76
C GLN C 57 -3.08 -27.42 21.74
N GLY C 58 -2.80 -27.87 22.94
CA GLY C 58 -3.79 -27.96 23.97
C GLY C 58 -3.33 -28.94 25.03
N ASN C 59 -4.24 -29.32 25.91
CA ASN C 59 -3.92 -30.27 26.95
C ASN C 59 -4.19 -31.67 26.43
N LEU C 60 -3.38 -32.63 26.87
CA LEU C 60 -3.56 -34.01 26.45
C LEU C 60 -4.28 -34.78 27.54
N GLU C 61 -5.52 -35.12 27.29
CA GLU C 61 -6.31 -35.75 28.33
C GLU C 61 -6.85 -37.11 27.94
N LEU C 62 -6.41 -38.11 28.67
CA LEU C 62 -6.80 -39.48 28.41
C LEU C 62 -7.46 -40.03 29.65
N THR C 63 -8.78 -39.94 29.71
CA THR C 63 -9.49 -40.28 30.92
C THR C 63 -10.63 -41.26 30.66
N TYR C 64 -11.00 -41.98 31.70
CA TYR C 64 -12.15 -42.84 31.70
C TYR C 64 -12.12 -43.82 30.53
N LEU C 65 -10.97 -44.42 30.30
CA LEU C 65 -10.82 -45.41 29.24
C LEU C 65 -11.10 -46.81 29.77
N PRO C 66 -11.69 -47.63 28.92
CA PRO C 66 -11.98 -49.03 29.11
C PRO C 66 -10.73 -49.85 28.89
N THR C 67 -10.79 -51.12 29.21
CA THR C 67 -9.68 -51.99 28.91
C THR C 67 -9.70 -52.32 27.43
N ASN C 68 -8.59 -52.84 26.94
CA ASN C 68 -8.52 -53.23 25.53
C ASN C 68 -8.89 -52.06 24.63
N ALA C 69 -8.41 -50.87 24.99
CA ALA C 69 -8.66 -49.69 24.19
C ALA C 69 -7.61 -49.54 23.11
N SER C 70 -8.03 -49.17 21.91
CA SER C 70 -7.10 -48.96 20.81
C SER C 70 -6.45 -47.59 20.93
N LEU C 71 -5.39 -47.53 21.72
CA LEU C 71 -4.73 -46.27 22.01
C LEU C 71 -3.48 -46.06 21.16
N SER C 72 -3.30 -46.92 20.16
CA SER C 72 -2.08 -46.91 19.37
C SER C 72 -1.97 -45.61 18.58
N PHE C 73 -3.07 -44.89 18.47
CA PHE C 73 -3.10 -43.66 17.68
C PHE C 73 -2.34 -42.55 18.38
N LEU C 74 -2.01 -42.77 19.65
CA LEU C 74 -1.30 -41.79 20.46
C LEU C 74 0.22 -41.89 20.29
N GLN C 75 0.66 -42.93 19.60
CA GLN C 75 2.09 -43.22 19.53
C GLN C 75 2.87 -42.12 18.81
N ASP C 76 2.16 -41.28 18.07
CA ASP C 76 2.81 -40.27 17.26
C ASP C 76 3.14 -39.00 18.05
N ILE C 77 2.53 -38.84 19.21
CA ILE C 77 2.67 -37.59 19.95
C ILE C 77 4.08 -37.39 20.49
N GLN C 78 4.65 -36.23 20.20
CA GLN C 78 5.98 -35.88 20.68
C GLN C 78 5.94 -34.72 21.68
N GLU C 79 5.02 -33.78 21.46
CA GLU C 79 4.97 -32.60 22.32
C GLU C 79 3.57 -32.25 22.75
N VAL C 80 3.44 -31.84 24.01
CA VAL C 80 2.19 -31.32 24.52
C VAL C 80 2.39 -29.89 25.02
N GLN C 81 1.63 -28.95 24.45
CA GLN C 81 1.79 -27.55 24.80
C GLN C 81 1.28 -27.29 26.19
N GLY C 82 0.27 -28.03 26.60
CA GLY C 82 -0.32 -27.90 27.93
C GLY C 82 0.16 -29.03 28.84
N TYR C 83 -0.75 -29.55 29.64
CA TYR C 83 -0.44 -30.59 30.61
C TYR C 83 -0.91 -31.94 30.11
N VAL C 84 -0.40 -32.99 30.73
CA VAL C 84 -0.83 -34.33 30.39
C VAL C 84 -1.57 -34.96 31.55
N LEU C 85 -2.81 -35.34 31.31
CA LEU C 85 -3.64 -35.93 32.34
C LEU C 85 -4.10 -37.32 31.96
N ILE C 86 -3.76 -38.27 32.78
CA ILE C 86 -4.20 -39.64 32.59
C ILE C 86 -4.92 -40.07 33.84
N ALA C 87 -6.21 -40.32 33.74
CA ALA C 87 -6.98 -40.57 34.96
C ALA C 87 -8.14 -41.51 34.72
N HIS C 88 -8.43 -42.30 35.75
CA HIS C 88 -9.58 -43.18 35.77
C HIS C 88 -9.61 -44.14 34.60
N ASN C 89 -8.44 -44.62 34.19
CA ASN C 89 -8.35 -45.55 33.09
C ASN C 89 -8.08 -46.95 33.60
N GLN C 90 -8.70 -47.94 32.97
CA GLN C 90 -8.46 -49.33 33.36
C GLN C 90 -7.37 -49.96 32.51
N VAL C 91 -6.82 -49.20 31.59
CA VAL C 91 -5.84 -49.71 30.64
C VAL C 91 -4.54 -50.03 31.35
N ARG C 92 -3.80 -51.00 30.85
CA ARG C 92 -2.54 -51.39 31.45
C ARG C 92 -1.40 -50.48 31.03
N GLN C 93 -1.47 -49.96 29.83
CA GLN C 93 -0.40 -49.12 29.31
C GLN C 93 -0.95 -48.04 28.40
N VAL C 94 -0.26 -46.93 28.34
CA VAL C 94 -0.59 -45.87 27.41
C VAL C 94 0.63 -45.56 26.55
N PRO C 95 0.51 -45.78 25.25
CA PRO C 95 1.56 -45.73 24.25
C PRO C 95 1.97 -44.32 23.89
N LEU C 96 2.60 -43.64 24.83
CA LEU C 96 3.15 -42.32 24.60
C LEU C 96 4.67 -42.33 24.68
N GLN C 97 5.25 -43.40 24.15
CA GLN C 97 6.69 -43.59 24.23
C GLN C 97 7.47 -42.48 23.55
N ARG C 98 6.88 -41.84 22.56
CA ARG C 98 7.58 -40.80 21.80
C ARG C 98 7.44 -39.42 22.41
N LEU C 99 6.68 -39.30 23.49
CA LEU C 99 6.49 -38.00 24.12
C LEU C 99 7.79 -37.48 24.69
N ARG C 100 8.22 -36.30 24.21
CA ARG C 100 9.49 -35.72 24.64
C ARG C 100 9.29 -34.56 25.61
N ILE C 101 8.31 -33.71 25.34
CA ILE C 101 8.09 -32.54 26.17
C ILE C 101 6.67 -32.34 26.64
N VAL C 102 6.54 -32.00 27.90
CA VAL C 102 5.30 -31.47 28.43
C VAL C 102 5.57 -30.04 28.83
N ARG C 103 5.09 -29.10 28.03
CA ARG C 103 5.47 -27.71 28.21
C ARG C 103 4.76 -27.08 29.38
N GLY C 104 3.55 -27.55 29.68
CA GLY C 104 2.84 -27.09 30.86
C GLY C 104 2.39 -25.64 30.77
N THR C 105 2.01 -25.18 29.58
CA THR C 105 1.59 -23.78 29.45
C THR C 105 0.45 -23.56 30.42
N GLN C 106 -0.47 -24.51 30.44
CA GLN C 106 -1.49 -24.61 31.47
C GLN C 106 -1.18 -25.84 32.30
N LEU C 107 -1.44 -25.77 33.58
CA LEU C 107 -1.14 -26.89 34.45
C LEU C 107 -2.41 -27.43 35.09
N PHE C 108 -2.42 -28.71 35.41
CA PHE C 108 -3.65 -29.42 35.75
C PHE C 108 -4.36 -28.85 36.96
N GLU C 109 -3.75 -28.95 38.14
CA GLU C 109 -4.32 -28.41 39.35
C GLU C 109 -3.34 -27.51 40.05
N ASP C 110 -2.70 -28.03 41.10
CA ASP C 110 -1.74 -27.25 41.84
C ASP C 110 -0.41 -27.26 41.12
N ASN C 111 -0.40 -26.63 39.97
CA ASN C 111 0.79 -26.52 39.16
C ASN C 111 1.41 -27.88 38.82
N TYR C 112 0.60 -28.81 38.33
CA TYR C 112 1.13 -30.10 37.90
C TYR C 112 1.12 -30.20 36.37
N ALA C 113 2.25 -30.57 35.79
CA ALA C 113 2.32 -30.70 34.33
C ALA C 113 1.87 -32.06 33.92
N LEU C 114 2.15 -33.03 34.77
CA LEU C 114 1.78 -34.41 34.55
C LEU C 114 0.96 -34.93 35.70
N ALA C 115 -0.20 -35.50 35.41
CA ALA C 115 -1.02 -36.06 36.46
C ALA C 115 -1.52 -37.44 36.08
N VAL C 116 -1.31 -38.38 36.99
CA VAL C 116 -1.74 -39.75 36.81
C VAL C 116 -2.60 -40.13 38.00
N LEU C 117 -3.90 -40.23 37.79
CA LEU C 117 -4.80 -40.35 38.92
C LEU C 117 -5.80 -41.47 38.78
N ASP C 118 -5.92 -42.25 39.85
CA ASP C 118 -6.99 -43.23 40.00
C ASP C 118 -7.06 -44.22 38.85
N ASN C 119 -5.92 -44.58 38.30
CA ASN C 119 -5.90 -45.54 37.20
C ASN C 119 -5.81 -46.94 37.75
N GLY C 120 -6.90 -47.37 38.38
CA GLY C 120 -6.98 -48.69 38.98
C GLY C 120 -8.25 -49.40 38.53
N GLY C 135 -7.69 -53.88 36.50
CA GLY C 135 -7.31 -52.84 35.55
C GLY C 135 -6.42 -51.80 36.20
N GLY C 136 -5.74 -51.01 35.38
CA GLY C 136 -4.86 -49.96 35.89
C GLY C 136 -3.46 -50.04 35.32
N LEU C 137 -2.78 -48.89 35.32
CA LEU C 137 -1.47 -48.75 34.70
C LEU C 137 -0.40 -49.47 35.48
N ARG C 138 0.49 -50.15 34.77
CA ARG C 138 1.64 -50.78 35.38
C ARG C 138 2.95 -50.09 35.03
N GLU C 139 3.03 -49.56 33.82
CA GLU C 139 4.25 -48.90 33.36
C GLU C 139 3.91 -47.53 32.80
N LEU C 140 4.86 -46.61 32.89
CA LEU C 140 4.66 -45.28 32.35
C LEU C 140 5.05 -45.28 30.88
N GLN C 141 6.14 -45.97 30.58
CA GLN C 141 6.61 -46.14 29.22
C GLN C 141 6.93 -44.82 28.53
N LEU C 142 7.10 -43.77 29.31
CA LEU C 142 7.39 -42.47 28.74
C LEU C 142 8.87 -42.36 28.44
N ARG C 143 9.32 -43.21 27.55
CA ARG C 143 10.73 -43.41 27.28
C ARG C 143 11.39 -42.12 26.82
N SER C 144 10.71 -41.39 25.96
CA SER C 144 11.28 -40.22 25.34
C SER C 144 11.14 -38.97 26.19
N LEU C 145 10.42 -39.07 27.30
CA LEU C 145 10.14 -37.87 28.08
C LEU C 145 11.36 -37.46 28.86
N THR C 146 11.93 -36.34 28.45
CA THR C 146 13.13 -35.84 29.07
C THR C 146 12.95 -34.45 29.61
N GLU C 147 11.84 -33.80 29.25
CA GLU C 147 11.64 -32.44 29.70
C GLU C 147 10.22 -32.09 30.14
N ILE C 148 10.16 -31.40 31.26
CA ILE C 148 9.00 -30.65 31.71
C ILE C 148 9.46 -29.21 31.92
N LEU C 149 8.78 -28.25 31.29
CA LEU C 149 9.22 -26.85 31.44
C LEU C 149 8.60 -26.15 32.64
N LYS C 150 7.35 -26.45 32.92
CA LYS C 150 6.67 -25.81 34.03
C LYS C 150 5.82 -26.81 34.77
N GLY C 151 5.68 -26.60 36.06
CA GLY C 151 4.81 -27.45 36.87
C GLY C 151 5.53 -28.68 37.40
N GLY C 152 4.82 -29.44 38.22
CA GLY C 152 5.35 -30.64 38.86
C GLY C 152 4.67 -31.90 38.35
N VAL C 153 4.76 -32.97 39.15
CA VAL C 153 4.24 -34.28 38.79
C VAL C 153 3.36 -34.84 39.90
N LEU C 154 2.13 -35.19 39.55
CA LEU C 154 1.18 -35.73 40.51
C LEU C 154 0.74 -37.14 40.15
N ILE C 155 1.23 -38.13 40.90
CA ILE C 155 0.88 -39.52 40.65
C ILE C 155 0.27 -40.14 41.91
N GLN C 156 -1.04 -40.33 41.91
CA GLN C 156 -1.69 -40.82 43.11
C GLN C 156 -2.74 -41.89 42.86
N ARG C 157 -2.87 -42.81 43.81
CA ARG C 157 -3.92 -43.81 43.79
C ARG C 157 -3.94 -44.59 42.50
N ASN C 158 -2.79 -45.17 42.15
CA ASN C 158 -2.67 -45.95 40.93
C ASN C 158 -2.07 -47.31 41.25
N PRO C 159 -2.88 -48.19 41.83
CA PRO C 159 -2.51 -49.40 42.54
C PRO C 159 -2.10 -50.54 41.62
N GLN C 160 -1.22 -50.23 40.68
CA GLN C 160 -0.64 -51.20 39.77
C GLN C 160 0.71 -50.68 39.32
N LEU C 161 0.85 -49.37 39.40
CA LEU C 161 1.98 -48.65 38.81
C LEU C 161 3.28 -48.93 39.57
N CYS C 162 4.34 -49.27 38.82
CA CYS C 162 5.58 -49.73 39.42
C CYS C 162 6.68 -48.66 39.50
N TYR C 163 6.73 -47.73 38.55
CA TYR C 163 7.95 -46.92 38.42
C TYR C 163 7.77 -45.42 38.66
N GLN C 164 6.74 -45.06 39.40
CA GLN C 164 6.46 -43.66 39.67
C GLN C 164 7.50 -43.04 40.60
N ASP C 165 8.21 -43.89 41.33
CA ASP C 165 9.20 -43.43 42.30
C ASP C 165 10.60 -43.86 41.90
N THR C 166 10.74 -44.30 40.65
CA THR C 166 12.02 -44.76 40.16
C THR C 166 12.66 -43.75 39.22
N ILE C 167 11.83 -42.89 38.65
CA ILE C 167 12.28 -41.90 37.69
C ILE C 167 12.92 -40.72 38.38
N LEU C 168 14.04 -40.28 37.85
CA LEU C 168 14.73 -39.13 38.40
C LEU C 168 14.11 -37.87 37.85
N TRP C 169 12.98 -37.50 38.44
CA TRP C 169 12.20 -36.36 37.97
C TRP C 169 13.01 -35.08 37.98
N LYS C 170 14.02 -35.01 38.84
CA LYS C 170 14.84 -33.82 38.92
C LYS C 170 15.56 -33.56 37.59
N ASP C 171 15.90 -34.62 36.86
CA ASP C 171 16.61 -34.46 35.60
C ASP C 171 15.64 -33.97 34.54
N ILE C 172 14.42 -34.49 34.61
CA ILE C 172 13.40 -34.18 33.64
C ILE C 172 13.02 -32.71 33.72
N PHE C 173 12.90 -32.19 34.93
CA PHE C 173 12.59 -30.79 35.09
C PHE C 173 13.67 -29.92 34.48
N HIS C 174 13.26 -28.96 33.68
CA HIS C 174 14.18 -28.04 33.02
C HIS C 174 15.02 -27.27 34.03
N LYS C 175 16.19 -26.84 33.59
CA LYS C 175 17.12 -26.08 34.44
C LYS C 175 16.45 -24.86 35.10
N ASN C 176 15.55 -24.21 34.38
CA ASN C 176 14.90 -23.00 34.86
C ASN C 176 14.13 -23.24 36.15
N ASN C 177 14.07 -22.22 36.99
CA ASN C 177 13.37 -22.33 38.28
C ASN C 177 11.91 -22.75 38.09
N GLN C 178 11.54 -23.82 38.79
CA GLN C 178 10.20 -24.38 38.73
C GLN C 178 9.72 -24.78 40.10
N LEU C 179 8.41 -24.85 40.29
CA LEU C 179 7.90 -25.46 41.51
C LEU C 179 8.44 -26.86 41.60
N ALA C 180 8.30 -27.60 40.51
CA ALA C 180 8.88 -28.93 40.42
C ALA C 180 8.48 -29.74 41.63
N LEU C 181 7.22 -29.63 42.01
CA LEU C 181 6.69 -30.37 43.12
C LEU C 181 6.29 -31.74 42.65
N THR C 182 6.73 -32.75 43.36
CA THR C 182 6.37 -34.10 43.01
C THR C 182 5.65 -34.76 44.15
N LEU C 183 4.50 -35.32 43.83
CA LEU C 183 3.70 -36.07 44.79
C LEU C 183 3.60 -37.49 44.33
N ILE C 184 4.41 -38.36 44.92
CA ILE C 184 4.46 -39.71 44.42
C ILE C 184 3.88 -40.70 45.40
N ASP C 185 2.81 -41.35 44.99
CA ASP C 185 2.12 -42.36 45.76
C ASP C 185 2.71 -43.73 45.48
N THR C 186 3.32 -44.33 46.48
CA THR C 186 4.02 -45.60 46.33
C THR C 186 3.17 -46.78 46.79
N ASN C 187 1.91 -46.54 47.14
CA ASN C 187 1.03 -47.60 47.60
C ASN C 187 0.49 -48.39 46.41
N ARG C 188 1.38 -49.11 45.75
CA ARG C 188 1.06 -49.81 44.52
C ARG C 188 0.45 -51.18 44.75
N SER C 189 0.76 -51.80 45.88
CA SER C 189 0.27 -53.15 46.14
C SER C 189 0.54 -54.07 44.97
N ARG C 190 1.76 -53.99 44.44
CA ARG C 190 2.15 -54.77 43.28
C ARG C 190 3.58 -55.24 43.42
N ALA C 191 3.81 -56.51 43.08
CA ALA C 191 5.17 -57.05 43.07
C ALA C 191 5.80 -56.76 41.73
N CYS C 192 6.69 -55.78 41.71
CA CYS C 192 7.28 -55.31 40.46
C CYS C 192 8.71 -55.83 40.27
N HIS C 193 9.08 -56.04 39.02
CA HIS C 193 10.44 -56.43 38.69
C HIS C 193 11.35 -55.21 38.76
N PRO C 194 12.57 -55.39 39.24
CA PRO C 194 13.70 -54.46 39.18
C PRO C 194 14.00 -54.04 37.75
N CYS C 195 14.53 -52.83 37.59
CA CYS C 195 14.86 -52.33 36.26
C CYS C 195 15.88 -53.23 35.58
N SER C 196 15.77 -53.34 34.27
CA SER C 196 16.69 -54.14 33.48
C SER C 196 18.13 -53.81 33.86
N PRO C 197 19.02 -54.80 33.79
CA PRO C 197 20.45 -54.71 34.00
C PRO C 197 21.06 -53.59 33.17
N MET C 198 20.41 -53.26 32.05
CA MET C 198 20.90 -52.22 31.16
C MET C 198 20.67 -50.82 31.76
N CYS C 199 19.75 -50.75 32.71
CA CYS C 199 19.33 -49.48 33.28
C CYS C 199 20.28 -49.07 34.40
N LYS C 200 21.48 -48.66 34.01
CA LYS C 200 22.47 -48.26 34.99
C LYS C 200 21.89 -47.16 35.85
N GLY C 201 22.00 -47.32 37.16
CA GLY C 201 21.44 -46.35 38.09
C GLY C 201 20.03 -46.77 38.52
N SER C 202 19.54 -47.87 37.94
CA SER C 202 18.22 -48.40 38.26
C SER C 202 17.13 -47.39 38.01
N ARG C 203 17.23 -46.69 36.89
CA ARG C 203 16.21 -45.75 36.50
C ARG C 203 15.51 -46.21 35.23
N CYS C 204 14.22 -46.48 35.32
CA CYS C 204 13.47 -47.00 34.18
C CYS C 204 11.99 -46.61 34.26
N TRP C 205 11.34 -46.66 33.11
CA TRP C 205 9.92 -46.37 32.98
C TRP C 205 9.09 -47.64 32.99
N GLY C 206 9.77 -48.77 33.01
CA GLY C 206 9.13 -50.07 32.81
C GLY C 206 10.14 -51.19 33.01
N GLU C 207 9.71 -52.44 32.78
CA GLU C 207 10.56 -53.59 33.07
C GLU C 207 11.51 -53.96 31.93
N SER C 208 11.34 -53.33 30.77
CA SER C 208 12.15 -53.65 29.60
C SER C 208 13.44 -52.83 29.56
N SER C 209 14.38 -53.25 28.73
CA SER C 209 15.64 -52.51 28.58
C SER C 209 15.42 -51.21 27.84
N GLU C 210 14.40 -51.18 27.00
CA GLU C 210 14.07 -49.98 26.26
C GLU C 210 13.49 -48.92 27.18
N ASP C 211 13.13 -49.34 28.39
CA ASP C 211 12.48 -48.46 29.33
C ASP C 211 13.49 -47.73 30.21
N CYS C 212 14.77 -47.98 29.98
CA CYS C 212 15.80 -47.36 30.78
C CYS C 212 15.75 -45.85 30.57
N GLN C 213 15.79 -45.10 31.67
CA GLN C 213 15.74 -43.65 31.62
C GLN C 213 17.08 -43.06 31.24
N SER C 214 17.05 -42.11 30.32
CA SER C 214 18.24 -41.36 29.99
C SER C 214 18.28 -40.09 30.81
N LEU C 215 19.49 -39.58 31.07
CA LEU C 215 19.64 -38.34 31.80
C LEU C 215 20.29 -37.30 30.93
N THR C 216 19.71 -36.11 30.88
CA THR C 216 20.19 -35.09 29.97
C THR C 216 20.78 -33.87 30.67
N ARG C 217 20.49 -33.69 31.96
CA ARG C 217 20.90 -32.48 32.66
C ARG C 217 21.85 -32.77 33.83
N THR C 218 21.50 -33.78 34.63
CA THR C 218 22.21 -34.03 35.88
C THR C 218 23.56 -34.67 35.58
N VAL C 219 23.78 -34.95 34.32
CA VAL C 219 25.02 -35.57 33.86
C VAL C 219 25.86 -34.62 33.00
N CYS C 220 25.46 -33.34 32.93
CA CYS C 220 26.15 -32.39 32.06
C CYS C 220 27.43 -31.85 32.66
N ALA C 221 28.37 -31.57 31.76
CA ALA C 221 29.59 -30.86 32.08
C ALA C 221 29.29 -29.38 32.21
N GLY C 222 30.05 -28.69 33.03
CA GLY C 222 29.92 -27.25 33.15
C GLY C 222 28.51 -26.88 33.61
N GLY C 223 27.90 -25.92 32.91
CA GLY C 223 26.57 -25.44 33.25
C GLY C 223 25.54 -25.75 32.17
N CYS C 224 25.87 -26.69 31.29
CA CYS C 224 25.01 -27.01 30.16
C CYS C 224 23.66 -27.55 30.62
N ALA C 225 22.59 -27.00 30.05
CA ALA C 225 21.24 -27.41 30.43
C ALA C 225 20.91 -28.81 29.94
N ARG C 226 21.40 -29.15 28.75
CA ARG C 226 21.15 -30.46 28.16
C ARG C 226 22.39 -30.98 27.50
N CYS C 227 22.60 -32.30 27.55
CA CYS C 227 23.75 -32.91 26.90
C CYS C 227 23.42 -34.28 26.32
N LYS C 228 24.32 -34.78 25.49
CA LYS C 228 24.27 -36.12 24.95
C LYS C 228 25.03 -37.08 25.85
N GLY C 229 25.79 -36.51 26.77
CA GLY C 229 26.76 -37.25 27.57
C GLY C 229 27.50 -36.31 28.52
N PRO C 230 28.49 -36.85 29.22
CA PRO C 230 29.25 -36.26 30.32
C PRO C 230 30.31 -35.25 29.89
N LEU C 231 30.58 -35.16 28.59
CA LEU C 231 31.66 -34.29 28.13
C LEU C 231 31.13 -32.94 27.72
N PRO C 232 31.97 -31.91 27.79
CA PRO C 232 31.73 -30.58 27.26
C PRO C 232 31.36 -30.67 25.79
N THR C 233 31.87 -31.69 25.11
CA THR C 233 31.64 -31.86 23.69
C THR C 233 30.24 -32.39 23.44
N ASP C 234 29.60 -32.83 24.51
CA ASP C 234 28.28 -33.43 24.43
C ASP C 234 27.19 -32.40 24.74
N CYS C 235 27.59 -31.16 25.01
CA CYS C 235 26.61 -30.13 25.32
C CYS C 235 25.73 -29.80 24.13
N CYS C 236 24.45 -29.62 24.41
CA CYS C 236 23.48 -29.23 23.40
C CYS C 236 23.39 -27.72 23.28
N HIS C 237 22.97 -27.25 22.11
CA HIS C 237 22.75 -25.83 21.90
C HIS C 237 21.73 -25.32 22.91
N GLU C 238 21.91 -24.07 23.33
CA GLU C 238 21.06 -23.48 24.36
C GLU C 238 19.59 -23.45 23.99
N GLN C 239 19.29 -23.51 22.70
CA GLN C 239 17.90 -23.46 22.25
C GLN C 239 17.25 -24.84 22.21
N CYS C 240 18.02 -25.87 22.56
CA CYS C 240 17.52 -27.23 22.59
C CYS C 240 16.77 -27.50 23.89
N ALA C 241 15.76 -28.35 23.84
CA ALA C 241 14.93 -28.61 25.00
C ALA C 241 15.06 -30.05 25.50
N ALA C 242 14.55 -30.99 24.73
CA ALA C 242 14.50 -32.39 25.18
C ALA C 242 15.86 -33.04 25.09
N GLY C 243 16.79 -32.36 24.45
CA GLY C 243 18.12 -32.91 24.22
C GLY C 243 18.50 -32.68 22.76
N CYS C 244 19.55 -33.33 22.30
CA CYS C 244 20.03 -33.11 20.96
C CYS C 244 20.75 -34.32 20.39
N THR C 245 20.98 -34.27 19.09
CA THR C 245 21.74 -35.28 18.38
C THR C 245 23.10 -34.70 18.01
N GLY C 246 23.29 -33.43 18.35
CA GLY C 246 24.50 -32.69 18.00
C GLY C 246 24.46 -31.30 18.63
N PRO C 247 25.55 -30.55 18.49
CA PRO C 247 25.84 -29.28 19.11
C PRO C 247 25.07 -28.09 18.51
N LYS C 248 24.46 -28.29 17.36
CA LYS C 248 23.82 -27.18 16.67
C LYS C 248 22.36 -27.02 17.05
N HIS C 249 21.80 -25.87 16.74
CA HIS C 249 20.39 -25.59 17.01
C HIS C 249 19.52 -26.26 15.96
N SER C 250 20.18 -26.90 15.01
CA SER C 250 19.51 -27.68 13.99
C SER C 250 19.48 -29.16 14.38
N ASP C 251 20.17 -29.48 15.49
CA ASP C 251 20.33 -30.86 15.95
C ASP C 251 19.44 -31.17 17.13
N CYS C 252 18.57 -30.23 17.48
CA CYS C 252 17.75 -30.38 18.68
C CYS C 252 16.69 -31.47 18.49
N LEU C 253 16.39 -32.17 19.58
CA LEU C 253 15.30 -33.14 19.57
C LEU C 253 13.99 -32.39 19.60
N ALA C 254 14.00 -31.26 20.29
CA ALA C 254 12.85 -30.39 20.41
C ALA C 254 13.34 -29.01 20.80
N CYS C 255 12.56 -27.98 20.46
CA CYS C 255 12.98 -26.61 20.73
C CYS C 255 12.46 -26.11 22.07
N LEU C 256 13.31 -25.35 22.76
CA LEU C 256 12.96 -24.77 24.05
C LEU C 256 12.05 -23.57 23.91
N HIS C 257 12.37 -22.69 22.97
CA HIS C 257 11.61 -21.46 22.85
C HIS C 257 10.69 -21.46 21.66
N PHE C 258 11.20 -21.94 20.53
CA PHE C 258 10.47 -21.80 19.29
C PHE C 258 11.12 -22.54 18.11
N ASN C 259 10.30 -23.23 17.32
CA ASN C 259 10.80 -24.00 16.18
C ASN C 259 10.54 -23.25 14.86
N HIS C 260 11.63 -22.88 14.19
CA HIS C 260 11.55 -22.21 12.91
C HIS C 260 12.02 -23.14 11.79
N SER C 261 11.08 -23.85 11.19
CA SER C 261 11.38 -24.71 10.05
C SER C 261 12.60 -25.59 10.27
N GLY C 262 12.69 -26.23 11.42
CA GLY C 262 13.80 -27.14 11.69
C GLY C 262 14.88 -26.51 12.58
N ILE C 263 14.89 -25.19 12.68
CA ILE C 263 15.89 -24.51 13.48
C ILE C 263 15.31 -23.92 14.76
N CYS C 264 15.91 -24.25 15.88
CA CYS C 264 15.44 -23.70 17.14
C CYS C 264 15.99 -22.30 17.34
N GLU C 265 15.08 -21.35 17.51
CA GLU C 265 15.41 -19.94 17.60
C GLU C 265 14.60 -19.28 18.70
N LEU C 266 15.04 -18.11 19.15
CA LEU C 266 14.33 -17.40 20.19
C LEU C 266 13.03 -16.79 19.69
N HIS C 267 13.04 -16.28 18.47
CA HIS C 267 11.86 -15.62 17.92
C HIS C 267 11.59 -16.03 16.49
N CYS C 268 10.34 -15.91 16.07
CA CYS C 268 9.99 -16.00 14.67
C CYS C 268 10.34 -14.68 13.98
N PRO C 269 11.00 -14.72 12.83
CA PRO C 269 11.41 -13.59 12.02
C PRO C 269 10.24 -12.65 11.79
N ALA C 270 10.47 -11.36 12.04
CA ALA C 270 9.42 -10.37 11.95
C ALA C 270 8.93 -10.22 10.52
N LEU C 271 7.64 -9.98 10.35
CA LEU C 271 7.11 -9.73 9.02
C LEU C 271 7.65 -8.41 8.50
N VAL C 272 7.77 -7.45 9.41
CA VAL C 272 8.32 -6.14 9.10
C VAL C 272 9.46 -5.81 10.07
N THR C 273 10.60 -5.44 9.52
CA THR C 273 11.79 -5.12 10.29
C THR C 273 12.01 -3.62 10.39
N TYR C 274 13.04 -3.17 11.10
CA TYR C 274 13.33 -1.76 11.32
C TYR C 274 14.80 -1.48 11.06
N ASN C 275 15.06 -0.46 10.25
CA ASN C 275 16.40 0.00 9.93
C ASN C 275 16.81 1.07 10.93
N THR C 276 17.74 0.72 11.81
CA THR C 276 18.13 1.60 12.89
C THR C 276 19.02 2.74 12.41
N ASP C 277 19.56 2.68 11.20
CA ASP C 277 20.47 3.67 10.65
C ASP C 277 19.71 4.74 9.86
N THR C 278 18.67 4.32 9.13
CA THR C 278 17.81 5.22 8.35
C THR C 278 16.47 5.52 9.02
N PHE C 279 16.18 4.92 10.17
CA PHE C 279 14.91 5.07 10.91
C PHE C 279 13.70 4.75 10.01
N GLU C 280 13.70 3.60 9.35
CA GLU C 280 12.62 3.19 8.44
C GLU C 280 12.23 1.75 8.66
N SER C 281 10.94 1.43 8.65
CA SER C 281 10.51 0.03 8.60
C SER C 281 10.62 -0.53 7.18
N MET C 282 10.84 -1.84 7.09
CA MET C 282 10.95 -2.58 5.83
C MET C 282 10.25 -3.92 5.91
N PRO C 283 9.62 -4.35 4.83
CA PRO C 283 9.11 -5.69 4.61
C PRO C 283 10.24 -6.70 4.74
N ASN C 284 9.94 -7.84 5.35
CA ASN C 284 10.93 -8.90 5.49
C ASN C 284 10.52 -10.14 4.70
N PRO C 285 11.18 -10.39 3.58
CA PRO C 285 10.98 -11.52 2.70
C PRO C 285 11.04 -12.83 3.49
N GLU C 286 11.82 -12.83 4.56
CA GLU C 286 12.00 -14.03 5.37
C GLU C 286 11.12 -14.02 6.61
N GLY C 287 10.21 -13.06 6.69
CA GLY C 287 9.32 -12.95 7.83
C GLY C 287 8.26 -14.03 7.79
N ARG C 288 7.84 -14.49 8.95
CA ARG C 288 6.84 -15.54 9.04
C ARG C 288 5.86 -15.30 10.17
N TYR C 289 4.75 -16.01 10.14
CA TYR C 289 3.75 -15.87 11.17
C TYR C 289 4.04 -16.85 12.28
N THR C 290 3.75 -16.44 13.50
CA THR C 290 3.92 -17.34 14.63
C THR C 290 2.63 -18.03 14.94
N PHE C 291 2.66 -19.34 14.87
CA PHE C 291 1.52 -20.16 15.19
C PHE C 291 1.90 -21.11 16.30
N GLY C 292 1.33 -20.95 17.47
CA GLY C 292 1.71 -21.85 18.53
C GLY C 292 3.20 -21.66 18.77
N ALA C 293 3.97 -22.72 18.54
CA ALA C 293 5.40 -22.67 18.79
C ALA C 293 6.22 -22.92 17.52
N SER C 294 5.68 -22.57 16.35
CA SER C 294 6.41 -22.69 15.08
C SER C 294 6.02 -21.61 14.07
N CYS C 295 6.92 -21.36 13.10
CA CYS C 295 6.62 -20.45 12.00
C CYS C 295 5.71 -21.09 10.97
N VAL C 296 4.83 -20.28 10.39
CA VAL C 296 4.06 -20.69 9.24
C VAL C 296 4.14 -19.59 8.18
N THR C 297 3.92 -19.96 6.93
CA THR C 297 3.93 -18.96 5.87
C THR C 297 2.61 -18.23 5.85
N ALA C 298 1.60 -18.89 6.40
CA ALA C 298 0.28 -18.33 6.55
C ALA C 298 -0.43 -19.02 7.69
N CYS C 299 -1.34 -18.32 8.34
CA CYS C 299 -2.11 -18.91 9.43
C CYS C 299 -3.03 -20.00 8.90
N PRO C 300 -3.12 -21.12 9.63
CA PRO C 300 -4.02 -22.23 9.44
C PRO C 300 -5.45 -21.77 9.45
N TYR C 301 -6.33 -22.56 8.85
CA TYR C 301 -7.72 -22.18 8.68
C TYR C 301 -8.39 -21.93 10.03
N ASN C 302 -9.23 -20.91 10.07
CA ASN C 302 -9.94 -20.49 11.27
C ASN C 302 -9.08 -19.63 12.19
N TYR C 303 -7.83 -19.41 11.82
CA TYR C 303 -6.97 -18.53 12.60
C TYR C 303 -6.79 -17.19 11.89
N LEU C 304 -6.74 -16.13 12.69
CA LEU C 304 -6.58 -14.80 12.13
C LEU C 304 -5.12 -14.44 12.05
N SER C 305 -4.75 -13.78 10.97
CA SER C 305 -3.42 -13.22 10.89
C SER C 305 -3.39 -11.85 11.55
N THR C 306 -2.22 -11.40 11.95
CA THR C 306 -2.06 -10.10 12.58
C THR C 306 -0.87 -9.35 11.99
N ASP C 307 -0.79 -8.05 12.21
CA ASP C 307 0.31 -7.21 11.74
C ASP C 307 1.56 -7.33 12.63
N VAL C 308 1.42 -7.74 13.89
CA VAL C 308 2.54 -8.20 14.72
C VAL C 308 3.06 -9.59 14.32
N GLY C 309 2.28 -10.39 13.57
CA GLY C 309 2.73 -11.62 12.97
C GLY C 309 2.33 -12.84 13.78
N PHE C 310 1.33 -12.68 14.64
CA PHE C 310 0.84 -13.83 15.40
C PHE C 310 -0.45 -14.37 14.82
N CYS C 311 -0.60 -15.68 14.89
CA CYS C 311 -1.85 -16.33 14.52
C CYS C 311 -2.71 -16.51 15.77
N THR C 312 -3.92 -15.97 15.72
CA THR C 312 -4.76 -15.96 16.90
C THR C 312 -6.16 -16.51 16.62
N LEU C 313 -6.83 -16.87 17.69
CA LEU C 313 -8.24 -17.22 17.62
C LEU C 313 -9.10 -16.04 18.01
N VAL C 314 -8.44 -14.95 18.36
CA VAL C 314 -9.10 -13.76 18.84
C VAL C 314 -8.58 -12.52 18.14
N CYS C 315 -9.46 -11.56 17.91
CA CYS C 315 -9.07 -10.27 17.37
C CYS C 315 -9.01 -9.24 18.50
N PRO C 316 -7.80 -8.79 18.85
CA PRO C 316 -7.49 -7.90 19.94
C PRO C 316 -8.35 -6.65 19.93
N LEU C 317 -8.48 -6.04 21.10
CA LEU C 317 -9.31 -4.85 21.27
C LEU C 317 -8.87 -3.70 20.37
N HIS C 318 -9.86 -2.96 19.87
CA HIS C 318 -9.64 -1.86 18.93
C HIS C 318 -9.19 -2.34 17.57
N ASN C 319 -9.74 -3.48 17.15
CA ASN C 319 -9.47 -4.03 15.83
C ASN C 319 -10.75 -4.62 15.25
N GLN C 320 -10.68 -5.10 14.01
CA GLN C 320 -11.82 -5.72 13.34
C GLN C 320 -11.38 -6.99 12.63
N GLU C 321 -12.29 -7.95 12.52
CA GLU C 321 -12.02 -9.12 11.68
C GLU C 321 -12.43 -8.82 10.25
N VAL C 322 -11.48 -8.92 9.34
CA VAL C 322 -11.72 -8.58 7.96
C VAL C 322 -11.40 -9.74 7.03
N THR C 323 -12.31 -10.01 6.10
CA THR C 323 -12.15 -11.13 5.18
C THR C 323 -11.36 -10.74 3.93
N ALA C 324 -10.84 -11.74 3.23
CA ALA C 324 -10.19 -11.56 1.95
C ALA C 324 -10.62 -12.65 0.96
N THR C 328 -10.11 -16.58 4.03
CA THR C 328 -8.91 -15.86 4.48
C THR C 328 -9.31 -14.66 5.35
N GLN C 329 -8.79 -14.62 6.57
CA GLN C 329 -9.08 -13.52 7.49
C GLN C 329 -7.85 -12.98 8.17
N ARG C 330 -7.93 -11.70 8.51
CA ARG C 330 -6.90 -11.03 9.28
C ARG C 330 -7.54 -10.08 10.25
N CYS C 331 -6.82 -9.74 11.30
CA CYS C 331 -7.34 -8.78 12.26
C CYS C 331 -6.68 -7.42 12.04
N GLU C 332 -7.50 -6.43 11.68
CA GLU C 332 -7.00 -5.11 11.32
C GLU C 332 -7.34 -4.08 12.38
N LYS C 333 -6.47 -3.07 12.52
CA LYS C 333 -6.70 -2.05 13.52
C LYS C 333 -7.82 -1.11 13.12
N CYS C 334 -8.59 -0.67 14.11
CA CYS C 334 -9.62 0.33 13.87
C CYS C 334 -8.97 1.70 13.67
N SER C 335 -9.24 2.31 12.52
CA SER C 335 -8.78 3.68 12.26
C SER C 335 -9.89 4.65 12.63
N LYS C 336 -11.09 4.12 12.68
CA LYS C 336 -12.30 4.83 13.04
C LYS C 336 -13.01 3.98 14.07
N PRO C 337 -13.93 4.52 14.84
CA PRO C 337 -14.61 3.85 15.92
C PRO C 337 -15.10 2.49 15.43
N CYS C 338 -14.85 1.45 16.23
CA CYS C 338 -15.13 0.09 15.82
C CYS C 338 -16.65 -0.15 15.70
N ALA C 339 -17.02 -1.09 14.82
CA ALA C 339 -18.42 -1.44 14.61
C ALA C 339 -18.99 -2.20 15.80
N ARG C 340 -20.31 -2.22 15.91
CA ARG C 340 -20.96 -3.00 16.95
C ARG C 340 -20.53 -4.44 16.88
N VAL C 341 -20.20 -5.00 18.02
CA VAL C 341 -19.86 -6.41 18.08
C VAL C 341 -20.81 -7.13 19.01
N CYS C 342 -21.43 -8.16 18.49
CA CYS C 342 -22.28 -9.02 19.29
C CYS C 342 -21.43 -10.09 19.94
N TYR C 343 -21.67 -10.36 21.21
CA TYR C 343 -20.89 -11.37 21.89
C TYR C 343 -21.73 -12.51 22.38
N GLY C 344 -21.14 -13.68 22.41
CA GLY C 344 -21.78 -14.86 22.93
C GLY C 344 -21.15 -15.26 24.24
N LEU C 345 -21.37 -16.49 24.60
CA LEU C 345 -20.92 -16.99 25.87
C LEU C 345 -19.42 -17.21 25.80
N GLY C 346 -18.75 -16.96 26.90
CA GLY C 346 -17.32 -17.14 26.97
C GLY C 346 -16.59 -15.84 26.66
N MET C 347 -17.32 -14.84 26.17
CA MET C 347 -16.71 -13.59 25.82
C MET C 347 -17.21 -12.42 26.65
N GLU C 348 -16.30 -11.53 26.99
CA GLU C 348 -16.63 -10.28 27.65
C GLU C 348 -17.49 -10.47 28.89
N HIS C 349 -18.62 -9.79 28.92
CA HIS C 349 -19.47 -9.79 30.10
C HIS C 349 -20.22 -11.10 30.22
N LEU C 350 -20.15 -11.90 29.17
CA LEU C 350 -20.79 -13.19 29.15
C LEU C 350 -19.79 -14.31 29.42
N ARG C 351 -18.56 -13.96 29.77
CA ARG C 351 -17.53 -14.97 29.99
C ARG C 351 -17.92 -15.96 31.07
N GLU C 352 -18.58 -15.46 32.11
CA GLU C 352 -18.94 -16.31 33.25
C GLU C 352 -20.35 -16.88 33.13
N VAL C 353 -20.99 -16.66 31.99
CA VAL C 353 -22.37 -17.08 31.81
C VAL C 353 -22.41 -18.45 31.14
N ARG C 354 -23.17 -19.37 31.75
CA ARG C 354 -23.25 -20.74 31.27
C ARG C 354 -24.15 -20.93 30.06
N ALA C 355 -25.21 -20.15 29.99
CA ALA C 355 -26.23 -20.40 28.97
C ALA C 355 -27.00 -19.15 28.61
N VAL C 356 -27.70 -19.21 27.50
CA VAL C 356 -28.61 -18.16 27.09
C VAL C 356 -29.91 -18.30 27.88
N THR C 357 -30.35 -17.20 28.46
CA THR C 357 -31.57 -17.16 29.28
C THR C 357 -32.39 -15.95 28.89
N SER C 358 -33.57 -15.81 29.47
CA SER C 358 -34.42 -14.68 29.13
C SER C 358 -33.77 -13.38 29.55
N ALA C 359 -32.75 -13.49 30.40
CA ALA C 359 -32.04 -12.33 30.90
C ALA C 359 -31.06 -11.76 29.88
N ASN C 360 -30.66 -12.55 28.89
CA ASN C 360 -29.66 -12.10 27.93
C ASN C 360 -30.02 -12.43 26.49
N ILE C 361 -31.22 -12.95 26.25
CA ILE C 361 -31.62 -13.32 24.91
C ILE C 361 -31.68 -12.11 24.00
N GLN C 362 -32.02 -10.97 24.58
CA GLN C 362 -32.20 -9.74 23.83
C GLN C 362 -30.90 -9.19 23.31
N GLU C 363 -29.78 -9.67 23.84
CA GLU C 363 -28.50 -9.13 23.47
C GLU C 363 -28.08 -9.58 22.10
N PHE C 364 -28.83 -10.53 21.55
CA PHE C 364 -28.49 -11.08 20.26
C PHE C 364 -29.35 -10.45 19.17
N ALA C 365 -30.14 -9.46 19.56
CA ALA C 365 -31.03 -8.82 18.63
C ALA C 365 -30.26 -8.02 17.61
N GLY C 366 -30.58 -8.22 16.34
CA GLY C 366 -29.98 -7.44 15.27
C GLY C 366 -28.60 -7.98 14.91
N CYS C 367 -28.25 -9.13 15.48
CA CYS C 367 -26.95 -9.71 15.25
C CYS C 367 -26.96 -10.65 14.05
N LYS C 368 -25.87 -10.64 13.29
CA LYS C 368 -25.68 -11.59 12.22
C LYS C 368 -24.53 -12.51 12.56
N LYS C 369 -23.57 -11.97 13.31
CA LYS C 369 -22.38 -12.71 13.70
C LYS C 369 -22.16 -12.58 15.18
N ILE C 370 -22.07 -13.71 15.86
CA ILE C 370 -21.87 -13.69 17.29
C ILE C 370 -20.46 -14.10 17.66
N PHE C 371 -19.80 -13.25 18.40
CA PHE C 371 -18.45 -13.48 18.83
C PHE C 371 -18.48 -14.17 20.17
N GLY C 372 -18.46 -15.49 20.13
CA GLY C 372 -18.62 -16.28 21.33
C GLY C 372 -19.52 -17.46 21.02
N SER C 373 -19.80 -18.27 22.01
CA SER C 373 -20.56 -19.48 21.80
C SER C 373 -22.02 -19.31 22.20
N LEU C 374 -22.84 -20.26 21.83
CA LEU C 374 -24.20 -20.28 22.32
C LEU C 374 -24.45 -21.58 23.01
N ALA C 375 -25.28 -21.57 24.02
CA ALA C 375 -25.59 -22.78 24.72
C ALA C 375 -26.99 -22.73 25.27
N PHE C 376 -27.70 -23.80 25.08
CA PHE C 376 -29.06 -23.89 25.54
C PHE C 376 -29.18 -25.06 26.46
N LEU C 377 -29.25 -24.76 27.73
CA LEU C 377 -29.28 -25.78 28.75
C LEU C 377 -30.67 -25.89 29.31
N PRO C 378 -30.98 -26.95 30.03
CA PRO C 378 -32.23 -27.17 30.69
C PRO C 378 -32.61 -25.94 31.49
N GLU C 379 -31.61 -25.29 32.08
CA GLU C 379 -31.83 -24.11 32.89
C GLU C 379 -32.23 -22.91 32.04
N SER C 380 -32.03 -23.01 30.74
CA SER C 380 -32.41 -21.94 29.82
C SER C 380 -33.88 -21.97 29.52
N PHE C 381 -34.44 -23.18 29.44
CA PHE C 381 -35.85 -23.32 29.11
C PHE C 381 -36.71 -23.58 30.33
N ASP C 382 -36.08 -23.97 31.42
CA ASP C 382 -36.76 -24.04 32.70
C ASP C 382 -36.54 -22.70 33.39
N GLY C 383 -37.09 -22.53 34.57
CA GLY C 383 -36.93 -21.27 35.27
C GLY C 383 -35.83 -21.36 36.32
N ASP C 384 -35.47 -20.22 36.88
CA ASP C 384 -34.54 -20.18 38.00
C ASP C 384 -35.08 -19.37 39.16
N PRO C 385 -35.61 -20.05 40.16
CA PRO C 385 -36.16 -19.53 41.39
C PRO C 385 -35.13 -18.74 42.18
N ALA C 386 -33.85 -18.96 41.89
CA ALA C 386 -32.80 -18.27 42.63
C ALA C 386 -32.61 -16.85 42.09
N SER C 387 -32.33 -16.74 40.81
CA SER C 387 -32.15 -15.43 40.19
C SER C 387 -33.48 -14.87 39.73
N ASN C 388 -34.53 -15.69 39.83
CA ASN C 388 -35.85 -15.29 39.39
C ASN C 388 -35.83 -14.93 37.91
N THR C 389 -35.15 -15.75 37.13
CA THR C 389 -35.04 -15.54 35.71
C THR C 389 -36.05 -16.39 34.95
N ALA C 390 -36.76 -15.76 34.03
CA ALA C 390 -37.75 -16.47 33.24
C ALA C 390 -37.08 -17.39 32.24
N PRO C 391 -37.78 -18.46 31.87
CA PRO C 391 -37.43 -19.42 30.84
C PRO C 391 -37.56 -18.78 29.47
N LEU C 392 -36.75 -19.24 28.54
CA LEU C 392 -36.86 -18.77 27.17
C LEU C 392 -38.12 -19.30 26.53
N GLN C 393 -38.76 -18.47 25.74
CA GLN C 393 -39.91 -18.89 24.97
C GLN C 393 -39.52 -19.06 23.51
N PRO C 394 -40.24 -19.90 22.79
CA PRO C 394 -40.08 -20.18 21.39
C PRO C 394 -39.99 -18.91 20.56
N GLU C 395 -40.79 -17.89 20.94
CA GLU C 395 -40.81 -16.65 20.19
C GLU C 395 -39.60 -15.77 20.49
N GLN C 396 -38.87 -16.11 21.55
CA GLN C 396 -37.71 -15.33 21.94
C GLN C 396 -36.47 -15.86 21.27
N LEU C 397 -36.51 -17.12 20.90
CA LEU C 397 -35.38 -17.76 20.24
C LEU C 397 -35.26 -17.19 18.85
N GLN C 398 -36.31 -16.50 18.43
CA GLN C 398 -36.39 -15.97 17.08
C GLN C 398 -35.39 -14.86 16.93
N VAL C 399 -34.80 -14.44 18.03
CA VAL C 399 -33.77 -13.43 18.01
C VAL C 399 -32.61 -13.89 17.16
N PHE C 400 -32.49 -15.21 17.00
CA PHE C 400 -31.38 -15.81 16.26
C PHE C 400 -31.73 -16.02 14.79
N GLU C 401 -32.89 -15.55 14.38
CA GLU C 401 -33.33 -15.74 13.00
C GLU C 401 -32.36 -15.11 12.01
N THR C 402 -31.74 -14.01 12.40
CA THR C 402 -30.83 -13.30 11.53
C THR C 402 -29.39 -13.80 11.67
N LEU C 403 -29.19 -14.80 12.51
CA LEU C 403 -27.84 -15.29 12.78
C LEU C 403 -27.31 -16.10 11.63
N GLU C 404 -26.12 -15.71 11.14
CA GLU C 404 -25.48 -16.40 10.04
C GLU C 404 -24.21 -17.11 10.50
N GLU C 405 -23.52 -16.52 11.47
CA GLU C 405 -22.21 -17.04 11.88
C GLU C 405 -22.02 -17.10 13.39
N ILE C 406 -21.51 -18.22 13.85
CA ILE C 406 -21.10 -18.40 15.24
C ILE C 406 -19.61 -18.64 15.28
N THR C 407 -18.88 -17.84 16.05
CA THR C 407 -17.43 -17.99 16.08
C THR C 407 -17.02 -19.07 17.07
N GLY C 408 -17.94 -19.42 17.95
CA GLY C 408 -17.71 -20.42 18.98
C GLY C 408 -18.40 -21.71 18.64
N TYR C 409 -18.97 -22.34 19.65
CA TYR C 409 -19.65 -23.61 19.49
C TYR C 409 -21.14 -23.43 19.69
N LEU C 410 -21.92 -24.37 19.18
CA LEU C 410 -23.35 -24.39 19.45
C LEU C 410 -23.74 -25.62 20.24
N TYR C 411 -24.09 -25.42 21.51
CA TYR C 411 -24.39 -26.54 22.39
C TYR C 411 -25.83 -26.54 22.82
N ILE C 412 -26.60 -27.50 22.32
CA ILE C 412 -28.02 -27.57 22.64
C ILE C 412 -28.34 -28.90 23.32
N SER C 413 -28.65 -28.82 24.61
CA SER C 413 -28.93 -29.99 25.43
C SER C 413 -30.35 -29.90 25.96
N ALA C 414 -31.07 -28.93 25.44
CA ALA C 414 -32.45 -28.68 25.79
C ALA C 414 -33.13 -27.94 24.67
N TRP C 415 -34.39 -28.19 24.47
CA TRP C 415 -35.10 -27.48 23.42
C TRP C 415 -36.59 -27.68 23.60
N PRO C 416 -37.39 -26.63 23.37
CA PRO C 416 -38.83 -26.60 23.46
C PRO C 416 -39.45 -27.74 22.68
N ASP C 417 -40.47 -28.37 23.25
CA ASP C 417 -41.11 -29.51 22.61
C ASP C 417 -42.02 -29.07 21.49
N SER C 418 -42.27 -27.77 21.44
CA SER C 418 -43.07 -27.17 20.40
C SER C 418 -42.26 -26.95 19.14
N LEU C 419 -40.95 -27.14 19.24
CA LEU C 419 -40.08 -26.94 18.10
C LEU C 419 -39.43 -28.25 17.67
N PRO C 420 -39.91 -28.84 16.57
CA PRO C 420 -39.58 -30.14 16.05
C PRO C 420 -38.23 -30.14 15.38
N ASP C 421 -37.65 -28.96 15.26
CA ASP C 421 -36.39 -28.78 14.58
C ASP C 421 -35.63 -27.60 15.15
N LEU C 422 -34.49 -27.30 14.56
CA LEU C 422 -33.67 -26.19 15.00
C LEU C 422 -33.73 -25.08 13.97
N SER C 423 -34.85 -24.99 13.27
CA SER C 423 -35.03 -24.09 12.15
C SER C 423 -34.87 -22.63 12.54
N VAL C 424 -34.85 -22.35 13.84
CA VAL C 424 -34.63 -20.99 14.29
C VAL C 424 -33.21 -20.57 13.90
N PHE C 425 -32.40 -21.57 13.57
CA PHE C 425 -31.03 -21.38 13.12
C PHE C 425 -30.92 -21.79 11.65
N GLN C 426 -32.05 -21.75 10.95
CA GLN C 426 -32.08 -22.20 9.56
C GLN C 426 -31.19 -21.37 8.68
N ASN C 427 -30.91 -20.15 9.13
CA ASN C 427 -30.09 -19.21 8.39
C ASN C 427 -28.64 -19.23 8.86
N LEU C 428 -28.32 -20.19 9.71
CA LEU C 428 -26.96 -20.32 10.21
C LEU C 428 -26.10 -21.01 9.17
N GLN C 429 -25.04 -20.34 8.75
CA GLN C 429 -24.19 -20.87 7.70
C GLN C 429 -22.90 -21.43 8.24
N VAL C 430 -22.28 -20.73 9.19
CA VAL C 430 -20.98 -21.14 9.65
C VAL C 430 -20.83 -21.22 11.15
N ILE C 431 -20.26 -22.32 11.60
CA ILE C 431 -19.81 -22.46 12.97
C ILE C 431 -18.30 -22.63 12.94
N ARG C 432 -17.58 -21.66 13.46
CA ARG C 432 -16.13 -21.66 13.36
C ARG C 432 -15.46 -22.64 14.32
N GLY C 433 -16.00 -22.76 15.53
CA GLY C 433 -15.45 -23.67 16.50
C GLY C 433 -14.14 -23.16 17.11
N ARG C 434 -13.94 -21.85 17.15
CA ARG C 434 -12.71 -21.32 17.71
C ARG C 434 -12.68 -21.59 19.20
N ILE C 435 -13.87 -21.64 19.76
CA ILE C 435 -14.10 -22.05 21.13
C ILE C 435 -14.81 -23.37 21.10
N LEU C 436 -14.26 -24.38 21.75
CA LEU C 436 -14.89 -25.69 21.70
C LEU C 436 -15.39 -26.14 23.05
N HIS C 437 -16.49 -26.86 23.05
CA HIS C 437 -17.05 -27.41 24.27
C HIS C 437 -16.21 -28.60 24.70
N ASN C 438 -15.76 -28.56 25.94
CA ASN C 438 -14.87 -29.60 26.43
C ASN C 438 -13.60 -29.62 25.60
N GLY C 439 -13.36 -28.54 24.87
CA GLY C 439 -12.17 -28.40 24.05
C GLY C 439 -12.23 -29.25 22.78
N ALA C 440 -13.36 -29.91 22.53
CA ALA C 440 -13.43 -30.82 21.39
C ALA C 440 -14.59 -30.53 20.45
N TYR C 441 -15.76 -30.20 20.99
CA TYR C 441 -16.96 -30.16 20.17
C TYR C 441 -17.38 -28.75 19.77
N SER C 442 -17.73 -28.58 18.50
CA SER C 442 -18.18 -27.29 18.02
C SER C 442 -19.69 -27.29 17.78
N LEU C 443 -20.24 -28.49 17.61
CA LEU C 443 -21.69 -28.66 17.46
C LEU C 443 -22.17 -29.87 18.23
N THR C 444 -22.98 -29.64 19.25
CA THR C 444 -23.48 -30.74 20.07
C THR C 444 -24.98 -30.67 20.28
N LEU C 445 -25.65 -31.77 20.02
CA LEU C 445 -27.08 -31.88 20.24
C LEU C 445 -27.37 -33.07 21.11
N GLN C 446 -27.89 -32.83 22.30
CA GLN C 446 -28.09 -33.91 23.24
C GLN C 446 -29.46 -33.90 23.89
N GLY C 447 -30.14 -35.04 23.83
CA GLY C 447 -31.40 -35.22 24.54
C GLY C 447 -32.55 -34.37 24.01
N LEU C 448 -32.55 -34.10 22.71
CA LEU C 448 -33.56 -33.22 22.14
C LEU C 448 -34.68 -34.06 21.52
N GLY C 449 -35.87 -33.48 21.40
CA GLY C 449 -37.00 -34.16 20.78
C GLY C 449 -37.19 -33.80 19.30
N ILE C 450 -36.21 -33.14 18.72
CA ILE C 450 -36.32 -32.68 17.34
C ILE C 450 -36.34 -33.85 16.35
N SER C 451 -37.20 -33.75 15.32
CA SER C 451 -37.32 -34.80 14.32
C SER C 451 -36.29 -34.63 13.20
N TRP C 452 -35.91 -33.39 12.95
CA TRP C 452 -34.89 -33.11 11.95
C TRP C 452 -34.12 -31.89 12.35
N LEU C 453 -32.98 -31.68 11.73
CA LEU C 453 -32.17 -30.55 12.15
C LEU C 453 -32.72 -29.28 11.54
N GLY C 454 -32.89 -29.27 10.22
CA GLY C 454 -33.45 -28.11 9.54
C GLY C 454 -32.44 -26.99 9.32
N LEU C 455 -31.19 -27.26 9.61
CA LEU C 455 -30.16 -26.23 9.49
C LEU C 455 -29.71 -26.16 8.05
N ARG C 456 -30.60 -25.73 7.16
CA ARG C 456 -30.30 -25.94 5.75
C ARG C 456 -29.20 -25.03 5.25
N SER C 457 -29.00 -23.91 5.94
CA SER C 457 -28.01 -22.96 5.50
C SER C 457 -26.61 -23.38 5.95
N LEU C 458 -26.54 -24.31 6.89
CA LEU C 458 -25.27 -24.69 7.46
C LEU C 458 -24.41 -25.39 6.44
N ARG C 459 -23.29 -24.77 6.13
CA ARG C 459 -22.43 -25.21 5.06
C ARG C 459 -21.02 -25.43 5.53
N GLU C 460 -20.72 -24.96 6.74
CA GLU C 460 -19.37 -25.09 7.23
C GLU C 460 -19.26 -25.23 8.74
N LEU C 461 -18.45 -26.20 9.16
CA LEU C 461 -18.04 -26.38 10.54
C LEU C 461 -16.52 -26.21 10.53
N GLY C 462 -16.06 -25.01 10.81
CA GLY C 462 -14.67 -24.66 10.57
C GLY C 462 -13.73 -25.55 11.34
N SER C 463 -14.14 -25.94 12.53
CA SER C 463 -13.33 -26.79 13.38
C SER C 463 -14.18 -27.53 14.39
N GLY C 464 -13.57 -28.52 15.04
CA GLY C 464 -14.22 -29.21 16.14
C GLY C 464 -15.04 -30.40 15.67
N LEU C 465 -15.40 -31.25 16.61
CA LEU C 465 -16.19 -32.43 16.34
C LEU C 465 -17.67 -32.12 16.46
N ALA C 466 -18.50 -32.95 15.86
CA ALA C 466 -19.93 -32.83 16.03
C ALA C 466 -20.43 -34.02 16.80
N LEU C 467 -21.29 -33.78 17.77
CA LEU C 467 -21.85 -34.86 18.57
C LEU C 467 -23.34 -34.79 18.65
N ILE C 468 -24.00 -35.80 18.11
CA ILE C 468 -25.44 -35.86 18.12
C ILE C 468 -25.88 -37.16 18.76
N HIS C 469 -26.48 -37.09 19.94
CA HIS C 469 -26.84 -38.31 20.63
C HIS C 469 -28.04 -38.17 21.53
N HIS C 470 -28.67 -39.31 21.79
CA HIS C 470 -29.81 -39.41 22.67
C HIS C 470 -30.97 -38.58 22.18
N ASN C 471 -31.00 -38.35 20.88
CA ASN C 471 -32.11 -37.65 20.28
C ASN C 471 -33.00 -38.70 19.66
N THR C 472 -33.85 -39.29 20.47
CA THR C 472 -34.53 -40.51 20.10
C THR C 472 -35.58 -40.30 19.03
N HIS C 473 -35.92 -39.05 18.79
CA HIS C 473 -36.88 -38.73 17.75
C HIS C 473 -36.20 -38.16 16.51
N LEU C 474 -34.89 -37.98 16.58
CA LEU C 474 -34.18 -37.32 15.48
C LEU C 474 -33.71 -38.30 14.42
N CYS C 475 -34.24 -38.10 13.20
CA CYS C 475 -33.95 -38.98 12.06
C CYS C 475 -32.86 -38.41 11.19
N PHE C 476 -33.02 -37.16 10.79
CA PHE C 476 -32.19 -36.62 9.73
C PHE C 476 -30.82 -36.21 10.22
N VAL C 477 -30.01 -37.23 10.45
CA VAL C 477 -28.61 -37.10 10.86
C VAL C 477 -27.74 -37.66 9.75
N HIS C 478 -28.08 -38.84 9.27
CA HIS C 478 -27.31 -39.55 8.26
C HIS C 478 -27.60 -39.01 6.87
N THR C 479 -28.58 -38.12 6.79
CA THR C 479 -28.99 -37.53 5.52
C THR C 479 -28.16 -36.29 5.23
N VAL C 480 -27.37 -35.88 6.21
CA VAL C 480 -26.54 -34.69 6.10
C VAL C 480 -25.15 -35.02 5.61
N PRO C 481 -24.68 -34.31 4.60
CA PRO C 481 -23.38 -34.44 3.97
C PRO C 481 -22.32 -33.85 4.87
N TRP C 482 -22.06 -34.52 5.98
CA TRP C 482 -21.15 -34.01 6.99
C TRP C 482 -19.75 -33.81 6.43
N ASP C 483 -19.39 -34.60 5.44
CA ASP C 483 -18.05 -34.53 4.87
C ASP C 483 -17.88 -33.24 4.11
N GLN C 484 -19.00 -32.59 3.79
CA GLN C 484 -18.98 -31.34 3.05
C GLN C 484 -18.96 -30.15 4.00
N LEU C 485 -19.14 -30.43 5.28
CA LEU C 485 -19.18 -29.37 6.28
C LEU C 485 -17.85 -29.28 6.99
N PHE C 486 -17.19 -30.42 7.12
CA PHE C 486 -15.91 -30.47 7.80
C PHE C 486 -14.82 -29.92 6.92
N ARG C 487 -13.79 -29.35 7.52
CA ARG C 487 -12.67 -28.82 6.76
C ARG C 487 -11.35 -29.49 7.15
N ASN C 488 -11.23 -29.83 8.41
CA ASN C 488 -10.02 -30.44 8.94
C ASN C 488 -10.15 -31.96 8.92
N PRO C 489 -9.07 -32.67 8.60
CA PRO C 489 -8.91 -34.11 8.62
C PRO C 489 -9.26 -34.70 9.99
N HIS C 490 -9.17 -33.88 11.02
CA HIS C 490 -9.42 -34.32 12.39
C HIS C 490 -10.87 -34.16 12.81
N GLN C 491 -11.73 -33.76 11.89
CA GLN C 491 -13.14 -33.61 12.22
C GLN C 491 -13.93 -34.86 11.85
N ALA C 492 -14.96 -35.14 12.64
CA ALA C 492 -15.82 -36.27 12.41
C ALA C 492 -17.12 -36.11 13.14
N LEU C 493 -18.14 -36.87 12.75
CA LEU C 493 -19.37 -36.91 13.51
C LEU C 493 -19.41 -38.12 14.42
N LEU C 494 -19.78 -37.88 15.66
CA LEU C 494 -20.00 -38.96 16.61
C LEU C 494 -21.47 -38.96 16.95
N HIS C 495 -22.07 -40.13 16.96
CA HIS C 495 -23.48 -40.19 17.25
C HIS C 495 -23.90 -41.54 17.83
N THR C 496 -24.96 -41.51 18.61
CA THR C 496 -25.55 -42.71 19.17
C THR C 496 -26.91 -42.44 19.76
N ALA C 497 -27.72 -43.48 19.85
CA ALA C 497 -29.02 -43.39 20.52
C ALA C 497 -29.94 -42.38 19.86
N ASN C 498 -29.74 -42.15 18.58
CA ASN C 498 -30.62 -41.30 17.81
C ASN C 498 -31.68 -42.20 17.20
N ARG C 499 -32.63 -41.66 16.45
CA ARG C 499 -33.65 -42.53 15.89
C ARG C 499 -33.00 -43.50 14.92
N PRO C 500 -33.30 -44.79 15.05
CA PRO C 500 -32.89 -45.88 14.18
C PRO C 500 -33.25 -45.62 12.72
N GLU C 501 -32.31 -45.94 11.82
CA GLU C 501 -32.52 -45.73 10.40
C GLU C 501 -33.66 -46.59 9.92
N ASP C 502 -33.78 -47.79 10.49
CA ASP C 502 -34.81 -48.73 10.09
C ASP C 502 -36.19 -48.15 10.32
N GLU C 503 -36.34 -47.40 11.41
CA GLU C 503 -37.62 -46.83 11.75
C GLU C 503 -37.95 -45.69 10.81
N CYS C 504 -36.93 -44.90 10.46
CA CYS C 504 -37.13 -43.80 9.52
C CYS C 504 -37.63 -44.37 8.21
N VAL C 505 -36.97 -45.40 7.72
CA VAL C 505 -37.33 -45.99 6.45
C VAL C 505 -38.70 -46.65 6.52
N GLY C 506 -38.95 -47.36 7.61
CA GLY C 506 -40.20 -48.10 7.75
C GLY C 506 -41.42 -47.19 7.61
N GLU C 507 -41.30 -45.96 8.12
CA GLU C 507 -42.39 -45.01 8.04
C GLU C 507 -42.34 -44.16 6.77
N GLY C 508 -41.34 -44.40 5.92
CA GLY C 508 -41.20 -43.63 4.70
C GLY C 508 -40.68 -42.22 4.96
N LEU C 509 -39.88 -42.07 6.02
CA LEU C 509 -39.36 -40.75 6.39
C LEU C 509 -37.97 -40.57 5.79
N ALA C 510 -37.87 -39.71 4.80
CA ALA C 510 -36.63 -39.56 4.06
C ALA C 510 -36.60 -38.25 3.30
N CYS C 511 -35.48 -37.98 2.63
CA CYS C 511 -35.34 -36.78 1.82
C CYS C 511 -36.32 -36.79 0.65
N HIS C 512 -36.69 -35.60 0.21
CA HIS C 512 -37.59 -35.41 -0.92
C HIS C 512 -37.04 -36.04 -2.18
N GLN C 513 -37.93 -36.58 -3.02
CA GLN C 513 -37.54 -37.29 -4.24
C GLN C 513 -36.80 -36.40 -5.25
N LEU C 514 -36.92 -35.10 -5.11
CA LEU C 514 -36.24 -34.18 -6.02
C LEU C 514 -34.91 -33.75 -5.42
N CYS C 515 -34.59 -34.31 -4.27
CA CYS C 515 -33.40 -33.91 -3.52
C CYS C 515 -32.17 -34.69 -4.00
N ALA C 516 -31.17 -33.94 -4.43
CA ALA C 516 -30.00 -34.54 -5.04
C ALA C 516 -29.26 -35.44 -4.07
N ARG C 517 -28.95 -36.64 -4.52
CA ARG C 517 -28.14 -37.59 -3.76
C ARG C 517 -28.79 -37.99 -2.45
N GLY C 518 -30.01 -37.53 -2.22
CA GLY C 518 -30.68 -37.82 -0.96
C GLY C 518 -30.03 -37.08 0.20
N HIS C 519 -29.43 -35.92 -0.07
CA HIS C 519 -28.78 -35.14 0.96
C HIS C 519 -29.64 -33.97 1.41
N CYS C 520 -30.11 -34.04 2.64
CA CYS C 520 -31.05 -33.04 3.14
C CYS C 520 -30.90 -32.85 4.63
N TRP C 521 -31.44 -31.74 5.11
CA TRP C 521 -31.46 -31.43 6.52
C TRP C 521 -32.82 -31.74 7.14
N GLY C 522 -33.72 -32.23 6.30
CA GLY C 522 -35.08 -32.52 6.72
C GLY C 522 -35.89 -33.02 5.54
N PRO C 523 -37.08 -33.54 5.81
CA PRO C 523 -37.99 -34.22 4.90
C PRO C 523 -38.58 -33.32 3.82
N GLY C 524 -38.56 -32.02 4.02
CA GLY C 524 -39.20 -31.13 3.07
C GLY C 524 -38.29 -30.80 1.88
N PRO C 525 -38.89 -30.36 0.78
CA PRO C 525 -38.26 -29.93 -0.46
C PRO C 525 -37.51 -28.63 -0.25
N THR C 526 -37.77 -27.99 0.87
CA THR C 526 -37.17 -26.71 1.18
C THR C 526 -35.92 -26.91 2.04
N GLN C 527 -35.74 -28.13 2.52
CA GLN C 527 -34.67 -28.42 3.48
C GLN C 527 -33.55 -29.20 2.82
N CYS C 528 -33.63 -29.34 1.51
CA CYS C 528 -32.68 -30.14 0.76
C CYS C 528 -31.40 -29.35 0.49
N VAL C 529 -30.28 -30.06 0.46
CA VAL C 529 -28.99 -29.41 0.25
C VAL C 529 -28.84 -28.92 -1.18
N ASN C 530 -29.19 -29.77 -2.13
CA ASN C 530 -29.10 -29.46 -3.55
C ASN C 530 -30.21 -30.18 -4.30
N CYS C 531 -30.69 -29.59 -5.37
CA CYS C 531 -31.82 -30.18 -6.09
C CYS C 531 -31.37 -30.84 -7.39
N SER C 532 -31.99 -31.95 -7.71
CA SER C 532 -31.65 -32.70 -8.92
C SER C 532 -32.26 -32.04 -10.15
N GLN C 533 -33.21 -31.14 -9.92
CA GLN C 533 -33.91 -30.45 -10.99
C GLN C 533 -33.63 -28.96 -10.93
N PHE C 534 -34.56 -28.21 -10.37
CA PHE C 534 -34.40 -26.78 -10.19
C PHE C 534 -34.44 -26.41 -8.72
N LEU C 535 -33.65 -25.42 -8.35
CA LEU C 535 -33.58 -24.97 -6.98
C LEU C 535 -34.76 -24.08 -6.69
N ARG C 536 -35.22 -23.39 -7.72
CA ARG C 536 -36.27 -22.41 -7.57
C ARG C 536 -35.72 -21.25 -6.78
N GLY C 537 -35.44 -21.51 -5.51
CA GLY C 537 -34.93 -20.52 -4.58
C GLY C 537 -34.66 -21.19 -3.24
N GLN C 538 -35.73 -21.68 -2.62
CA GLN C 538 -35.68 -22.39 -1.36
C GLN C 538 -36.61 -23.58 -1.40
N GLU C 539 -36.76 -24.18 -2.56
CA GLU C 539 -37.64 -25.33 -2.74
C GLU C 539 -37.33 -26.05 -4.03
N CYS C 540 -37.08 -27.35 -3.94
CA CYS C 540 -36.84 -28.13 -5.15
C CYS C 540 -38.13 -28.26 -5.95
N VAL C 541 -38.06 -27.98 -7.23
CA VAL C 541 -39.20 -28.17 -8.11
C VAL C 541 -38.79 -28.89 -9.39
N GLU C 542 -39.77 -29.45 -10.07
CA GLU C 542 -39.52 -30.11 -11.34
C GLU C 542 -39.15 -29.12 -12.44
N GLU C 543 -39.80 -27.97 -12.44
CA GLU C 543 -39.59 -26.99 -13.50
C GLU C 543 -39.98 -25.58 -13.08
N CYS C 544 -39.51 -24.60 -13.84
CA CYS C 544 -39.90 -23.21 -13.65
C CYS C 544 -41.11 -22.88 -14.50
N ARG C 545 -41.92 -21.92 -14.05
CA ARG C 545 -43.13 -21.55 -14.79
C ARG C 545 -42.79 -20.66 -15.97
N VAL C 546 -42.19 -21.27 -16.98
CA VAL C 546 -41.74 -20.54 -18.17
C VAL C 546 -42.77 -20.56 -19.30
N LEU C 547 -43.41 -21.72 -19.50
CA LEU C 547 -44.31 -21.92 -20.64
C LEU C 547 -45.79 -21.79 -20.26
N GLN C 548 -46.08 -22.00 -18.98
CA GLN C 548 -47.45 -22.03 -18.50
C GLN C 548 -47.60 -21.27 -17.18
N GLY C 549 -48.79 -20.77 -16.92
CA GLY C 549 -49.08 -20.10 -15.65
C GLY C 549 -49.16 -18.59 -15.81
N LEU C 550 -49.85 -17.92 -14.88
CA LEU C 550 -49.89 -16.46 -14.90
C LEU C 550 -48.59 -15.82 -14.41
N PRO C 551 -48.08 -16.23 -13.24
CA PRO C 551 -46.91 -15.71 -12.60
C PRO C 551 -45.66 -16.32 -13.23
N ARG C 552 -45.40 -15.91 -14.47
CA ARG C 552 -44.35 -16.52 -15.27
C ARG C 552 -42.97 -16.23 -14.72
N GLU C 553 -42.07 -17.15 -15.01
CA GLU C 553 -40.69 -17.13 -14.55
C GLU C 553 -39.74 -17.39 -15.70
N TYR C 554 -38.47 -17.33 -15.38
CA TYR C 554 -37.39 -17.66 -16.30
C TYR C 554 -36.34 -18.43 -15.53
N VAL C 555 -35.50 -19.17 -16.22
CA VAL C 555 -34.48 -19.95 -15.54
C VAL C 555 -33.18 -19.20 -15.42
N ASN C 556 -32.63 -19.19 -14.21
CA ASN C 556 -31.36 -18.55 -13.95
C ASN C 556 -30.55 -19.38 -12.97
N ALA C 557 -29.56 -20.09 -13.47
CA ALA C 557 -28.76 -20.95 -12.61
C ALA C 557 -29.66 -21.91 -11.83
N ARG C 558 -30.64 -22.46 -12.51
CA ARG C 558 -31.53 -23.46 -11.93
C ARG C 558 -32.46 -22.85 -10.88
N HIS C 559 -32.47 -21.53 -10.82
CA HIS C 559 -33.42 -20.82 -10.00
C HIS C 559 -34.58 -20.37 -10.85
N CYS C 560 -35.72 -20.13 -10.21
CA CYS C 560 -36.91 -19.75 -10.94
C CYS C 560 -37.28 -18.34 -10.55
N LEU C 561 -36.95 -17.40 -11.41
CA LEU C 561 -37.18 -16.02 -11.11
C LEU C 561 -38.30 -15.48 -11.96
N PRO C 562 -39.08 -14.56 -11.42
CA PRO C 562 -40.26 -13.99 -12.01
C PRO C 562 -39.92 -13.08 -13.19
N CYS C 563 -40.82 -13.05 -14.15
CA CYS C 563 -40.73 -12.13 -15.29
C CYS C 563 -41.18 -10.74 -14.88
N HIS C 564 -40.64 -9.73 -15.53
CA HIS C 564 -41.07 -8.36 -15.22
C HIS C 564 -42.58 -8.23 -15.37
N PRO C 565 -43.24 -7.53 -14.43
CA PRO C 565 -44.67 -7.26 -14.36
C PRO C 565 -45.25 -6.70 -15.66
N GLU C 566 -44.43 -6.05 -16.47
CA GLU C 566 -44.92 -5.43 -17.70
C GLU C 566 -44.84 -6.42 -18.86
N CYS C 567 -44.38 -7.62 -18.56
CA CYS C 567 -44.16 -8.68 -19.52
C CYS C 567 -45.44 -9.45 -19.82
N GLN C 568 -45.66 -9.72 -21.10
CA GLN C 568 -46.79 -10.51 -21.56
C GLN C 568 -46.45 -11.99 -21.57
N PRO C 569 -47.23 -12.80 -20.85
CA PRO C 569 -47.19 -14.24 -20.80
C PRO C 569 -47.32 -14.82 -22.20
N GLN C 570 -46.43 -15.75 -22.52
CA GLN C 570 -46.47 -16.40 -23.82
C GLN C 570 -46.93 -17.84 -23.69
N ASN C 571 -48.08 -18.15 -24.25
CA ASN C 571 -48.66 -19.46 -24.04
C ASN C 571 -48.01 -20.48 -24.96
N GLY C 572 -47.22 -21.39 -24.38
CA GLY C 572 -46.55 -22.42 -25.15
C GLY C 572 -45.17 -22.00 -25.59
N SER C 573 -44.71 -20.85 -25.09
CA SER C 573 -43.39 -20.36 -25.44
C SER C 573 -42.74 -19.67 -24.27
N VAL C 574 -41.58 -19.09 -24.50
CA VAL C 574 -40.81 -18.49 -23.42
C VAL C 574 -41.30 -17.09 -23.15
N THR C 575 -41.83 -16.88 -21.96
CA THR C 575 -42.37 -15.59 -21.61
C THR C 575 -41.31 -14.50 -21.57
N CYS C 576 -40.20 -14.76 -20.89
CA CYS C 576 -39.16 -13.76 -20.77
C CYS C 576 -37.79 -14.38 -20.67
N PHE C 577 -36.78 -13.55 -20.85
CA PHE C 577 -35.40 -13.99 -20.76
C PHE C 577 -34.74 -13.43 -19.51
N GLY C 578 -35.43 -12.49 -18.85
CA GLY C 578 -34.95 -11.94 -17.58
C GLY C 578 -36.01 -11.06 -16.91
N PRO C 579 -35.66 -10.51 -15.75
CA PRO C 579 -36.49 -9.80 -14.80
C PRO C 579 -36.71 -8.35 -15.20
N GLU C 580 -35.99 -7.90 -16.21
CA GLU C 580 -36.05 -6.50 -16.63
C GLU C 580 -37.10 -6.30 -17.71
N ALA C 581 -37.56 -5.06 -17.85
CA ALA C 581 -38.66 -4.76 -18.75
C ALA C 581 -38.23 -4.82 -20.21
N ASP C 582 -36.93 -4.97 -20.46
CA ASP C 582 -36.44 -5.11 -21.82
C ASP C 582 -36.03 -6.53 -22.15
N GLN C 583 -36.47 -7.48 -21.34
CA GLN C 583 -36.15 -8.89 -21.58
C GLN C 583 -37.40 -9.74 -21.77
N CYS C 584 -38.43 -9.17 -22.39
CA CYS C 584 -39.65 -9.90 -22.59
C CYS C 584 -39.97 -10.01 -24.07
N VAL C 585 -40.66 -11.07 -24.44
CA VAL C 585 -41.02 -11.29 -25.83
C VAL C 585 -41.96 -10.21 -26.33
N ALA C 586 -42.94 -9.86 -25.51
CA ALA C 586 -43.96 -8.89 -25.85
C ALA C 586 -44.41 -8.14 -24.61
N CYS C 587 -44.90 -6.93 -24.78
CA CYS C 587 -45.35 -6.14 -23.65
C CYS C 587 -46.78 -6.50 -23.27
N ALA C 588 -47.05 -6.51 -21.96
CA ALA C 588 -48.40 -6.72 -21.44
C ALA C 588 -49.34 -5.59 -21.85
N HIS C 589 -48.78 -4.40 -21.95
CA HIS C 589 -49.54 -3.23 -22.35
C HIS C 589 -49.02 -2.70 -23.67
N TYR C 590 -47.97 -1.89 -23.60
CA TYR C 590 -47.33 -1.39 -24.81
C TYR C 590 -45.90 -0.94 -24.51
N LYS C 591 -45.19 -0.50 -25.53
CA LYS C 591 -43.75 -0.28 -25.42
C LYS C 591 -43.38 1.12 -24.94
N ASP C 592 -42.25 1.21 -24.28
CA ASP C 592 -41.56 2.46 -23.99
C ASP C 592 -40.07 2.22 -24.17
N PRO C 593 -39.65 2.12 -25.42
CA PRO C 593 -38.40 1.55 -25.90
C PRO C 593 -37.22 2.01 -25.09
N PRO C 594 -36.35 1.06 -24.71
CA PRO C 594 -36.35 -0.35 -25.03
C PRO C 594 -37.22 -1.19 -24.07
N PHE C 595 -37.90 -0.54 -23.16
CA PHE C 595 -38.57 -1.22 -22.06
C PHE C 595 -40.07 -1.27 -22.26
N CYS C 596 -40.73 -2.26 -21.66
CA CYS C 596 -42.19 -2.29 -21.64
C CYS C 596 -42.74 -1.38 -20.54
N VAL C 597 -43.88 -0.76 -20.82
CA VAL C 597 -44.53 0.16 -19.90
C VAL C 597 -46.03 -0.11 -19.75
N ALA C 598 -46.56 0.17 -18.57
CA ALA C 598 -48.01 0.09 -18.40
C ALA C 598 -48.62 1.37 -18.91
N ARG C 599 -48.13 2.49 -18.39
CA ARG C 599 -48.61 3.79 -18.81
C ARG C 599 -47.41 4.72 -18.93
N CYS C 600 -47.45 5.64 -19.90
CA CYS C 600 -46.35 6.56 -20.11
C CYS C 600 -46.12 7.45 -18.90
N PRO C 601 -44.85 7.75 -18.62
CA PRO C 601 -44.35 8.61 -17.56
C PRO C 601 -44.63 10.08 -17.88
N SER C 602 -44.66 10.91 -16.84
CA SER C 602 -44.84 12.35 -17.00
C SER C 602 -43.92 13.11 -16.06
N ILE C 613 -39.90 14.96 -19.79
CA ILE C 613 -40.55 14.75 -21.08
C ILE C 613 -41.85 13.94 -20.87
N TRP C 614 -42.99 14.63 -20.93
CA TRP C 614 -44.27 13.94 -20.85
C TRP C 614 -44.54 13.20 -22.14
N LYS C 615 -44.85 11.92 -22.02
CA LYS C 615 -45.10 11.10 -23.18
C LYS C 615 -46.51 10.52 -23.16
N PHE C 616 -46.98 10.13 -24.33
CA PHE C 616 -48.28 9.51 -24.49
C PHE C 616 -48.14 8.30 -25.40
N PRO C 617 -49.06 7.35 -25.27
CA PRO C 617 -49.20 6.17 -26.09
C PRO C 617 -49.69 6.56 -27.48
N ASP C 618 -48.82 6.44 -28.47
CA ASP C 618 -49.15 6.81 -29.84
C ASP C 618 -49.73 5.60 -30.59
N GLU C 619 -50.08 5.82 -31.86
CA GLU C 619 -50.67 4.76 -32.69
C GLU C 619 -49.67 3.64 -32.93
N GLU C 620 -48.41 3.94 -32.67
CA GLU C 620 -47.33 2.99 -32.85
C GLU C 620 -47.41 1.88 -31.81
N GLY C 621 -48.15 2.13 -30.74
CA GLY C 621 -48.18 1.21 -29.62
C GLY C 621 -46.95 1.44 -28.76
N ALA C 622 -46.50 2.70 -28.70
CA ALA C 622 -45.31 3.09 -27.96
C ALA C 622 -45.45 4.53 -27.43
N CYS C 623 -44.74 4.83 -26.34
CA CYS C 623 -44.66 6.18 -25.81
C CYS C 623 -43.89 7.13 -26.75
N GLN C 624 -44.49 8.30 -26.96
CA GLN C 624 -43.87 9.39 -27.71
C GLN C 624 -44.04 10.70 -26.94
N PRO C 625 -43.11 11.63 -27.09
CA PRO C 625 -43.15 12.96 -26.53
C PRO C 625 -44.45 13.65 -26.93
N CYS C 626 -45.09 14.29 -25.97
CA CYS C 626 -46.34 14.98 -26.20
C CYS C 626 -46.13 16.35 -26.85
N PRO C 627 -47.09 16.74 -27.70
CA PRO C 627 -47.26 18.06 -28.32
C PRO C 627 -47.91 19.07 -27.37
N ILE C 628 -48.42 18.59 -26.25
CA ILE C 628 -49.07 19.48 -25.28
C ILE C 628 -48.20 19.66 -24.05
N ASN C 629 -47.72 20.88 -23.84
CA ASN C 629 -46.78 21.14 -22.76
C ASN C 629 -47.11 22.48 -22.09
N ASP D 1 -31.03 -8.85 -32.01
CA ASP D 1 -29.98 -7.88 -32.25
C ASP D 1 -30.30 -7.05 -33.50
N ILE D 2 -30.72 -5.80 -33.28
CA ILE D 2 -31.10 -4.95 -34.39
C ILE D 2 -29.88 -4.29 -35.00
N GLN D 3 -29.75 -4.44 -36.31
CA GLN D 3 -28.60 -3.94 -37.02
C GLN D 3 -28.95 -2.57 -37.54
N MET D 4 -27.98 -1.67 -37.60
CA MET D 4 -28.23 -0.35 -38.14
C MET D 4 -27.22 0.01 -39.21
N THR D 5 -27.71 0.22 -40.43
CA THR D 5 -26.81 0.57 -41.52
C THR D 5 -26.84 2.06 -41.76
N GLN D 6 -25.67 2.69 -41.66
CA GLN D 6 -25.59 4.13 -41.77
C GLN D 6 -24.89 4.54 -43.04
N SER D 7 -25.42 5.57 -43.70
CA SER D 7 -24.85 6.04 -44.94
C SER D 7 -25.24 7.48 -45.25
N PRO D 8 -24.46 8.14 -46.10
CA PRO D 8 -23.14 7.80 -46.59
C PRO D 8 -22.15 7.81 -45.45
N SER D 9 -21.03 7.11 -45.60
CA SER D 9 -20.01 7.08 -44.57
C SER D 9 -19.15 8.33 -44.62
N SER D 10 -19.24 9.02 -45.74
CA SER D 10 -18.47 10.22 -45.98
C SER D 10 -19.26 11.17 -46.87
N LEU D 11 -19.43 12.39 -46.40
CA LEU D 11 -20.10 13.43 -47.15
C LEU D 11 -19.18 14.63 -47.24
N SER D 12 -19.39 15.45 -48.25
CA SER D 12 -18.62 16.68 -48.37
C SER D 12 -19.49 17.82 -48.86
N ALA D 13 -19.51 18.91 -48.12
CA ALA D 13 -20.35 20.03 -48.45
C ALA D 13 -19.73 21.32 -47.95
N SER D 14 -20.05 22.42 -48.59
CA SER D 14 -19.45 23.69 -48.22
C SER D 14 -20.13 24.24 -46.99
N VAL D 15 -19.57 25.29 -46.42
CA VAL D 15 -20.17 25.86 -45.24
C VAL D 15 -21.45 26.58 -45.60
N GLY D 16 -22.49 26.31 -44.83
CA GLY D 16 -23.78 26.94 -45.02
C GLY D 16 -24.68 26.03 -45.85
N ASP D 17 -24.11 24.97 -46.38
CA ASP D 17 -24.83 24.01 -47.21
C ASP D 17 -25.65 23.06 -46.35
N ARG D 18 -26.64 22.43 -46.97
CA ARG D 18 -27.51 21.48 -46.28
C ARG D 18 -27.00 20.05 -46.42
N VAL D 19 -26.83 19.37 -45.29
CA VAL D 19 -26.30 18.01 -45.30
C VAL D 19 -27.23 17.02 -44.59
N THR D 20 -27.52 15.90 -45.26
CA THR D 20 -28.35 14.88 -44.65
C THR D 20 -27.64 13.54 -44.49
N ILE D 21 -27.71 13.00 -43.29
CA ILE D 21 -27.15 11.69 -42.96
C ILE D 21 -28.27 10.73 -42.60
N THR D 22 -28.28 9.55 -43.21
CA THR D 22 -29.38 8.63 -42.94
C THR D 22 -28.89 7.29 -42.42
N CYS D 23 -29.81 6.55 -41.79
CA CYS D 23 -29.54 5.20 -41.36
C CYS D 23 -30.78 4.33 -41.45
N ARG D 24 -30.60 3.06 -41.74
CA ARG D 24 -31.71 2.15 -41.90
C ARG D 24 -31.69 1.03 -40.89
N ALA D 25 -32.77 0.92 -40.13
CA ALA D 25 -32.88 -0.13 -39.14
C ALA D 25 -33.34 -1.43 -39.81
N SER D 26 -32.81 -2.54 -39.33
CA SER D 26 -33.25 -3.87 -39.78
C SER D 26 -34.64 -4.20 -39.27
N GLN D 27 -35.09 -3.43 -38.29
CA GLN D 27 -36.41 -3.62 -37.72
C GLN D 27 -37.13 -2.29 -37.56
N ASP D 28 -38.45 -2.33 -37.50
CA ASP D 28 -39.21 -1.13 -37.21
C ASP D 28 -39.09 -0.86 -35.73
N VAL D 29 -38.45 0.25 -35.42
CA VAL D 29 -38.12 0.58 -34.06
C VAL D 29 -38.84 1.84 -33.66
N ASN D 30 -39.90 2.15 -34.37
CA ASN D 30 -40.62 3.35 -34.09
C ASN D 30 -39.64 4.52 -34.14
N THR D 31 -39.59 5.31 -33.09
CA THR D 31 -38.73 6.48 -33.08
C THR D 31 -37.55 6.28 -32.15
N ALA D 32 -37.30 5.03 -31.76
CA ALA D 32 -36.26 4.72 -30.78
C ALA D 32 -34.87 4.76 -31.41
N VAL D 33 -34.54 5.90 -31.99
CA VAL D 33 -33.23 6.13 -32.57
C VAL D 33 -32.71 7.51 -32.18
N ALA D 34 -31.45 7.57 -31.85
CA ALA D 34 -30.82 8.80 -31.44
C ALA D 34 -29.60 9.05 -32.27
N TRP D 35 -29.28 10.31 -32.49
CA TRP D 35 -28.10 10.65 -33.24
C TRP D 35 -27.08 11.29 -32.33
N TYR D 36 -25.85 10.82 -32.42
CA TYR D 36 -24.76 11.30 -31.58
C TYR D 36 -23.66 11.88 -32.45
N GLN D 37 -22.90 12.82 -31.91
CA GLN D 37 -21.83 13.46 -32.65
C GLN D 37 -20.54 13.47 -31.85
N GLN D 38 -19.49 12.93 -32.43
CA GLN D 38 -18.20 12.85 -31.78
C GLN D 38 -17.15 13.73 -32.42
N LYS D 39 -16.75 14.77 -31.72
CA LYS D 39 -15.69 15.63 -32.21
C LYS D 39 -14.36 15.00 -31.92
N PRO D 40 -13.33 15.34 -32.69
CA PRO D 40 -11.97 14.90 -32.51
C PRO D 40 -11.52 15.18 -31.08
N GLY D 41 -11.04 14.15 -30.40
CA GLY D 41 -10.50 14.31 -29.05
C GLY D 41 -11.60 14.37 -27.99
N LYS D 42 -12.85 14.18 -28.40
CA LYS D 42 -13.99 14.27 -27.49
C LYS D 42 -14.84 13.00 -27.47
N ALA D 43 -15.61 12.84 -26.39
CA ALA D 43 -16.62 11.79 -26.32
C ALA D 43 -17.78 12.17 -27.24
N PRO D 44 -18.54 11.20 -27.70
CA PRO D 44 -19.79 11.36 -28.43
C PRO D 44 -20.76 12.17 -27.60
N LYS D 45 -21.49 13.07 -28.25
CA LYS D 45 -22.51 13.84 -27.57
C LYS D 45 -23.85 13.67 -28.27
N LEU D 46 -24.93 13.80 -27.53
CA LEU D 46 -26.26 13.66 -28.11
C LEU D 46 -26.72 14.92 -28.85
N LEU D 47 -27.26 14.71 -30.05
CA LEU D 47 -27.92 15.76 -30.81
C LEU D 47 -29.44 15.57 -30.89
N ILE D 48 -29.87 14.44 -31.46
CA ILE D 48 -31.29 14.20 -31.69
C ILE D 48 -31.79 12.92 -31.03
N TYR D 49 -32.96 13.00 -30.41
CA TYR D 49 -33.58 11.85 -29.74
C TYR D 49 -35.00 11.62 -30.24
N SER D 50 -35.48 10.41 -30.06
CA SER D 50 -36.79 10.07 -30.53
C SER D 50 -36.92 10.44 -32.01
N ALA D 51 -35.92 10.04 -32.80
CA ALA D 51 -35.91 10.20 -34.24
C ALA D 51 -35.72 11.66 -34.69
N SER D 52 -36.60 12.55 -34.23
CA SER D 52 -36.64 13.91 -34.75
C SER D 52 -36.44 15.04 -33.73
N PHE D 53 -36.52 14.74 -32.44
CA PHE D 53 -36.58 15.78 -31.43
C PHE D 53 -35.22 16.33 -31.04
N LEU D 54 -35.11 17.65 -30.97
CA LEU D 54 -33.86 18.28 -30.59
C LEU D 54 -33.68 18.27 -29.08
N TYR D 55 -32.52 17.83 -28.62
CA TYR D 55 -32.20 17.82 -27.21
C TYR D 55 -31.75 19.19 -26.74
N SER D 56 -32.20 19.59 -25.56
CA SER D 56 -31.84 20.90 -25.05
C SER D 56 -30.32 21.01 -24.97
N GLY D 57 -29.80 22.16 -25.36
CA GLY D 57 -28.36 22.39 -25.30
C GLY D 57 -27.71 22.14 -26.65
N VAL D 58 -28.47 21.52 -27.56
CA VAL D 58 -27.99 21.23 -28.89
C VAL D 58 -28.39 22.36 -29.83
N PRO D 59 -27.46 22.80 -30.68
CA PRO D 59 -27.65 23.84 -31.67
C PRO D 59 -28.88 23.54 -32.52
N SER D 60 -29.63 24.59 -32.82
CA SER D 60 -30.89 24.47 -33.55
C SER D 60 -30.63 24.11 -35.00
N ARG D 61 -29.36 24.08 -35.35
CA ARG D 61 -28.93 23.70 -36.68
C ARG D 61 -29.38 22.29 -37.02
N PHE D 62 -29.52 21.44 -36.00
CA PHE D 62 -29.88 20.05 -36.23
C PHE D 62 -31.36 19.77 -35.99
N SER D 63 -31.89 18.86 -36.81
CA SER D 63 -33.22 18.28 -36.63
C SER D 63 -33.25 16.93 -37.31
N GLY D 64 -34.25 16.11 -37.01
CA GLY D 64 -34.35 14.81 -37.69
C GLY D 64 -35.77 14.50 -38.18
N SER D 65 -35.92 13.29 -38.72
CA SER D 65 -37.20 12.80 -39.23
C SER D 65 -37.21 11.29 -39.31
N ARG D 66 -38.39 10.71 -39.48
CA ARG D 66 -38.50 9.27 -39.72
C ARG D 66 -39.47 8.89 -40.83
N SER D 67 -39.07 7.90 -41.62
CA SER D 67 -39.92 7.28 -42.63
C SER D 67 -39.68 5.78 -42.62
N GLY D 68 -40.63 5.01 -42.08
CA GLY D 68 -40.43 3.57 -42.01
C GLY D 68 -39.22 3.28 -41.12
N THR D 69 -38.24 2.56 -41.64
CA THR D 69 -37.07 2.21 -40.86
C THR D 69 -35.92 3.15 -41.16
N ASP D 70 -36.19 4.15 -42.00
CA ASP D 70 -35.19 5.13 -42.40
C ASP D 70 -35.27 6.39 -41.56
N PHE D 71 -34.16 6.74 -40.94
CA PHE D 71 -34.06 7.89 -40.09
C PHE D 71 -33.10 8.89 -40.71
N THR D 72 -33.38 10.17 -40.53
CA THR D 72 -32.50 11.19 -41.07
C THR D 72 -32.07 12.20 -40.04
N LEU D 73 -30.79 12.56 -40.08
CA LEU D 73 -30.23 13.68 -39.35
C LEU D 73 -29.93 14.79 -40.33
N THR D 74 -30.55 15.93 -40.14
CA THR D 74 -30.36 17.03 -41.07
C THR D 74 -29.78 18.26 -40.41
N ILE D 75 -28.80 18.84 -41.08
CA ILE D 75 -28.30 20.14 -40.70
C ILE D 75 -28.58 21.12 -41.83
N SER D 76 -29.24 22.23 -41.49
CA SER D 76 -29.68 23.17 -42.51
C SER D 76 -28.54 24.06 -43.00
N SER D 77 -27.55 24.24 -42.14
CA SER D 77 -26.41 25.11 -42.43
C SER D 77 -25.13 24.52 -41.82
N LEU D 78 -24.39 23.76 -42.62
CA LEU D 78 -23.18 23.11 -42.14
C LEU D 78 -22.13 24.10 -41.72
N GLN D 79 -21.57 23.91 -40.53
CA GLN D 79 -20.49 24.75 -40.06
C GLN D 79 -19.21 23.94 -39.94
N PRO D 80 -18.06 24.59 -39.95
CA PRO D 80 -16.75 24.02 -39.65
C PRO D 80 -16.76 23.33 -38.29
N GLU D 81 -17.57 23.85 -37.36
CA GLU D 81 -17.65 23.29 -36.03
C GLU D 81 -18.38 21.96 -36.02
N ASP D 82 -19.00 21.63 -37.15
CA ASP D 82 -19.80 20.42 -37.27
C ASP D 82 -18.96 19.31 -37.88
N PHE D 83 -17.65 19.53 -37.97
CA PHE D 83 -16.75 18.49 -38.41
C PHE D 83 -16.54 17.48 -37.30
N ALA D 84 -17.21 16.34 -37.45
CA ALA D 84 -17.28 15.30 -36.43
C ALA D 84 -17.81 14.02 -37.03
N THR D 85 -17.72 12.94 -36.27
CA THR D 85 -18.30 11.68 -36.69
C THR D 85 -19.68 11.52 -36.10
N TYR D 86 -20.64 11.21 -36.92
CA TYR D 86 -22.00 11.08 -36.46
C TYR D 86 -22.37 9.62 -36.37
N TYR D 87 -23.18 9.29 -35.37
CA TYR D 87 -23.58 7.91 -35.19
C TYR D 87 -25.08 7.80 -35.12
N CYS D 88 -25.60 6.78 -35.78
CA CYS D 88 -26.99 6.42 -35.61
C CYS D 88 -27.08 5.22 -34.69
N GLN D 89 -27.84 5.37 -33.62
CA GLN D 89 -27.96 4.31 -32.64
C GLN D 89 -29.40 4.02 -32.34
N GLN D 90 -29.72 2.75 -32.23
CA GLN D 90 -31.06 2.38 -31.83
C GLN D 90 -31.09 2.07 -30.35
N HIS D 91 -32.18 2.44 -29.73
CA HIS D 91 -32.43 2.22 -28.33
C HIS D 91 -33.75 1.52 -28.18
N TYR D 92 -33.97 0.52 -29.03
CA TYR D 92 -35.23 -0.20 -29.08
C TYR D 92 -35.09 -1.53 -28.40
N THR D 93 -33.92 -2.15 -28.56
CA THR D 93 -33.67 -3.46 -28.00
C THR D 93 -32.40 -3.42 -27.19
N THR D 94 -32.07 -4.52 -26.55
CA THR D 94 -30.82 -4.60 -25.82
C THR D 94 -30.00 -5.77 -26.32
N PRO D 95 -28.77 -5.49 -26.73
CA PRO D 95 -28.02 -4.27 -26.56
C PRO D 95 -28.48 -3.19 -27.52
N PRO D 96 -28.24 -1.94 -27.16
CA PRO D 96 -28.19 -0.78 -28.02
C PRO D 96 -27.12 -1.00 -29.07
N THR D 97 -27.39 -0.58 -30.28
CA THR D 97 -26.40 -0.80 -31.33
C THR D 97 -26.15 0.43 -32.18
N PHE D 98 -24.92 0.55 -32.66
CA PHE D 98 -24.49 1.69 -33.46
C PHE D 98 -24.29 1.30 -34.91
N GLY D 99 -24.48 2.27 -35.79
CA GLY D 99 -24.12 2.10 -37.18
C GLY D 99 -22.61 2.31 -37.33
N GLN D 100 -22.12 2.26 -38.57
CA GLN D 100 -20.69 2.35 -38.80
C GLN D 100 -20.16 3.72 -38.39
N GLY D 101 -20.98 4.74 -38.63
CA GLY D 101 -20.62 6.12 -38.34
C GLY D 101 -20.38 6.88 -39.64
N THR D 102 -20.67 8.18 -39.63
CA THR D 102 -20.54 9.03 -40.80
C THR D 102 -19.66 10.23 -40.51
N LYS D 103 -18.79 10.56 -41.45
CA LYS D 103 -18.01 11.78 -41.31
C LYS D 103 -18.42 12.79 -42.37
N VAL D 104 -18.38 14.07 -42.01
CA VAL D 104 -18.68 15.12 -42.96
C VAL D 104 -17.53 16.11 -43.08
N GLU D 105 -17.05 16.28 -44.30
CA GLU D 105 -15.94 17.19 -44.57
C GLU D 105 -16.45 18.52 -45.08
N ILE D 106 -15.72 19.57 -44.78
CA ILE D 106 -16.03 20.89 -45.29
C ILE D 106 -15.42 21.07 -46.66
N LYS D 107 -16.27 21.34 -47.63
CA LYS D 107 -15.83 21.48 -49.01
C LYS D 107 -15.19 22.83 -49.22
N ARG D 108 -14.08 22.83 -49.92
CA ARG D 108 -13.35 24.04 -50.27
C ARG D 108 -12.58 23.82 -51.54
N THR D 109 -11.83 24.83 -51.96
CA THR D 109 -11.12 24.74 -53.23
C THR D 109 -9.86 23.94 -53.04
N VAL D 110 -9.28 23.49 -54.14
CA VAL D 110 -8.07 22.69 -54.08
C VAL D 110 -6.83 23.57 -54.12
N ALA D 111 -5.92 23.32 -53.20
CA ALA D 111 -4.73 24.13 -53.06
C ALA D 111 -3.53 23.29 -52.72
N ALA D 112 -2.39 23.67 -53.29
CA ALA D 112 -1.14 22.98 -53.02
C ALA D 112 -0.67 23.25 -51.61
N PRO D 113 0.11 22.33 -51.06
CA PRO D 113 0.81 22.40 -49.80
C PRO D 113 2.02 23.28 -49.85
N SER D 114 2.38 23.80 -48.70
CA SER D 114 3.69 24.40 -48.50
C SER D 114 4.66 23.30 -48.08
N VAL D 115 5.69 23.06 -48.88
CA VAL D 115 6.58 21.93 -48.62
C VAL D 115 7.95 22.33 -48.16
N PHE D 116 8.39 21.68 -47.09
CA PHE D 116 9.72 21.87 -46.55
C PHE D 116 10.27 20.58 -45.97
N ILE D 117 11.58 20.53 -45.76
CA ILE D 117 12.24 19.30 -45.30
C ILE D 117 13.14 19.55 -44.09
N PHE D 118 13.11 18.63 -43.12
CA PHE D 118 14.01 18.67 -41.98
C PHE D 118 15.06 17.57 -42.03
N PRO D 119 16.25 17.87 -41.53
CA PRO D 119 17.34 16.97 -41.23
C PRO D 119 17.07 16.32 -39.88
N PRO D 120 17.74 15.23 -39.58
CA PRO D 120 17.85 14.60 -38.28
C PRO D 120 18.56 15.55 -37.33
N SER D 121 18.26 15.41 -36.04
CA SER D 121 18.99 16.17 -35.04
C SER D 121 20.38 15.59 -34.85
N ASP D 122 21.28 16.36 -34.25
CA ASP D 122 22.62 15.85 -33.96
C ASP D 122 22.54 14.82 -32.86
N GLU D 123 21.64 15.05 -31.91
CA GLU D 123 21.51 14.16 -30.77
C GLU D 123 20.95 12.82 -31.19
N GLN D 124 20.17 12.82 -32.27
CA GLN D 124 19.61 11.60 -32.80
C GLN D 124 20.66 10.77 -33.48
N LEU D 125 21.51 11.45 -34.26
CA LEU D 125 22.56 10.77 -34.98
C LEU D 125 23.50 10.10 -33.98
N LYS D 126 23.74 10.78 -32.87
CA LYS D 126 24.60 10.27 -31.83
C LYS D 126 23.95 9.08 -31.12
N SER D 127 22.66 8.90 -31.36
CA SER D 127 21.87 7.84 -30.71
C SER D 127 21.85 6.58 -31.57
N GLY D 128 22.46 6.65 -32.75
CA GLY D 128 22.58 5.49 -33.61
C GLY D 128 21.47 5.41 -34.66
N THR D 129 20.63 6.45 -34.74
CA THR D 129 19.54 6.46 -35.70
C THR D 129 19.41 7.83 -36.36
N ALA D 130 18.47 7.94 -37.31
CA ALA D 130 18.21 9.21 -37.96
C ALA D 130 16.78 9.29 -38.48
N SER D 131 16.16 10.47 -38.33
CA SER D 131 14.85 10.68 -38.92
C SER D 131 14.83 11.91 -39.80
N VAL D 132 14.44 11.70 -41.05
CA VAL D 132 14.36 12.76 -42.04
C VAL D 132 12.88 13.05 -42.31
N VAL D 133 12.48 14.31 -42.22
CA VAL D 133 11.05 14.60 -42.29
C VAL D 133 10.64 15.56 -43.38
N CYS D 134 9.65 15.15 -44.15
CA CYS D 134 9.08 15.95 -45.23
C CYS D 134 7.63 16.28 -44.90
N LEU D 135 7.30 17.55 -44.95
CA LEU D 135 6.00 17.96 -44.45
C LEU D 135 5.22 18.82 -45.40
N LEU D 136 3.98 18.42 -45.61
CA LEU D 136 3.02 19.14 -46.41
C LEU D 136 2.06 19.91 -45.52
N ASN D 137 2.15 21.23 -45.56
CA ASN D 137 1.34 22.06 -44.67
C ASN D 137 0.18 22.75 -45.37
N ASN D 138 -0.96 22.74 -44.71
CA ASN D 138 -2.11 23.56 -45.09
C ASN D 138 -2.60 23.33 -46.52
N PHE D 139 -2.98 22.10 -46.84
CA PHE D 139 -3.44 21.81 -48.19
C PHE D 139 -4.77 21.08 -48.21
N TYR D 140 -5.39 21.07 -49.38
CA TYR D 140 -6.67 20.39 -49.56
C TYR D 140 -6.84 19.90 -50.99
N PRO D 141 -7.30 18.66 -51.16
CA PRO D 141 -7.75 17.69 -50.18
C PRO D 141 -6.58 17.04 -49.44
N ARG D 142 -6.89 16.18 -48.47
CA ARG D 142 -5.88 15.53 -47.65
C ARG D 142 -4.98 14.60 -48.45
N GLU D 143 -5.43 14.21 -49.64
CA GLU D 143 -4.65 13.33 -50.49
C GLU D 143 -3.44 14.04 -51.09
N ALA D 144 -2.28 13.41 -50.97
CA ALA D 144 -1.05 13.97 -51.53
C ALA D 144 -0.06 12.86 -51.83
N LYS D 145 0.85 13.12 -52.75
CA LYS D 145 1.89 12.13 -53.03
C LYS D 145 3.29 12.58 -52.68
N VAL D 146 3.88 11.89 -51.70
CA VAL D 146 5.19 12.23 -51.15
C VAL D 146 6.20 11.08 -51.37
N GLN D 147 7.26 11.35 -52.13
CA GLN D 147 8.25 10.33 -52.46
C GLN D 147 9.63 10.66 -51.90
N TRP D 148 10.23 9.70 -51.22
CA TRP D 148 11.59 9.85 -50.72
C TRP D 148 12.60 9.30 -51.71
N LYS D 149 13.50 10.16 -52.16
CA LYS D 149 14.50 9.80 -53.15
C LYS D 149 15.87 10.31 -52.73
N VAL D 150 16.52 9.60 -51.83
CA VAL D 150 17.77 10.08 -51.25
C VAL D 150 18.90 9.74 -52.19
N ASP D 151 19.59 10.75 -52.66
CA ASP D 151 20.57 10.54 -53.72
C ASP D 151 19.89 9.81 -54.86
N ASN D 152 18.63 10.18 -55.12
CA ASN D 152 17.84 9.64 -56.22
C ASN D 152 17.50 8.16 -56.01
N ALA D 153 17.73 7.67 -54.80
CA ALA D 153 17.35 6.31 -54.42
C ALA D 153 15.98 6.31 -53.75
N LEU D 154 15.00 5.74 -54.45
CA LEU D 154 13.64 5.73 -53.94
C LEU D 154 13.56 4.83 -52.71
N GLN D 155 12.99 5.35 -51.63
CA GLN D 155 12.85 4.58 -50.40
C GLN D 155 11.48 3.96 -50.29
N SER D 156 11.42 2.79 -49.67
CA SER D 156 10.14 2.13 -49.41
C SER D 156 10.25 1.14 -48.27
N GLY D 157 9.23 1.10 -47.42
CA GLY D 157 9.16 0.12 -46.34
C GLY D 157 9.88 0.61 -45.09
N ASN D 158 10.45 1.79 -45.16
CA ASN D 158 11.20 2.36 -44.06
C ASN D 158 10.73 3.76 -43.70
N SER D 159 9.45 4.02 -43.87
CA SER D 159 8.90 5.33 -43.56
C SER D 159 7.45 5.21 -43.07
N GLN D 160 7.04 6.19 -42.30
CA GLN D 160 5.66 6.27 -41.81
C GLN D 160 5.14 7.68 -41.96
N GLU D 161 3.83 7.83 -42.13
CA GLU D 161 3.25 9.14 -42.28
C GLU D 161 1.98 9.31 -41.47
N SER D 162 1.64 10.55 -41.16
CA SER D 162 0.45 10.86 -40.39
C SER D 162 -0.27 12.10 -40.92
N VAL D 163 -1.59 12.12 -40.81
CA VAL D 163 -2.40 13.24 -41.29
C VAL D 163 -3.16 13.89 -40.14
N THR D 164 -3.11 15.21 -40.09
CA THR D 164 -3.77 15.96 -39.04
C THR D 164 -5.26 16.03 -39.28
N GLU D 165 -5.99 16.49 -38.27
CA GLU D 165 -7.42 16.72 -38.39
C GLU D 165 -7.71 17.96 -39.21
N GLN D 166 -8.90 18.01 -39.79
CA GLN D 166 -9.31 19.17 -40.58
C GLN D 166 -9.20 20.47 -39.80
N ASP D 167 -8.55 21.45 -40.40
CA ASP D 167 -8.40 22.76 -39.82
C ASP D 167 -9.77 23.42 -39.63
N SER D 168 -10.01 23.95 -38.43
CA SER D 168 -11.31 24.52 -38.07
C SER D 168 -11.63 25.81 -38.82
N LYS D 169 -10.63 26.40 -39.47
CA LYS D 169 -10.87 27.65 -40.19
C LYS D 169 -10.70 27.48 -41.70
N ASP D 170 -9.57 26.92 -42.11
CA ASP D 170 -9.25 26.85 -43.54
C ASP D 170 -9.70 25.53 -44.18
N SER D 171 -10.23 24.62 -43.38
CA SER D 171 -10.67 23.32 -43.87
C SER D 171 -9.58 22.59 -44.64
N THR D 172 -8.36 22.68 -44.13
CA THR D 172 -7.20 22.02 -44.72
C THR D 172 -6.65 20.91 -43.85
N TYR D 173 -5.73 20.14 -44.43
CA TYR D 173 -5.07 19.05 -43.75
C TYR D 173 -3.56 19.21 -43.86
N SER D 174 -2.82 18.64 -42.93
CA SER D 174 -1.38 18.57 -43.10
C SER D 174 -0.88 17.12 -43.08
N LEU D 175 0.21 16.85 -43.79
CA LEU D 175 0.76 15.51 -43.90
C LEU D 175 2.25 15.47 -43.60
N SER D 176 2.64 14.64 -42.65
CA SER D 176 4.05 14.54 -42.30
C SER D 176 4.59 13.14 -42.55
N SER D 177 5.63 13.06 -43.38
CA SER D 177 6.24 11.78 -43.71
C SER D 177 7.65 11.67 -43.15
N THR D 178 7.88 10.66 -42.34
CA THR D 178 9.18 10.48 -41.72
C THR D 178 9.89 9.26 -42.25
N LEU D 179 11.10 9.50 -42.75
CA LEU D 179 11.96 8.47 -43.28
C LEU D 179 12.95 8.03 -42.21
N THR D 180 12.96 6.74 -41.92
CA THR D 180 13.79 6.20 -40.87
C THR D 180 15.05 5.58 -41.42
N LEU D 181 16.18 6.02 -40.90
CA LEU D 181 17.48 5.49 -41.29
C LEU D 181 18.26 5.10 -40.05
N SER D 182 19.16 4.15 -40.18
CA SER D 182 20.12 3.93 -39.10
C SER D 182 21.22 4.97 -39.25
N LYS D 183 22.04 5.14 -38.23
CA LYS D 183 23.15 6.08 -38.38
C LYS D 183 23.96 5.72 -39.61
N ALA D 184 24.18 4.42 -39.81
CA ALA D 184 24.95 3.92 -40.94
C ALA D 184 24.27 4.23 -42.27
N ASP D 185 22.94 4.18 -42.28
CA ASP D 185 22.20 4.42 -43.51
C ASP D 185 22.17 5.90 -43.83
N TYR D 186 22.23 6.70 -42.78
CA TYR D 186 22.30 8.13 -42.94
C TYR D 186 23.65 8.55 -43.51
N GLU D 187 24.72 8.01 -42.93
CA GLU D 187 26.07 8.41 -43.30
C GLU D 187 26.40 8.09 -44.76
N LYS D 188 25.92 6.96 -45.26
CA LYS D 188 26.25 6.52 -46.61
C LYS D 188 25.61 7.41 -47.67
N HIS D 189 24.65 8.24 -47.25
CA HIS D 189 23.95 9.14 -48.16
C HIS D 189 24.37 10.59 -47.98
N LYS D 190 24.27 11.36 -49.05
CA LYS D 190 24.70 12.75 -48.99
C LYS D 190 23.53 13.70 -49.22
N VAL D 191 22.81 13.51 -50.31
CA VAL D 191 21.74 14.44 -50.65
C VAL D 191 20.38 13.85 -50.42
N TYR D 192 19.66 14.42 -49.48
CA TYR D 192 18.36 13.92 -49.10
C TYR D 192 17.32 14.79 -49.73
N ALA D 193 16.30 14.19 -50.30
CA ALA D 193 15.33 14.99 -51.03
C ALA D 193 13.93 14.41 -50.94
N CYS D 194 12.94 15.29 -50.99
CA CYS D 194 11.55 14.90 -50.94
C CYS D 194 10.77 15.49 -52.12
N GLU D 195 10.25 14.61 -52.97
CA GLU D 195 9.49 15.01 -54.14
C GLU D 195 7.99 14.96 -53.88
N VAL D 196 7.34 16.09 -54.04
CA VAL D 196 5.94 16.19 -53.71
C VAL D 196 5.08 16.69 -54.84
N THR D 197 3.98 15.98 -55.05
CA THR D 197 2.97 16.40 -56.02
C THR D 197 1.60 16.51 -55.35
N HIS D 198 0.71 17.27 -55.99
CA HIS D 198 -0.62 17.50 -55.45
C HIS D 198 -1.57 18.00 -56.54
N GLN D 199 -2.87 17.76 -56.36
CA GLN D 199 -3.86 18.17 -57.36
C GLN D 199 -3.88 19.69 -57.58
N GLY D 200 -3.55 20.44 -56.53
CA GLY D 200 -3.59 21.89 -56.55
C GLY D 200 -2.25 22.48 -56.93
N LEU D 201 -1.29 21.62 -57.26
CA LEU D 201 0.07 22.04 -57.56
C LEU D 201 0.36 21.99 -59.06
N SER D 202 0.63 23.15 -59.65
CA SER D 202 0.78 23.23 -61.10
C SER D 202 2.14 22.68 -61.54
N SER D 203 3.06 22.58 -60.59
CA SER D 203 4.41 22.12 -60.86
C SER D 203 4.99 21.45 -59.63
N PRO D 204 5.43 20.20 -59.76
CA PRO D 204 6.03 19.37 -58.73
C PRO D 204 7.16 20.11 -58.04
N VAL D 205 7.23 19.94 -56.73
CA VAL D 205 8.21 20.64 -55.92
C VAL D 205 9.13 19.67 -55.21
N THR D 206 10.42 19.93 -55.24
CA THR D 206 11.34 19.08 -54.52
C THR D 206 12.21 19.90 -53.57
N LYS D 207 12.25 19.46 -52.33
CA LYS D 207 13.10 20.08 -51.32
C LYS D 207 14.20 19.12 -50.94
N SER D 208 15.36 19.64 -50.60
CA SER D 208 16.48 18.78 -50.29
C SER D 208 17.46 19.45 -49.34
N PHE D 209 18.34 18.65 -48.75
CA PHE D 209 19.43 19.19 -47.94
C PHE D 209 20.67 18.30 -48.00
N ASN D 210 21.82 18.87 -47.64
CA ASN D 210 23.05 18.11 -47.62
C ASN D 210 23.46 17.73 -46.20
N ARG D 211 23.85 16.48 -46.05
CA ARG D 211 24.37 16.00 -44.79
C ARG D 211 25.60 16.81 -44.40
N GLY D 212 25.61 17.30 -43.17
CA GLY D 212 26.74 18.08 -42.66
C GLY D 212 26.51 19.58 -42.80
N GLU D 213 25.51 19.95 -43.62
CA GLU D 213 25.21 21.36 -43.84
C GLU D 213 23.94 21.78 -43.13
N CYS D 214 23.00 20.85 -43.00
CA CYS D 214 21.73 21.07 -42.29
C CYS D 214 20.95 22.16 -43.02
N GLU E 1 -26.32 21.20 -16.33
CA GLU E 1 -25.66 20.03 -16.89
C GLU E 1 -25.03 19.19 -15.78
N VAL E 2 -24.38 18.10 -16.17
CA VAL E 2 -23.76 17.19 -15.21
C VAL E 2 -22.31 16.91 -15.56
N GLN E 3 -21.58 16.39 -14.59
CA GLN E 3 -20.17 16.09 -14.76
C GLN E 3 -19.92 14.59 -14.69
N LEU E 4 -19.32 14.05 -15.74
CA LEU E 4 -18.92 12.65 -15.78
C LEU E 4 -17.43 12.48 -16.01
N VAL E 5 -16.76 11.82 -15.08
CA VAL E 5 -15.31 11.70 -15.16
C VAL E 5 -14.83 10.25 -15.10
N GLU E 6 -14.32 9.76 -16.22
CA GLU E 6 -13.75 8.42 -16.28
C GLU E 6 -12.34 8.36 -15.70
N SER E 7 -12.00 7.20 -15.16
CA SER E 7 -10.67 6.90 -14.68
C SER E 7 -10.45 5.40 -14.69
N GLY E 8 -9.28 4.97 -14.21
CA GLY E 8 -8.99 3.55 -14.10
C GLY E 8 -8.26 3.01 -15.33
N GLY E 9 -8.05 3.86 -16.33
CA GLY E 9 -7.40 3.46 -17.56
C GLY E 9 -5.90 3.30 -17.34
N GLY E 10 -5.18 3.01 -18.41
CA GLY E 10 -3.74 2.76 -18.31
C GLY E 10 -3.35 1.51 -19.09
N LEU E 11 -2.19 0.95 -18.77
CA LEU E 11 -1.66 -0.20 -19.50
C LEU E 11 -1.77 -1.49 -18.69
N VAL E 12 -2.36 -2.48 -19.32
CA VAL E 12 -2.52 -3.80 -18.75
C VAL E 12 -2.06 -4.85 -19.77
N GLN E 13 -1.52 -5.95 -19.29
CA GLN E 13 -1.10 -7.01 -20.18
C GLN E 13 -2.26 -7.94 -20.44
N PRO E 14 -2.29 -8.60 -21.60
CA PRO E 14 -3.22 -9.62 -22.01
C PRO E 14 -3.29 -10.72 -20.96
N GLY E 15 -4.51 -11.12 -20.63
CA GLY E 15 -4.75 -12.17 -19.66
C GLY E 15 -4.93 -11.56 -18.27
N GLY E 16 -4.63 -10.26 -18.15
CA GLY E 16 -4.75 -9.55 -16.90
C GLY E 16 -6.10 -8.87 -16.80
N SER E 17 -6.20 -7.90 -15.90
CA SER E 17 -7.45 -7.21 -15.69
C SER E 17 -7.25 -5.74 -15.39
N LEU E 18 -8.28 -4.96 -15.66
CA LEU E 18 -8.28 -3.53 -15.42
C LEU E 18 -9.66 -3.09 -14.95
N ARG E 19 -9.70 -2.22 -13.96
CA ARG E 19 -10.97 -1.77 -13.41
C ARG E 19 -11.23 -0.31 -13.67
N LEU E 20 -12.24 -0.05 -14.49
CA LEU E 20 -12.60 1.30 -14.88
C LEU E 20 -13.59 1.88 -13.90
N SER E 21 -13.58 3.19 -13.77
CA SER E 21 -14.58 3.86 -12.96
C SER E 21 -15.03 5.15 -13.62
N CYS E 22 -16.18 5.67 -13.21
CA CYS E 22 -16.64 6.97 -13.69
C CYS E 22 -17.45 7.69 -12.63
N ALA E 23 -16.89 8.77 -12.09
CA ALA E 23 -17.54 9.51 -11.04
C ALA E 23 -18.62 10.39 -11.66
N ALA E 24 -19.75 10.52 -10.96
CA ALA E 24 -20.80 11.41 -11.42
C ALA E 24 -21.05 12.52 -10.41
N SER E 25 -21.41 13.69 -10.91
CA SER E 25 -21.86 14.78 -10.07
C SER E 25 -22.98 15.57 -10.73
N GLY E 26 -23.95 15.99 -9.94
CA GLY E 26 -25.09 16.74 -10.48
C GLY E 26 -26.36 15.91 -10.48
N PHE E 27 -26.20 14.59 -10.29
CA PHE E 27 -27.34 13.70 -10.25
C PHE E 27 -27.01 12.43 -9.47
N ASN E 28 -28.05 11.71 -9.04
CA ASN E 28 -27.87 10.44 -8.34
C ASN E 28 -27.97 9.29 -9.33
N ILE E 29 -26.85 8.59 -9.51
CA ILE E 29 -26.73 7.58 -10.54
C ILE E 29 -27.65 6.41 -10.25
N LYS E 30 -28.09 6.32 -9.01
CA LYS E 30 -28.93 5.24 -8.56
C LYS E 30 -30.18 5.09 -9.43
N ASP E 31 -30.75 6.22 -9.84
CA ASP E 31 -32.04 6.20 -10.51
C ASP E 31 -31.95 6.11 -12.03
N THR E 32 -30.74 6.00 -12.57
CA THR E 32 -30.61 5.97 -14.01
C THR E 32 -29.85 4.76 -14.51
N TYR E 33 -29.85 4.59 -15.82
CA TYR E 33 -29.14 3.49 -16.44
C TYR E 33 -27.73 3.94 -16.77
N ILE E 34 -26.77 3.16 -16.29
CA ILE E 34 -25.37 3.48 -16.45
C ILE E 34 -24.78 2.63 -17.54
N HIS E 35 -24.20 3.26 -18.54
CA HIS E 35 -23.65 2.52 -19.65
C HIS E 35 -22.16 2.74 -19.82
N TRP E 36 -21.50 1.72 -20.34
CA TRP E 36 -20.15 1.86 -20.84
C TRP E 36 -20.12 1.53 -22.32
N VAL E 37 -19.39 2.34 -23.07
CA VAL E 37 -19.24 2.16 -24.51
C VAL E 37 -17.76 2.26 -24.84
N ARG E 38 -17.29 1.43 -25.75
CA ARG E 38 -15.88 1.49 -26.05
C ARG E 38 -15.62 1.72 -27.52
N GLN E 39 -14.57 2.45 -27.81
CA GLN E 39 -14.20 2.74 -29.17
C GLN E 39 -12.76 2.37 -29.45
N ALA E 40 -12.57 1.31 -30.22
CA ALA E 40 -11.23 0.90 -30.60
C ALA E 40 -10.70 1.93 -31.57
N PRO E 41 -9.40 2.12 -31.62
CA PRO E 41 -8.73 3.02 -32.53
C PRO E 41 -9.16 2.71 -33.95
N GLY E 42 -9.63 3.73 -34.66
CA GLY E 42 -9.99 3.58 -36.07
C GLY E 42 -11.39 2.98 -36.25
N LYS E 43 -12.06 2.72 -35.13
CA LYS E 43 -13.38 2.09 -35.15
C LYS E 43 -14.48 3.01 -34.65
N GLY E 44 -15.74 2.60 -34.85
CA GLY E 44 -16.90 3.34 -34.34
C GLY E 44 -17.20 2.90 -32.90
N LEU E 45 -18.42 3.15 -32.45
CA LEU E 45 -18.77 2.89 -31.05
C LEU E 45 -19.37 1.51 -30.83
N GLU E 46 -18.87 0.82 -29.81
CA GLU E 46 -19.40 -0.50 -29.47
C GLU E 46 -19.98 -0.48 -28.07
N TRP E 47 -21.24 -0.83 -27.95
CA TRP E 47 -21.84 -0.85 -26.63
C TRP E 47 -21.30 -2.03 -25.85
N VAL E 48 -20.96 -1.81 -24.59
CA VAL E 48 -20.36 -2.84 -23.77
C VAL E 48 -21.30 -3.43 -22.73
N ALA E 49 -21.77 -2.60 -21.81
CA ALA E 49 -22.55 -3.12 -20.70
C ALA E 49 -23.34 -2.02 -20.00
N ARG E 50 -24.37 -2.42 -19.25
CA ARG E 50 -25.08 -1.48 -18.41
C ARG E 50 -25.43 -2.07 -17.06
N ILE E 51 -25.50 -1.20 -16.07
CA ILE E 51 -26.01 -1.53 -14.74
C ILE E 51 -27.15 -0.60 -14.36
N TYR E 52 -28.16 -1.14 -13.70
CA TYR E 52 -29.26 -0.30 -13.24
C TYR E 52 -29.45 -0.52 -11.75
N PRO E 53 -28.67 0.20 -10.94
CA PRO E 53 -28.47 0.06 -9.50
C PRO E 53 -29.79 -0.01 -8.75
N THR E 54 -30.82 0.62 -9.30
CA THR E 54 -32.13 0.63 -8.67
C THR E 54 -32.59 -0.79 -8.37
N ASN E 55 -32.33 -1.70 -9.29
CA ASN E 55 -32.70 -3.10 -9.09
C ASN E 55 -31.50 -4.02 -9.22
N GLY E 56 -30.37 -3.48 -9.64
CA GLY E 56 -29.11 -4.22 -9.66
C GLY E 56 -28.98 -5.15 -10.87
N TYR E 57 -29.81 -4.96 -11.87
CA TYR E 57 -29.75 -5.80 -13.06
C TYR E 57 -28.66 -5.36 -14.01
N THR E 58 -28.05 -6.32 -14.69
CA THR E 58 -27.02 -6.02 -15.66
C THR E 58 -27.28 -6.67 -17.02
N ARG E 59 -26.71 -6.05 -18.04
CA ARG E 59 -26.72 -6.59 -19.39
C ARG E 59 -25.34 -6.41 -20.02
N TYR E 60 -24.94 -7.36 -20.85
CA TYR E 60 -23.64 -7.30 -21.48
C TYR E 60 -23.72 -7.54 -22.97
N ALA E 61 -22.77 -6.97 -23.70
CA ALA E 61 -22.59 -7.26 -25.10
C ALA E 61 -21.98 -8.63 -25.29
N ASP E 62 -22.31 -9.30 -26.39
CA ASP E 62 -21.80 -10.65 -26.61
C ASP E 62 -20.29 -10.67 -26.60
N SER E 63 -19.69 -9.54 -26.96
CA SER E 63 -18.25 -9.43 -27.09
C SER E 63 -17.53 -9.47 -25.73
N VAL E 64 -18.28 -9.26 -24.65
CA VAL E 64 -17.66 -9.19 -23.33
C VAL E 64 -18.29 -10.15 -22.33
N LYS E 65 -19.36 -10.83 -22.73
CA LYS E 65 -20.03 -11.75 -21.83
C LYS E 65 -19.04 -12.78 -21.28
N GLY E 66 -19.07 -12.97 -19.97
CA GLY E 66 -18.24 -13.98 -19.33
C GLY E 66 -16.90 -13.40 -18.88
N ARG E 67 -16.61 -12.18 -19.30
CA ARG E 67 -15.34 -11.57 -18.96
C ARG E 67 -15.51 -10.29 -18.17
N PHE E 68 -16.44 -9.44 -18.60
CA PHE E 68 -16.63 -8.14 -17.96
C PHE E 68 -17.78 -8.19 -16.96
N THR E 69 -17.59 -7.53 -15.82
CA THR E 69 -18.68 -7.36 -14.86
C THR E 69 -18.91 -5.91 -14.54
N ILE E 70 -20.15 -5.47 -14.64
CA ILE E 70 -20.45 -4.06 -14.45
C ILE E 70 -21.22 -3.86 -13.16
N SER E 71 -20.87 -2.81 -12.45
CA SER E 71 -21.54 -2.48 -11.21
C SER E 71 -21.43 -1.00 -10.94
N ALA E 72 -22.02 -0.57 -9.83
CA ALA E 72 -21.93 0.82 -9.46
C ALA E 72 -22.08 0.97 -7.96
N ASP E 73 -21.54 2.05 -7.43
CA ASP E 73 -21.68 2.34 -6.03
C ASP E 73 -22.43 3.64 -5.85
N THR E 74 -23.68 3.52 -5.40
CA THR E 74 -24.58 4.66 -5.36
C THR E 74 -24.25 5.56 -4.20
N SER E 75 -23.42 5.08 -3.28
CA SER E 75 -23.02 5.86 -2.13
C SER E 75 -21.84 6.73 -2.52
N LYS E 76 -21.04 6.22 -3.45
CA LYS E 76 -19.91 6.95 -4.01
C LYS E 76 -20.34 7.66 -5.29
N ASN E 77 -21.54 7.34 -5.74
CA ASN E 77 -22.10 7.94 -6.94
C ASN E 77 -21.14 7.73 -8.08
N THR E 78 -20.52 6.56 -8.09
CA THR E 78 -19.49 6.22 -9.04
C THR E 78 -19.76 4.88 -9.70
N ALA E 79 -19.60 4.84 -11.02
CA ALA E 79 -19.79 3.62 -11.79
C ALA E 79 -18.49 2.84 -11.87
N TYR E 80 -18.58 1.52 -11.94
CA TYR E 80 -17.39 0.69 -12.10
C TYR E 80 -17.58 -0.39 -13.17
N LEU E 81 -16.49 -0.73 -13.84
CA LEU E 81 -16.50 -1.85 -14.78
C LEU E 81 -15.26 -2.70 -14.60
N GLN E 82 -15.46 -3.95 -14.22
CA GLN E 82 -14.36 -4.84 -13.96
C GLN E 82 -14.11 -5.71 -15.18
N MET E 83 -13.01 -5.46 -15.87
CA MET E 83 -12.72 -6.15 -17.10
C MET E 83 -11.65 -7.20 -16.89
N ASN E 84 -12.01 -8.46 -16.97
CA ASN E 84 -11.04 -9.51 -16.76
C ASN E 84 -10.68 -10.18 -18.08
N SER E 85 -9.62 -10.98 -18.06
CA SER E 85 -9.24 -11.74 -19.22
C SER E 85 -9.18 -10.85 -20.44
N LEU E 86 -8.54 -9.69 -20.29
CA LEU E 86 -8.39 -8.73 -21.38
C LEU E 86 -7.44 -9.20 -22.45
N ARG E 87 -7.74 -8.87 -23.68
CA ARG E 87 -6.90 -9.22 -24.80
C ARG E 87 -6.58 -7.99 -25.63
N ALA E 88 -5.61 -8.08 -26.52
CA ALA E 88 -5.14 -6.91 -27.25
C ALA E 88 -6.29 -6.22 -27.99
N GLU E 89 -7.25 -6.99 -28.47
CA GLU E 89 -8.35 -6.45 -29.27
C GLU E 89 -9.30 -5.60 -28.42
N ASP E 90 -9.08 -5.62 -27.11
CA ASP E 90 -9.91 -4.85 -26.18
C ASP E 90 -9.39 -3.44 -26.00
N THR E 91 -8.32 -3.10 -26.71
CA THR E 91 -7.82 -1.73 -26.65
C THR E 91 -8.86 -0.80 -27.24
N ALA E 92 -9.24 0.19 -26.46
CA ALA E 92 -10.28 1.11 -26.83
C ALA E 92 -10.34 2.25 -25.85
N VAL E 93 -10.99 3.33 -26.22
CA VAL E 93 -11.32 4.32 -25.23
C VAL E 93 -12.68 3.99 -24.67
N TYR E 94 -12.77 3.93 -23.36
CA TYR E 94 -13.99 3.53 -22.72
C TYR E 94 -14.67 4.74 -22.13
N TYR E 95 -15.90 4.92 -22.57
CA TYR E 95 -16.69 6.06 -22.18
C TYR E 95 -17.76 5.63 -21.22
N CYS E 96 -18.09 6.50 -20.31
CA CYS E 96 -19.26 6.30 -19.50
C CYS E 96 -20.35 7.26 -19.92
N SER E 97 -21.58 6.80 -19.79
CA SER E 97 -22.73 7.62 -20.10
C SER E 97 -23.90 7.18 -19.29
N ARG E 98 -24.88 8.05 -19.16
CA ARG E 98 -26.07 7.74 -18.40
C ARG E 98 -27.32 8.17 -19.15
N TRP E 99 -28.40 7.45 -18.92
CA TRP E 99 -29.69 7.82 -19.47
C TRP E 99 -30.45 8.68 -18.49
N GLY E 100 -30.17 9.96 -18.51
CA GLY E 100 -30.75 10.86 -17.53
C GLY E 100 -32.26 10.97 -17.75
N GLY E 101 -33.01 11.09 -16.66
CA GLY E 101 -34.46 11.20 -16.77
C GLY E 101 -35.14 9.86 -16.54
N ASP E 102 -36.47 9.86 -16.48
CA ASP E 102 -37.24 8.65 -16.22
C ASP E 102 -37.60 7.90 -17.51
N GLY E 103 -38.30 8.58 -18.40
CA GLY E 103 -38.75 7.99 -19.67
C GLY E 103 -37.78 8.26 -20.80
N PHE E 104 -36.66 8.85 -20.47
CA PHE E 104 -35.64 9.20 -21.46
C PHE E 104 -34.53 8.17 -21.51
N TYR E 105 -34.33 7.55 -22.67
CA TYR E 105 -33.45 6.40 -22.77
C TYR E 105 -32.29 6.61 -23.76
N ALA E 106 -31.91 7.86 -23.97
CA ALA E 106 -30.77 8.14 -24.84
C ALA E 106 -29.61 8.64 -23.99
N MET E 107 -28.41 8.49 -24.51
CA MET E 107 -27.21 8.84 -23.74
C MET E 107 -26.96 10.34 -23.76
N ASP E 108 -27.68 11.08 -22.92
CA ASP E 108 -27.50 12.53 -22.89
C ASP E 108 -26.30 12.90 -22.02
N TYR E 109 -26.00 12.04 -21.04
CA TYR E 109 -24.88 12.31 -20.15
C TYR E 109 -23.66 11.54 -20.62
N TRP E 110 -22.58 12.25 -20.89
CA TRP E 110 -21.32 11.64 -21.32
C TRP E 110 -20.14 12.20 -20.57
N GLY E 111 -19.13 11.36 -20.40
CA GLY E 111 -17.86 11.80 -19.84
C GLY E 111 -16.90 12.14 -20.98
N GLN E 112 -15.61 11.97 -20.72
CA GLN E 112 -14.57 12.29 -21.69
C GLN E 112 -14.00 11.02 -22.29
N GLY E 113 -13.93 9.99 -21.48
CA GLY E 113 -13.40 8.69 -21.89
C GLY E 113 -11.98 8.50 -21.41
N THR E 114 -11.60 7.26 -21.16
CA THR E 114 -10.22 6.98 -20.78
C THR E 114 -9.68 5.84 -21.61
N LEU E 115 -8.40 5.92 -21.96
CA LEU E 115 -7.85 4.91 -22.84
C LEU E 115 -7.34 3.72 -22.07
N VAL E 116 -7.76 2.55 -22.50
CA VAL E 116 -7.29 1.28 -22.01
C VAL E 116 -6.45 0.61 -23.06
N THR E 117 -5.20 0.38 -22.75
CA THR E 117 -4.30 -0.27 -23.69
C THR E 117 -3.98 -1.66 -23.19
N VAL E 118 -4.22 -2.65 -24.03
CA VAL E 118 -3.92 -4.02 -23.61
C VAL E 118 -2.78 -4.56 -24.47
N SER E 119 -1.65 -4.75 -23.84
CA SER E 119 -0.45 -5.14 -24.58
C SER E 119 0.61 -5.74 -23.70
N SER E 120 1.34 -6.71 -24.24
CA SER E 120 2.39 -7.37 -23.50
C SER E 120 3.58 -6.43 -23.33
N ALA E 121 3.65 -5.42 -24.19
CA ALA E 121 4.76 -4.48 -24.19
C ALA E 121 4.79 -3.67 -22.90
N SER E 122 5.99 -3.41 -22.42
CA SER E 122 6.19 -2.59 -21.23
C SER E 122 6.12 -1.13 -21.62
N THR E 123 6.08 -0.23 -20.64
CA THR E 123 6.05 1.18 -20.95
C THR E 123 7.41 1.64 -21.41
N LYS E 124 7.45 2.78 -22.07
CA LYS E 124 8.70 3.36 -22.53
C LYS E 124 8.58 4.86 -22.66
N GLY E 125 9.45 5.59 -21.98
CA GLY E 125 9.46 7.04 -22.12
C GLY E 125 10.02 7.39 -23.49
N PRO E 126 9.58 8.52 -24.03
CA PRO E 126 9.90 9.04 -25.35
C PRO E 126 11.32 9.54 -25.44
N SER E 127 11.88 9.44 -26.62
CA SER E 127 13.10 10.15 -26.96
C SER E 127 12.74 11.30 -27.86
N VAL E 128 13.20 12.49 -27.53
CA VAL E 128 12.81 13.64 -28.32
C VAL E 128 14.00 14.16 -29.08
N PHE E 129 13.82 14.26 -30.38
CA PHE E 129 14.89 14.67 -31.27
C PHE E 129 14.50 15.92 -32.04
N PRO E 130 14.92 17.09 -31.56
CA PRO E 130 14.55 18.40 -32.04
C PRO E 130 15.06 18.63 -33.47
N LEU E 131 14.17 19.12 -34.30
CA LEU E 131 14.44 19.34 -35.72
C LEU E 131 14.74 20.80 -36.00
N ALA E 132 16.00 21.13 -36.15
CA ALA E 132 16.38 22.54 -36.29
C ALA E 132 15.88 23.09 -37.61
N PRO E 133 15.50 24.37 -37.62
CA PRO E 133 15.10 25.15 -38.76
C PRO E 133 16.35 25.47 -39.56
N SER E 134 16.18 25.68 -40.85
CA SER E 134 17.29 26.14 -41.67
C SER E 134 16.77 26.73 -42.96
N SER E 135 17.67 27.04 -43.87
CA SER E 135 17.28 27.65 -45.12
C SER E 135 16.43 26.66 -45.92
N LYS E 136 16.49 25.39 -45.51
CA LYS E 136 15.79 24.31 -46.19
C LYS E 136 14.42 24.05 -45.56
N SER E 137 14.13 24.74 -44.46
CA SER E 137 12.84 24.60 -43.81
C SER E 137 12.03 25.87 -44.09
N THR E 138 12.65 26.75 -44.89
CA THR E 138 12.09 28.05 -45.24
C THR E 138 11.27 28.00 -46.51
N SER E 139 10.09 28.58 -46.41
CA SER E 139 9.12 28.68 -47.47
C SER E 139 8.56 30.09 -47.48
N GLY E 140 8.91 30.87 -48.49
CA GLY E 140 8.50 32.25 -48.53
C GLY E 140 9.18 33.02 -47.39
N GLY E 141 8.38 33.74 -46.60
CA GLY E 141 8.93 34.54 -45.50
C GLY E 141 8.93 33.80 -44.16
N THR E 142 8.49 32.54 -44.15
CA THR E 142 8.41 31.78 -42.91
C THR E 142 9.26 30.53 -42.97
N ALA E 143 9.53 29.95 -41.81
CA ALA E 143 10.34 28.75 -41.73
C ALA E 143 9.79 27.82 -40.68
N ALA E 144 9.88 26.54 -40.93
CA ALA E 144 9.42 25.57 -39.97
C ALA E 144 10.52 25.15 -39.03
N LEU E 145 10.13 24.83 -37.81
CA LEU E 145 10.98 24.18 -36.82
C LEU E 145 10.10 23.17 -36.10
N GLY E 146 10.68 22.08 -35.62
CA GLY E 146 9.82 21.15 -34.91
C GLY E 146 10.59 20.15 -34.08
N CYS E 147 9.86 19.14 -33.63
CA CYS E 147 10.43 18.08 -32.81
C CYS E 147 9.81 16.74 -33.16
N LEU E 148 10.61 15.71 -33.15
CA LEU E 148 10.10 14.38 -33.34
C LEU E 148 10.21 13.58 -32.05
N VAL E 149 9.11 12.92 -31.71
CA VAL E 149 9.03 12.09 -30.52
C VAL E 149 9.06 10.62 -30.94
N LYS E 150 10.14 9.94 -30.61
CA LYS E 150 10.36 8.58 -31.12
C LYS E 150 10.33 7.51 -30.04
N ASP E 151 9.82 6.33 -30.41
CA ASP E 151 9.87 5.15 -29.56
C ASP E 151 9.29 5.33 -28.15
N TYR E 152 8.00 5.62 -28.06
CA TYR E 152 7.37 5.74 -26.74
C TYR E 152 6.19 4.78 -26.62
N PHE E 153 5.84 4.42 -25.40
CA PHE E 153 4.73 3.50 -25.20
C PHE E 153 4.14 3.53 -23.82
N PRO E 154 2.82 3.45 -23.74
CA PRO E 154 1.84 3.40 -24.81
C PRO E 154 1.51 4.80 -25.29
N GLU E 155 0.70 4.90 -26.33
CA GLU E 155 0.13 6.17 -26.71
C GLU E 155 -0.94 6.54 -25.69
N PRO E 156 -1.31 7.81 -25.62
CA PRO E 156 -0.76 8.97 -26.29
C PRO E 156 0.40 9.55 -25.49
N VAL E 157 1.13 10.44 -26.12
CA VAL E 157 2.07 11.32 -25.41
C VAL E 157 1.66 12.77 -25.70
N THR E 158 1.67 13.61 -24.68
CA THR E 158 1.24 14.98 -24.84
C THR E 158 2.36 15.89 -25.28
N VAL E 159 2.14 16.62 -26.36
CA VAL E 159 3.16 17.53 -26.86
C VAL E 159 2.64 18.95 -27.06
N SER E 160 3.36 19.91 -26.51
CA SER E 160 3.05 21.33 -26.65
C SER E 160 4.33 22.14 -26.72
N TRP E 161 4.20 23.42 -27.07
CA TRP E 161 5.37 24.28 -27.15
C TRP E 161 5.39 25.39 -26.10
N ASN E 162 6.57 25.65 -25.55
CA ASN E 162 6.80 26.70 -24.57
C ASN E 162 5.80 26.61 -23.42
N SER E 163 5.61 25.41 -22.91
CA SER E 163 4.72 25.17 -21.78
C SER E 163 3.29 25.65 -22.07
N GLY E 164 2.87 25.57 -23.33
CA GLY E 164 1.51 25.87 -23.72
C GLY E 164 1.36 27.30 -24.21
N ALA E 165 2.42 28.09 -24.05
CA ALA E 165 2.44 29.47 -24.48
C ALA E 165 2.34 29.57 -26.01
N LEU E 166 2.92 28.61 -26.72
CA LEU E 166 2.92 28.64 -28.17
C LEU E 166 1.98 27.58 -28.73
N THR E 167 0.85 28.03 -29.26
CA THR E 167 -0.12 27.13 -29.87
C THR E 167 -0.45 27.58 -31.28
N SER E 168 -0.16 28.83 -31.57
CA SER E 168 -0.49 29.41 -32.86
C SER E 168 0.54 28.98 -33.89
N GLY E 169 0.06 28.40 -34.98
CA GLY E 169 0.96 27.98 -36.06
C GLY E 169 1.50 26.60 -35.76
N VAL E 170 1.03 26.01 -34.67
CA VAL E 170 1.47 24.70 -34.23
C VAL E 170 0.61 23.59 -34.80
N HIS E 171 1.25 22.57 -35.34
CA HIS E 171 0.56 21.45 -35.94
C HIS E 171 1.08 20.13 -35.39
N THR E 172 0.22 19.40 -34.72
CA THR E 172 0.62 18.12 -34.14
C THR E 172 -0.04 16.97 -34.89
N PHE E 173 0.78 16.02 -35.27
CA PHE E 173 0.40 14.91 -36.12
C PHE E 173 0.18 13.66 -35.29
N PRO E 174 -0.98 13.02 -35.43
CA PRO E 174 -1.40 11.82 -34.73
C PRO E 174 -0.35 10.73 -34.79
N ALA E 175 -0.28 9.95 -33.70
CA ALA E 175 0.72 8.91 -33.53
C ALA E 175 0.56 7.77 -34.53
N VAL E 176 1.69 7.16 -34.86
CA VAL E 176 1.72 5.95 -35.66
C VAL E 176 2.45 4.85 -34.92
N LEU E 177 2.17 3.60 -35.25
CA LEU E 177 2.86 2.52 -34.57
C LEU E 177 4.05 2.03 -35.36
N GLN E 178 5.21 2.07 -34.72
CA GLN E 178 6.49 1.69 -35.30
C GLN E 178 6.68 0.18 -35.25
N SER E 179 7.57 -0.34 -36.09
CA SER E 179 7.86 -1.77 -36.11
C SER E 179 8.49 -2.22 -34.79
N SER E 180 8.95 -1.28 -34.00
CA SER E 180 9.54 -1.56 -32.69
C SER E 180 8.46 -1.94 -31.68
N GLY E 181 7.21 -1.69 -32.04
CA GLY E 181 6.08 -1.94 -31.15
C GLY E 181 5.79 -0.68 -30.35
N LEU E 182 6.59 0.34 -30.58
CA LEU E 182 6.47 1.61 -29.90
C LEU E 182 5.87 2.64 -30.85
N TYR E 183 5.43 3.76 -30.31
CA TYR E 183 4.77 4.80 -31.08
C TYR E 183 5.67 5.97 -31.43
N SER E 184 5.30 6.67 -32.49
CA SER E 184 5.97 7.87 -32.95
C SER E 184 4.99 9.02 -33.16
N LEU E 185 5.37 10.19 -32.68
CA LEU E 185 4.55 11.40 -32.77
C LEU E 185 5.38 12.59 -33.24
N SER E 186 4.77 13.49 -33.99
CA SER E 186 5.53 14.68 -34.41
C SER E 186 4.75 15.97 -34.27
N SER E 187 5.48 17.06 -34.03
CA SER E 187 4.88 18.39 -33.94
C SER E 187 5.80 19.47 -34.49
N VAL E 188 5.24 20.36 -35.30
CA VAL E 188 5.99 21.46 -35.86
C VAL E 188 5.27 22.78 -35.67
N VAL E 189 6.01 23.87 -35.74
CA VAL E 189 5.41 25.19 -35.72
C VAL E 189 6.00 26.01 -36.87
N THR E 190 5.16 26.75 -37.57
CA THR E 190 5.67 27.60 -38.63
C THR E 190 5.68 29.03 -38.15
N VAL E 191 6.86 29.64 -38.22
CA VAL E 191 7.07 30.98 -37.71
C VAL E 191 7.80 31.81 -38.74
N PRO E 192 7.75 33.14 -38.62
CA PRO E 192 8.53 34.08 -39.40
C PRO E 192 9.98 33.69 -39.29
N SER E 193 10.68 33.66 -40.41
CA SER E 193 12.06 33.22 -40.40
C SER E 193 12.96 34.17 -39.62
N SER E 194 12.48 35.39 -39.43
CA SER E 194 13.22 36.41 -38.70
C SER E 194 13.24 36.12 -37.20
N SER E 195 12.39 35.22 -36.74
CA SER E 195 12.28 34.91 -35.33
C SER E 195 13.24 33.79 -34.94
N LEU E 196 13.89 33.19 -35.93
CA LEU E 196 14.75 32.06 -35.63
C LEU E 196 15.97 32.56 -34.88
N GLY E 197 16.26 31.93 -33.75
CA GLY E 197 17.44 32.31 -32.96
C GLY E 197 17.11 33.46 -32.01
N THR E 198 15.88 33.96 -32.08
CA THR E 198 15.43 35.07 -31.25
C THR E 198 14.33 34.64 -30.30
N GLN E 199 13.32 33.96 -30.86
CA GLN E 199 12.19 33.47 -30.07
C GLN E 199 12.46 32.08 -29.54
N THR E 200 12.22 31.88 -28.26
CA THR E 200 12.38 30.56 -27.67
C THR E 200 11.39 29.57 -28.25
N TYR E 201 11.90 28.43 -28.67
CA TYR E 201 11.09 27.36 -29.20
C TYR E 201 11.45 26.04 -28.53
N ILE E 202 10.79 25.74 -27.44
CA ILE E 202 11.07 24.52 -26.70
C ILE E 202 9.94 23.52 -26.88
N CYS E 203 10.25 22.32 -27.28
CA CYS E 203 9.25 21.29 -27.44
C CYS E 203 9.09 20.55 -26.12
N ASN E 204 7.90 20.60 -25.56
CA ASN E 204 7.64 19.99 -24.26
C ASN E 204 6.84 18.71 -24.42
N VAL E 205 7.50 17.59 -24.15
CA VAL E 205 6.90 16.28 -24.34
C VAL E 205 6.63 15.59 -23.01
N ASN E 206 5.37 15.27 -22.76
CA ASN E 206 4.97 14.72 -21.47
C ASN E 206 4.33 13.34 -21.60
N HIS E 207 5.01 12.34 -21.06
CA HIS E 207 4.54 10.97 -21.14
C HIS E 207 4.25 10.41 -19.73
N LYS E 208 2.98 10.47 -19.34
CA LYS E 208 2.61 10.19 -17.96
C LYS E 208 2.93 8.76 -17.52
N PRO E 209 2.66 7.76 -18.37
CA PRO E 209 2.80 6.33 -18.12
C PRO E 209 4.21 5.94 -17.71
N SER E 210 5.18 6.78 -18.02
CA SER E 210 6.56 6.48 -17.70
C SER E 210 7.18 7.54 -16.80
N ASN E 211 6.36 8.47 -16.33
CA ASN E 211 6.86 9.57 -15.51
C ASN E 211 8.03 10.27 -16.20
N THR E 212 7.90 10.47 -17.51
CA THR E 212 8.97 11.07 -18.29
C THR E 212 8.58 12.41 -18.91
N LYS E 213 9.41 13.41 -18.68
CA LYS E 213 9.21 14.74 -19.23
C LYS E 213 10.48 15.20 -19.91
N VAL E 214 10.37 15.51 -21.19
CA VAL E 214 11.54 15.90 -21.95
C VAL E 214 11.37 17.28 -22.59
N ASP E 215 12.29 18.18 -22.27
CA ASP E 215 12.25 19.55 -22.79
C ASP E 215 13.40 19.79 -23.77
N LYS E 216 13.08 19.97 -25.04
CA LYS E 216 14.14 20.18 -26.03
C LYS E 216 14.02 21.52 -26.74
N LYS E 217 15.09 22.29 -26.71
CA LYS E 217 15.13 23.56 -27.42
C LYS E 217 15.45 23.31 -28.88
N VAL E 218 14.66 23.88 -29.77
CA VAL E 218 14.86 23.66 -31.19
C VAL E 218 15.53 24.87 -31.85
N GLU E 219 16.77 24.68 -32.29
CA GLU E 219 17.55 25.75 -32.90
C GLU E 219 18.65 25.20 -33.79
N PRO E 220 19.15 25.99 -34.74
CA PRO E 220 20.30 25.73 -35.59
C PRO E 220 21.53 25.29 -34.78
C1 NAG F . 12.02 35.30 23.77
C2 NAG F . 11.65 36.50 24.69
C3 NAG F . 11.87 36.08 26.16
C4 NAG F . 10.97 34.86 26.45
C5 NAG F . 11.36 33.73 25.49
C6 NAG F . 10.49 32.50 25.70
C7 NAG F . 12.05 38.61 23.58
C8 NAG F . 12.97 39.71 23.12
N2 NAG F . 12.52 37.64 24.36
O3 NAG F . 11.53 37.17 27.03
O4 NAG F . 11.19 34.43 27.80
O5 NAG F . 11.17 34.16 24.10
O6 NAG F . 9.16 32.70 25.25
O7 NAG F . 10.88 38.60 23.22
C1 NAG F . 9.91 34.46 28.55
C2 NAG F . 10.09 33.65 29.88
C3 NAG F . 8.72 33.64 30.62
C4 NAG F . 8.29 35.10 30.89
C5 NAG F . 8.16 35.85 29.53
C6 NAG F . 7.78 37.32 29.72
C7 NAG F . 11.64 31.75 29.95
C8 NAG F . 12.02 30.35 29.56
N2 NAG F . 10.47 32.27 29.53
O3 NAG F . 8.85 32.93 31.86
O4 NAG F . 7.02 35.10 31.57
O5 NAG F . 9.47 35.82 28.83
O6 NAG F . 6.73 37.45 30.68
O7 NAG F . 12.42 32.43 30.64
C1 NAG G . 23.65 0.34 26.15
C2 NAG G . 25.20 0.24 26.16
C3 NAG G . 25.71 0.62 27.56
C4 NAG G . 25.23 2.04 27.90
C5 NAG G . 23.69 2.07 27.83
C6 NAG G . 23.13 3.46 28.10
C7 NAG G . 25.84 -1.54 24.63
C8 NAG G . 26.22 -2.97 24.35
N2 NAG G . 25.59 -1.15 25.88
O3 NAG G . 27.14 0.55 27.60
O4 NAG G . 25.66 2.34 29.23
O5 NAG G . 23.23 1.67 26.49
O6 NAG G . 21.72 3.43 28.22
O7 NAG G . 25.77 -0.73 23.69
C1 NAG G . 26.49 3.57 29.30
C2 NAG G . 26.59 3.99 30.81
C3 NAG G . 27.39 5.31 30.89
C4 NAG G . 28.79 5.09 30.26
C5 NAG G . 28.61 4.63 28.77
C6 NAG G . 29.95 4.36 28.11
C7 NAG G . 24.72 3.34 32.26
C8 NAG G . 23.32 3.52 32.77
N2 NAG G . 25.23 4.19 31.36
O3 NAG G . 27.53 5.71 32.26
O4 NAG G . 29.53 6.30 30.31
O5 NAG G . 27.81 3.39 28.72
O6 NAG G . 30.92 5.31 28.51
O7 NAG G . 25.41 2.40 32.69
C1 NAG H . 10.89 -28.46 13.80
C2 NAG H . 11.28 -29.90 14.25
C3 NAG H . 11.56 -30.75 13.00
C4 NAG H . 10.28 -30.77 12.13
C5 NAG H . 9.94 -29.32 11.74
C6 NAG H . 8.69 -29.24 10.88
C7 NAG H . 12.46 -29.60 16.34
C8 NAG H . 13.72 -29.42 17.15
N2 NAG H . 12.53 -29.82 15.04
O3 NAG H . 11.90 -32.08 13.39
O4 NAG H . 10.53 -31.55 10.96
O5 NAG H . 9.71 -28.51 12.95
O6 NAG H . 7.66 -30.10 11.36
O7 NAG H . 11.36 -29.53 16.91
C1 NAG H . 9.67 -32.76 10.95
C2 NAG H . 9.55 -33.32 9.49
C3 NAG H . 8.57 -34.51 9.52
C4 NAG H . 9.11 -35.60 10.49
C5 NAG H . 9.25 -34.97 11.92
C6 NAG H . 9.85 -35.96 12.90
C7 NAG H . 9.78 -31.72 7.64
C8 NAG H . 9.24 -30.63 6.77
N2 NAG H . 9.02 -32.26 8.60
O3 NAG H . 8.45 -35.06 8.18
O4 NAG H . 8.18 -36.68 10.56
O5 NAG H . 10.16 -33.79 11.86
O6 NAG H . 9.57 -35.60 14.24
O7 NAG H . 10.95 -32.11 7.47
C1 BMA H . 8.74 -37.88 9.87
C2 BMA H . 7.97 -39.13 10.35
C3 BMA H . 8.61 -40.37 9.73
C4 BMA H . 8.54 -40.21 8.22
C5 BMA H . 9.29 -38.93 7.82
C6 BMA H . 9.24 -38.73 6.32
O2 BMA H . 6.61 -39.04 9.95
O3 BMA H . 7.92 -41.55 10.15
O4 BMA H . 9.13 -41.33 7.58
O5 BMA H . 8.69 -37.76 8.45
O6 BMA H . 9.64 -39.91 5.64
C1 MAN H . 8.50 -42.09 11.41
C2 MAN H . 9.20 -43.46 11.11
C3 MAN H . 8.09 -44.47 10.70
C4 MAN H . 7.06 -44.59 11.85
C5 MAN H . 6.43 -43.17 12.11
C6 MAN H . 5.44 -43.20 13.26
O2 MAN H . 9.91 -43.91 12.27
O3 MAN H . 8.69 -45.74 10.44
O4 MAN H . 6.04 -45.51 11.46
O5 MAN H . 7.50 -42.22 12.46
O6 MAN H . 4.10 -43.30 12.80
C1 NAG I . 11.53 39.71 -2.23
C2 NAG I . 11.01 41.13 -1.84
C3 NAG I . 10.11 41.65 -2.98
C4 NAG I . 10.94 41.72 -4.27
C5 NAG I . 11.47 40.29 -4.58
C6 NAG I . 12.32 40.29 -5.83
C7 NAG I . 10.61 41.65 0.48
C8 NAG I . 9.83 41.53 1.76
N2 NAG I . 10.21 41.02 -0.61
O3 NAG I . 9.62 42.96 -2.64
O4 NAG I . 10.13 42.19 -5.33
O5 NAG I . 12.28 39.80 -3.47
O6 NAG I . 11.77 41.15 -6.83
O7 NAG I . 11.63 42.35 0.46
C1 NAG J . -2.28 21.16 -9.93
C2 NAG J . -2.54 22.62 -9.44
C3 NAG J . -3.28 23.40 -10.53
C4 NAG J . -2.41 23.39 -11.81
C5 NAG J . -2.17 21.92 -12.23
C6 NAG J . -1.28 21.85 -13.46
C7 NAG J . -2.99 23.15 -7.10
C8 NAG J . -1.80 24.06 -6.98
N2 NAG J . -3.38 22.57 -8.22
O3 NAG J . -3.52 24.75 -10.11
O4 NAG J . -3.09 24.09 -12.84
O5 NAG J . -1.49 21.18 -11.15
O6 NAG J . -1.70 22.79 -14.45
O7 NAG J . -3.66 22.92 -6.08
C1 NAG K . -0.45 28.95 0.84
C2 NAG K . -0.81 29.92 2.02
C3 NAG K . -2.25 30.45 1.77
C4 NAG K . -2.28 31.15 0.41
C5 NAG K . -1.88 30.15 -0.69
C6 NAG K . -1.86 30.80 -2.06
C7 NAG K . 0.13 29.56 4.21
C8 NAG K . 0.35 28.69 5.42
N2 NAG K . -0.75 29.19 3.28
O3 NAG K . -2.60 31.36 2.81
O4 NAG K . -3.60 31.63 0.16
O5 NAG K . -0.52 29.63 -0.43
O6 NAG K . -3.08 31.50 -2.30
O7 NAG K . 0.77 30.61 4.09
C1 NAG L . -25.94 -29.27 -7.42
C2 NAG L . -25.17 -27.92 -7.18
C3 NAG L . -24.72 -27.36 -8.55
C4 NAG L . -23.80 -28.41 -9.23
C5 NAG L . -24.59 -29.74 -9.41
C6 NAG L . -23.73 -30.82 -10.03
C7 NAG L . -25.89 -26.55 -5.26
C8 NAG L . -26.89 -25.66 -4.59
N2 NAG L . -26.10 -26.97 -6.52
O3 NAG L . -24.00 -26.13 -8.35
O4 NAG L . -23.39 -27.91 -10.50
O5 NAG L . -25.06 -30.23 -8.10
O6 NAG L . -23.01 -30.32 -11.17
O7 NAG L . -24.87 -26.90 -4.65
C1 NAG M . -0.20 -44.24 51.09
C2 NAG M . -0.12 -45.10 52.40
C3 NAG M . 0.11 -44.15 53.60
C4 NAG M . 1.43 -43.37 53.36
C5 NAG M . 1.32 -42.57 52.02
C6 NAG M . 2.61 -41.82 51.71
C7 NAG M . -1.48 -47.15 52.48
C8 NAG M . -2.80 -47.84 52.57
N2 NAG M . -1.41 -45.81 52.55
O3 NAG M . 0.20 -44.90 54.82
O4 NAG M . 1.64 -42.47 54.45
O5 NAG M . 1.05 -43.51 50.91
O6 NAG M . 3.10 -41.14 52.86
O7 NAG M . -0.44 -47.82 52.34
#